data_6AKQ
# 
_entry.id   6AKQ 
# 
_audit_conform.dict_name       mmcif_pdbx.dic 
_audit_conform.dict_version    5.398 
_audit_conform.dict_location   http://mmcif.pdb.org/dictionaries/ascii/mmcif_pdbx.dic 
# 
loop_
_database_2.database_id 
_database_2.database_code 
_database_2.pdbx_database_accession 
_database_2.pdbx_DOI 
PDB   6AKQ         pdb_00006akq 10.2210/pdb6akq/pdb 
WWPDB D_1300008930 ?            ?                   
# 
loop_
_pdbx_audit_revision_history.ordinal 
_pdbx_audit_revision_history.data_content_type 
_pdbx_audit_revision_history.major_revision 
_pdbx_audit_revision_history.minor_revision 
_pdbx_audit_revision_history.revision_date 
1 'Structure model' 1 0 2019-02-13 
2 'Structure model' 1 1 2019-04-03 
3 'Structure model' 2 0 2023-11-15 
4 'Structure model' 2 1 2023-11-22 
5 'Structure model' 2 2 2024-11-13 
# 
_pdbx_audit_revision_details.ordinal             1 
_pdbx_audit_revision_details.revision_ordinal    1 
_pdbx_audit_revision_details.data_content_type   'Structure model' 
_pdbx_audit_revision_details.provider            repository 
_pdbx_audit_revision_details.type                'Initial release' 
_pdbx_audit_revision_details.description         ? 
_pdbx_audit_revision_details.details             ? 
# 
loop_
_pdbx_audit_revision_group.ordinal 
_pdbx_audit_revision_group.revision_ordinal 
_pdbx_audit_revision_group.data_content_type 
_pdbx_audit_revision_group.group 
1 2 'Structure model' 'Data collection'        
2 2 'Structure model' 'Database references'    
3 3 'Structure model' 'Atomic model'           
4 3 'Structure model' 'Data collection'        
5 3 'Structure model' 'Database references'    
6 3 'Structure model' 'Derived calculations'   
7 4 'Structure model' 'Refinement description' 
8 5 'Structure model' 'Structure summary'      
# 
loop_
_pdbx_audit_revision_category.ordinal 
_pdbx_audit_revision_category.revision_ordinal 
_pdbx_audit_revision_category.data_content_type 
_pdbx_audit_revision_category.category 
1  2 'Structure model' citation                      
2  2 'Structure model' citation_author               
3  3 'Structure model' atom_site                     
4  3 'Structure model' chem_comp_atom                
5  3 'Structure model' chem_comp_bond                
6  3 'Structure model' database_2                    
7  3 'Structure model' struct_conn                   
8  4 'Structure model' pdbx_initial_refinement_model 
9  5 'Structure model' pdbx_entry_details            
10 5 'Structure model' pdbx_modification_feature     
# 
loop_
_pdbx_audit_revision_item.ordinal 
_pdbx_audit_revision_item.revision_ordinal 
_pdbx_audit_revision_item.data_content_type 
_pdbx_audit_revision_item.item 
1  2 'Structure model' '_citation.journal_volume'                     
2  2 'Structure model' '_citation.page_first'                         
3  2 'Structure model' '_citation.page_last'                          
4  2 'Structure model' '_citation_author.identifier_ORCID'            
5  3 'Structure model' '_atom_site.auth_atom_id'                      
6  3 'Structure model' '_atom_site.label_atom_id'                     
7  3 'Structure model' '_database_2.pdbx_DOI'                         
8  3 'Structure model' '_database_2.pdbx_database_accession'          
9  3 'Structure model' '_struct_conn.pdbx_leaving_atom_flag'          
10 3 'Structure model' '_struct_conn.ptnr2_label_atom_id'             
11 5 'Structure model' '_pdbx_entry_details.has_protein_modification' 
# 
_pdbx_database_status.status_code                     REL 
_pdbx_database_status.status_code_sf                  REL 
_pdbx_database_status.status_code_mr                  ? 
_pdbx_database_status.entry_id                        6AKQ 
_pdbx_database_status.recvd_initial_deposition_date   2018-09-03 
_pdbx_database_status.SG_entry                        N 
_pdbx_database_status.deposit_site                    PDBJ 
_pdbx_database_status.process_site                    PDBJ 
_pdbx_database_status.status_code_cs                  ? 
_pdbx_database_status.methods_development_category    ? 
_pdbx_database_status.pdb_format_compatible           Y 
_pdbx_database_status.status_code_nmr_data            ? 
# 
loop_
_audit_author.name 
_audit_author.pdbx_ordinal 
_audit_author.identifier_ORCID 
'Tamura, R.'   1 ? 
'Oi, R.'       2 ? 
'Kaneko, M.K.' 3 ? 
'Kato, Y.'     4 ? 
'Nogi, T.'     5 ? 
# 
_citation.abstract                  ? 
_citation.abstract_id_CAS           ? 
_citation.book_id_ISBN              ? 
_citation.book_publisher            ? 
_citation.book_publisher_city       ? 
_citation.book_title                ? 
_citation.coordinate_linkage        ? 
_citation.country                   US 
_citation.database_id_Medline       ? 
_citation.details                   ? 
_citation.id                        primary 
_citation.journal_abbrev            'Protein Sci.' 
_citation.journal_id_ASTM           PRCIEI 
_citation.journal_id_CSD            0795 
_citation.journal_id_ISSN           1469-896X 
_citation.journal_full              ? 
_citation.journal_issue             ? 
_citation.journal_volume            28 
_citation.language                  ? 
_citation.page_first                823 
_citation.page_last                 836 
_citation.title                     
'Application of the NZ-1 Fab as a crystallization chaperone for PA tag-inserted target proteins.' 
_citation.year                      2019 
_citation.database_id_CSD           ? 
_citation.pdbx_database_id_DOI      10.1002/pro.3580 
_citation.pdbx_database_id_PubMed   30666745 
_citation.unpublished_flag          ? 
# 
loop_
_citation_author.citation_id 
_citation_author.name 
_citation_author.ordinal 
_citation_author.identifier_ORCID 
primary 'Tamura, R.'   1 ? 
primary 'Oi, R.'       2 ? 
primary 'Akashi, S.'   3 ? 
primary 'Kaneko, M.K.' 4 ? 
primary 'Kato, Y.'     5 ? 
primary 'Nogi, T.'     6 ? 
# 
loop_
_entity.id 
_entity.type 
_entity.src_method 
_entity.pdbx_description 
_entity.formula_weight 
_entity.pdbx_number_of_molecules 
_entity.pdbx_ec 
_entity.pdbx_mutation 
_entity.pdbx_fragment 
_entity.details 
1 polymer man 'PDZ tandem fragment of A. aeolicus site-2 protease homolog with the PA tag insertion' 20820.361 1  3.4.24.- ? 
'UNP residues 115-263 and 267-292' ? 
2 water   nat water                                                                                  18.015    99 ?        ? ? ? 
# 
_entity_poly.entity_id                      1 
_entity_poly.type                           'polypeptide(L)' 
_entity_poly.nstd_linkage                   no 
_entity_poly.nstd_monomer                   yes 
_entity_poly.pdbx_seq_one_letter_code       
;GSEVPKYLKEPVVVGYVQRDSIAQKIGIKPGDKIIKI(SNN)GYEVRTWEDLRDALIRLSLDGVKETTLFLERNGEVLHL
TIKVPNVQKGEELGIAPLVKPVVGGVKKGSPADQVGIKPGDLILEVNGKKINTWYELVEEVRKSQGKAIKLKILRGVAMP
GAEDDVVMIEKELIPAKDPKTGTYFIGLFPKTE
;
_entity_poly.pdbx_seq_one_letter_code_can   
;GSEVPKYLKEPVVVGYVQRDSIAQKIGIKPGDKIIKINGYEVRTWEDLRDALIRLSLDGVKETTLFLERNGEVLHLTIKV
PNVQKGEELGIAPLVKPVVGGVKKGSPADQVGIKPGDLILEVNGKKINTWYELVEEVRKSQGKAIKLKILRGVAMPGAED
DVVMIEKELIPAKDPKTGTYFIGLFPKTE
;
_entity_poly.pdbx_strand_id                 A 
_entity_poly.pdbx_target_identifier         ? 
# 
_pdbx_entity_nonpoly.entity_id   2 
_pdbx_entity_nonpoly.name        water 
_pdbx_entity_nonpoly.comp_id     HOH 
# 
loop_
_entity_poly_seq.entity_id 
_entity_poly_seq.num 
_entity_poly_seq.mon_id 
_entity_poly_seq.hetero 
1 1   GLY n 
1 2   SER n 
1 3   GLU n 
1 4   VAL n 
1 5   PRO n 
1 6   LYS n 
1 7   TYR n 
1 8   LEU n 
1 9   LYS n 
1 10  GLU n 
1 11  PRO n 
1 12  VAL n 
1 13  VAL n 
1 14  VAL n 
1 15  GLY n 
1 16  TYR n 
1 17  VAL n 
1 18  GLN n 
1 19  ARG n 
1 20  ASP n 
1 21  SER n 
1 22  ILE n 
1 23  ALA n 
1 24  GLN n 
1 25  LYS n 
1 26  ILE n 
1 27  GLY n 
1 28  ILE n 
1 29  LYS n 
1 30  PRO n 
1 31  GLY n 
1 32  ASP n 
1 33  LYS n 
1 34  ILE n 
1 35  ILE n 
1 36  LYS n 
1 37  ILE n 
1 38  SNN n 
1 39  GLY n 
1 40  TYR n 
1 41  GLU n 
1 42  VAL n 
1 43  ARG n 
1 44  THR n 
1 45  TRP n 
1 46  GLU n 
1 47  ASP n 
1 48  LEU n 
1 49  ARG n 
1 50  ASP n 
1 51  ALA n 
1 52  LEU n 
1 53  ILE n 
1 54  ARG n 
1 55  LEU n 
1 56  SER n 
1 57  LEU n 
1 58  ASP n 
1 59  GLY n 
1 60  VAL n 
1 61  LYS n 
1 62  GLU n 
1 63  THR n 
1 64  THR n 
1 65  LEU n 
1 66  PHE n 
1 67  LEU n 
1 68  GLU n 
1 69  ARG n 
1 70  ASN n 
1 71  GLY n 
1 72  GLU n 
1 73  VAL n 
1 74  LEU n 
1 75  HIS n 
1 76  LEU n 
1 77  THR n 
1 78  ILE n 
1 79  LYS n 
1 80  VAL n 
1 81  PRO n 
1 82  ASN n 
1 83  VAL n 
1 84  GLN n 
1 85  LYS n 
1 86  GLY n 
1 87  GLU n 
1 88  GLU n 
1 89  LEU n 
1 90  GLY n 
1 91  ILE n 
1 92  ALA n 
1 93  PRO n 
1 94  LEU n 
1 95  VAL n 
1 96  LYS n 
1 97  PRO n 
1 98  VAL n 
1 99  VAL n 
1 100 GLY n 
1 101 GLY n 
1 102 VAL n 
1 103 LYS n 
1 104 LYS n 
1 105 GLY n 
1 106 SER n 
1 107 PRO n 
1 108 ALA n 
1 109 ASP n 
1 110 GLN n 
1 111 VAL n 
1 112 GLY n 
1 113 ILE n 
1 114 LYS n 
1 115 PRO n 
1 116 GLY n 
1 117 ASP n 
1 118 LEU n 
1 119 ILE n 
1 120 LEU n 
1 121 GLU n 
1 122 VAL n 
1 123 ASN n 
1 124 GLY n 
1 125 LYS n 
1 126 LYS n 
1 127 ILE n 
1 128 ASN n 
1 129 THR n 
1 130 TRP n 
1 131 TYR n 
1 132 GLU n 
1 133 LEU n 
1 134 VAL n 
1 135 GLU n 
1 136 GLU n 
1 137 VAL n 
1 138 ARG n 
1 139 LYS n 
1 140 SER n 
1 141 GLN n 
1 142 GLY n 
1 143 LYS n 
1 144 ALA n 
1 145 ILE n 
1 146 LYS n 
1 147 LEU n 
1 148 LYS n 
1 149 ILE n 
1 150 LEU n 
1 151 ARG n 
1 152 GLY n 
1 153 VAL n 
1 154 ALA n 
1 155 MET n 
1 156 PRO n 
1 157 GLY n 
1 158 ALA n 
1 159 GLU n 
1 160 ASP n 
1 161 ASP n 
1 162 VAL n 
1 163 VAL n 
1 164 MET n 
1 165 ILE n 
1 166 GLU n 
1 167 LYS n 
1 168 GLU n 
1 169 LEU n 
1 170 ILE n 
1 171 PRO n 
1 172 ALA n 
1 173 LYS n 
1 174 ASP n 
1 175 PRO n 
1 176 LYS n 
1 177 THR n 
1 178 GLY n 
1 179 THR n 
1 180 TYR n 
1 181 PHE n 
1 182 ILE n 
1 183 GLY n 
1 184 LEU n 
1 185 PHE n 
1 186 PRO n 
1 187 LYS n 
1 188 THR n 
1 189 GLU n 
# 
loop_
_entity_src_gen.entity_id 
_entity_src_gen.pdbx_src_id 
_entity_src_gen.pdbx_alt_source_flag 
_entity_src_gen.pdbx_seq_type 
_entity_src_gen.pdbx_beg_seq_num 
_entity_src_gen.pdbx_end_seq_num 
_entity_src_gen.gene_src_common_name 
_entity_src_gen.gene_src_genus 
_entity_src_gen.pdbx_gene_src_gene 
_entity_src_gen.gene_src_species 
_entity_src_gen.gene_src_strain 
_entity_src_gen.gene_src_tissue 
_entity_src_gen.gene_src_tissue_fraction 
_entity_src_gen.gene_src_details 
_entity_src_gen.pdbx_gene_src_fragment 
_entity_src_gen.pdbx_gene_src_scientific_name 
_entity_src_gen.pdbx_gene_src_ncbi_taxonomy_id 
_entity_src_gen.pdbx_gene_src_variant 
_entity_src_gen.pdbx_gene_src_cell_line 
_entity_src_gen.pdbx_gene_src_atcc 
_entity_src_gen.pdbx_gene_src_organ 
_entity_src_gen.pdbx_gene_src_organelle 
_entity_src_gen.pdbx_gene_src_cell 
_entity_src_gen.pdbx_gene_src_cellular_location 
_entity_src_gen.host_org_common_name 
_entity_src_gen.pdbx_host_org_scientific_name 
_entity_src_gen.pdbx_host_org_ncbi_taxonomy_id 
_entity_src_gen.host_org_genus 
_entity_src_gen.pdbx_host_org_gene 
_entity_src_gen.pdbx_host_org_organ 
_entity_src_gen.host_org_species 
_entity_src_gen.pdbx_host_org_tissue 
_entity_src_gen.pdbx_host_org_tissue_fraction 
_entity_src_gen.pdbx_host_org_strain 
_entity_src_gen.pdbx_host_org_variant 
_entity_src_gen.pdbx_host_org_cell_line 
_entity_src_gen.pdbx_host_org_atcc 
_entity_src_gen.pdbx_host_org_culture_collection 
_entity_src_gen.pdbx_host_org_cell 
_entity_src_gen.pdbx_host_org_organelle 
_entity_src_gen.pdbx_host_org_cellular_location 
_entity_src_gen.pdbx_host_org_vector_type 
_entity_src_gen.pdbx_host_org_vector 
_entity_src_gen.host_org_details 
_entity_src_gen.expression_system_id 
_entity_src_gen.plasmid_name 
_entity_src_gen.plasmid_details 
_entity_src_gen.pdbx_description 
1 1 sample 'Biological sequence' 1   163 ? ? aq_1964 ? VF5 ? ? ? ? 'Aquifex aeolicus VF5' 224324 ? ? ? ? ? ? ? ? 
'Escherichia coli' 562 ? ? ? ? ? ? ? ? ? ? ? ? ? ? ? ? ? ? ? ? ? 
1 2 sample 'Biological sequence' 164 189 ? ? aq_1964 ? VF5 ? ? ? ? 'Aquifex aeolicus VF5' 224324 ? ? ? ? ? ? ? ? 
'Escherichia coli' 562 ? ? ? ? ? ? ? ? ? ? ? ? ? ? ? ? ? ? ? ? ? 
# 
loop_
_chem_comp.id 
_chem_comp.type 
_chem_comp.mon_nstd_flag 
_chem_comp.name 
_chem_comp.pdbx_synonyms 
_chem_comp.formula 
_chem_comp.formula_weight 
ALA 'L-peptide linking' y ALANINE              ? 'C3 H7 N O2'     89.093  
ARG 'L-peptide linking' y ARGININE             ? 'C6 H15 N4 O2 1' 175.209 
ASN 'L-peptide linking' y ASPARAGINE           ? 'C4 H8 N2 O3'    132.118 
ASP 'L-peptide linking' y 'ASPARTIC ACID'      ? 'C4 H7 N O4'     133.103 
GLN 'L-peptide linking' y GLUTAMINE            ? 'C5 H10 N2 O3'   146.144 
GLU 'L-peptide linking' y 'GLUTAMIC ACID'      ? 'C5 H9 N O4'     147.129 
GLY 'peptide linking'   y GLYCINE              ? 'C2 H5 N O2'     75.067  
HIS 'L-peptide linking' y HISTIDINE            ? 'C6 H10 N3 O2 1' 156.162 
HOH non-polymer         . WATER                ? 'H2 O'           18.015  
ILE 'L-peptide linking' y ISOLEUCINE           ? 'C6 H13 N O2'    131.173 
LEU 'L-peptide linking' y LEUCINE              ? 'C6 H13 N O2'    131.173 
LYS 'L-peptide linking' y LYSINE               ? 'C6 H15 N2 O2 1' 147.195 
MET 'L-peptide linking' y METHIONINE           ? 'C5 H11 N O2 S'  149.211 
PHE 'L-peptide linking' y PHENYLALANINE        ? 'C9 H11 N O2'    165.189 
PRO 'L-peptide linking' y PROLINE              ? 'C5 H9 N O2'     115.130 
SER 'L-peptide linking' y SERINE               ? 'C3 H7 N O3'     105.093 
SNN 'L-peptide linking' n L-3-AMINOSUCCINIMIDE ? 'C4 H6 N2 O2'    114.103 
THR 'L-peptide linking' y THREONINE            ? 'C4 H9 N O3'     119.119 
TRP 'L-peptide linking' y TRYPTOPHAN           ? 'C11 H12 N2 O2'  204.225 
TYR 'L-peptide linking' y TYROSINE             ? 'C9 H11 N O3'    181.189 
VAL 'L-peptide linking' y VALINE               ? 'C5 H11 N O2'    117.146 
# 
loop_
_pdbx_poly_seq_scheme.asym_id 
_pdbx_poly_seq_scheme.entity_id 
_pdbx_poly_seq_scheme.seq_id 
_pdbx_poly_seq_scheme.mon_id 
_pdbx_poly_seq_scheme.ndb_seq_num 
_pdbx_poly_seq_scheme.pdb_seq_num 
_pdbx_poly_seq_scheme.auth_seq_num 
_pdbx_poly_seq_scheme.pdb_mon_id 
_pdbx_poly_seq_scheme.auth_mon_id 
_pdbx_poly_seq_scheme.pdb_strand_id 
_pdbx_poly_seq_scheme.pdb_ins_code 
_pdbx_poly_seq_scheme.hetero 
A 1 1   GLY 1   113 ?   ?   ?   A . n 
A 1 2   SER 2   114 ?   ?   ?   A . n 
A 1 3   GLU 3   115 ?   ?   ?   A . n 
A 1 4   VAL 4   116 116 VAL VAL A . n 
A 1 5   PRO 5   117 117 PRO PRO A . n 
A 1 6   LYS 6   118 118 LYS LYS A . n 
A 1 7   TYR 7   119 119 TYR TYR A . n 
A 1 8   LEU 8   120 120 LEU LEU A . n 
A 1 9   LYS 9   121 121 LYS LYS A . n 
A 1 10  GLU 10  122 122 GLU GLU A . n 
A 1 11  PRO 11  123 123 PRO PRO A . n 
A 1 12  VAL 12  124 124 VAL VAL A . n 
A 1 13  VAL 13  125 125 VAL VAL A . n 
A 1 14  VAL 14  126 126 VAL VAL A . n 
A 1 15  GLY 15  127 127 GLY GLY A . n 
A 1 16  TYR 16  128 128 TYR TYR A . n 
A 1 17  VAL 17  129 129 VAL VAL A . n 
A 1 18  GLN 18  130 130 GLN GLN A . n 
A 1 19  ARG 19  131 131 ARG ARG A . n 
A 1 20  ASP 20  132 132 ASP ASP A . n 
A 1 21  SER 21  133 133 SER SER A . n 
A 1 22  ILE 22  134 134 ILE ILE A . n 
A 1 23  ALA 23  135 135 ALA ALA A . n 
A 1 24  GLN 24  136 136 GLN GLN A . n 
A 1 25  LYS 25  137 137 LYS LYS A . n 
A 1 26  ILE 26  138 138 ILE ILE A . n 
A 1 27  GLY 27  139 139 GLY GLY A . n 
A 1 28  ILE 28  140 140 ILE ILE A . n 
A 1 29  LYS 29  141 141 LYS LYS A . n 
A 1 30  PRO 30  142 142 PRO PRO A . n 
A 1 31  GLY 31  143 143 GLY GLY A . n 
A 1 32  ASP 32  144 144 ASP ASP A . n 
A 1 33  LYS 33  145 145 LYS LYS A . n 
A 1 34  ILE 34  146 146 ILE ILE A . n 
A 1 35  ILE 35  147 147 ILE ILE A . n 
A 1 36  LYS 36  148 148 LYS LYS A . n 
A 1 37  ILE 37  149 149 ILE ILE A . n 
A 1 38  SNN 38  150 150 SNN SNN A . n 
A 1 39  GLY 39  151 151 GLY GLY A . n 
A 1 40  TYR 40  152 152 TYR TYR A . n 
A 1 41  GLU 41  153 153 GLU GLU A . n 
A 1 42  VAL 42  154 154 VAL VAL A . n 
A 1 43  ARG 43  155 155 ARG ARG A . n 
A 1 44  THR 44  156 156 THR THR A . n 
A 1 45  TRP 45  157 157 TRP TRP A . n 
A 1 46  GLU 46  158 158 GLU GLU A . n 
A 1 47  ASP 47  159 159 ASP ASP A . n 
A 1 48  LEU 48  160 160 LEU LEU A . n 
A 1 49  ARG 49  161 161 ARG ARG A . n 
A 1 50  ASP 50  162 162 ASP ASP A . n 
A 1 51  ALA 51  163 163 ALA ALA A . n 
A 1 52  LEU 52  164 164 LEU LEU A . n 
A 1 53  ILE 53  165 165 ILE ILE A . n 
A 1 54  ARG 54  166 166 ARG ARG A . n 
A 1 55  LEU 55  167 167 LEU LEU A . n 
A 1 56  SER 56  168 168 SER SER A . n 
A 1 57  LEU 57  169 169 LEU LEU A . n 
A 1 58  ASP 58  170 170 ASP ASP A . n 
A 1 59  GLY 59  171 171 GLY GLY A . n 
A 1 60  VAL 60  172 172 VAL VAL A . n 
A 1 61  LYS 61  173 173 LYS LYS A . n 
A 1 62  GLU 62  174 174 GLU GLU A . n 
A 1 63  THR 63  175 175 THR THR A . n 
A 1 64  THR 64  176 176 THR THR A . n 
A 1 65  LEU 65  177 177 LEU LEU A . n 
A 1 66  PHE 66  178 178 PHE PHE A . n 
A 1 67  LEU 67  179 179 LEU LEU A . n 
A 1 68  GLU 68  180 180 GLU GLU A . n 
A 1 69  ARG 69  181 181 ARG ARG A . n 
A 1 70  ASN 70  182 182 ASN ASN A . n 
A 1 71  GLY 71  183 183 GLY GLY A . n 
A 1 72  GLU 72  184 184 GLU GLU A . n 
A 1 73  VAL 73  185 185 VAL VAL A . n 
A 1 74  LEU 74  186 186 LEU LEU A . n 
A 1 75  HIS 75  187 187 HIS HIS A . n 
A 1 76  LEU 76  188 188 LEU LEU A . n 
A 1 77  THR 77  189 189 THR THR A . n 
A 1 78  ILE 78  190 190 ILE ILE A . n 
A 1 79  LYS 79  191 191 LYS LYS A . n 
A 1 80  VAL 80  192 192 VAL VAL A . n 
A 1 81  PRO 81  193 193 PRO PRO A . n 
A 1 82  ASN 82  194 194 ASN ASN A . n 
A 1 83  VAL 83  195 195 VAL VAL A . n 
A 1 84  GLN 84  196 196 GLN GLN A . n 
A 1 85  LYS 85  197 197 LYS LYS A . n 
A 1 86  GLY 86  198 198 GLY GLY A . n 
A 1 87  GLU 87  199 199 GLU GLU A . n 
A 1 88  GLU 88  200 200 GLU GLU A . n 
A 1 89  LEU 89  201 201 LEU LEU A . n 
A 1 90  GLY 90  202 202 GLY GLY A . n 
A 1 91  ILE 91  203 203 ILE ILE A . n 
A 1 92  ALA 92  204 204 ALA ALA A . n 
A 1 93  PRO 93  205 205 PRO PRO A . n 
A 1 94  LEU 94  206 206 LEU LEU A . n 
A 1 95  VAL 95  207 207 VAL VAL A . n 
A 1 96  LYS 96  208 208 LYS LYS A . n 
A 1 97  PRO 97  209 209 PRO PRO A . n 
A 1 98  VAL 98  210 210 VAL VAL A . n 
A 1 99  VAL 99  211 211 VAL VAL A . n 
A 1 100 GLY 100 212 212 GLY GLY A . n 
A 1 101 GLY 101 213 213 GLY GLY A . n 
A 1 102 VAL 102 214 214 VAL VAL A . n 
A 1 103 LYS 103 215 215 LYS LYS A . n 
A 1 104 LYS 104 216 216 LYS LYS A . n 
A 1 105 GLY 105 217 217 GLY GLY A . n 
A 1 106 SER 106 218 218 SER SER A . n 
A 1 107 PRO 107 219 219 PRO PRO A . n 
A 1 108 ALA 108 220 220 ALA ALA A . n 
A 1 109 ASP 109 221 221 ASP ASP A . n 
A 1 110 GLN 110 222 222 GLN GLN A . n 
A 1 111 VAL 111 223 223 VAL VAL A . n 
A 1 112 GLY 112 224 224 GLY GLY A . n 
A 1 113 ILE 113 225 225 ILE ILE A . n 
A 1 114 LYS 114 226 226 LYS LYS A . n 
A 1 115 PRO 115 227 227 PRO PRO A . n 
A 1 116 GLY 116 228 228 GLY GLY A . n 
A 1 117 ASP 117 229 229 ASP ASP A . n 
A 1 118 LEU 118 230 230 LEU LEU A . n 
A 1 119 ILE 119 231 231 ILE ILE A . n 
A 1 120 LEU 120 232 232 LEU LEU A . n 
A 1 121 GLU 121 233 233 GLU GLU A . n 
A 1 122 VAL 122 234 234 VAL VAL A . n 
A 1 123 ASN 123 235 235 ASN ASN A . n 
A 1 124 GLY 124 236 236 GLY GLY A . n 
A 1 125 LYS 125 237 237 LYS LYS A . n 
A 1 126 LYS 126 238 238 LYS LYS A . n 
A 1 127 ILE 127 239 239 ILE ILE A . n 
A 1 128 ASN 128 240 240 ASN ASN A . n 
A 1 129 THR 129 241 241 THR THR A . n 
A 1 130 TRP 130 242 242 TRP TRP A . n 
A 1 131 TYR 131 243 243 TYR TYR A . n 
A 1 132 GLU 132 244 244 GLU GLU A . n 
A 1 133 LEU 133 245 245 LEU LEU A . n 
A 1 134 VAL 134 246 246 VAL VAL A . n 
A 1 135 GLU 135 247 247 GLU GLU A . n 
A 1 136 GLU 136 248 248 GLU GLU A . n 
A 1 137 VAL 137 249 249 VAL VAL A . n 
A 1 138 ARG 138 250 250 ARG ARG A . n 
A 1 139 LYS 139 251 251 LYS LYS A . n 
A 1 140 SER 140 252 252 SER SER A . n 
A 1 141 GLN 141 253 253 GLN GLN A . n 
A 1 142 GLY 142 254 254 GLY GLY A . n 
A 1 143 LYS 143 255 255 LYS LYS A . n 
A 1 144 ALA 144 256 256 ALA ALA A . n 
A 1 145 ILE 145 257 257 ILE ILE A . n 
A 1 146 LYS 146 258 258 LYS LYS A . n 
A 1 147 LEU 147 259 259 LEU LEU A . n 
A 1 148 LYS 148 260 260 LYS LYS A . n 
A 1 149 ILE 149 261 261 ILE ILE A . n 
A 1 150 LEU 150 262 262 LEU LEU A . n 
A 1 151 ARG 151 263 263 ARG ARG A . n 
A 1 152 GLY 152 263 263 GLY GLY A A n 
A 1 153 VAL 153 263 263 VAL VAL A B n 
A 1 154 ALA 154 263 263 ALA ALA A C n 
A 1 155 MET 155 263 263 MET MET A D n 
A 1 156 PRO 156 263 263 PRO PRO A E n 
A 1 157 GLY 157 263 263 GLY GLY A F n 
A 1 158 ALA 158 263 263 ALA ALA A G n 
A 1 159 GLU 159 263 263 GLU GLU A H n 
A 1 160 ASP 160 263 263 ASP ASP A I n 
A 1 161 ASP 161 263 263 ASP ASP A J n 
A 1 162 VAL 162 263 263 VAL VAL A K n 
A 1 163 VAL 163 263 263 VAL VAL A L n 
A 1 164 MET 164 267 267 MET MET A . n 
A 1 165 ILE 165 268 268 ILE ILE A . n 
A 1 166 GLU 166 269 269 GLU GLU A . n 
A 1 167 LYS 167 270 270 LYS LYS A . n 
A 1 168 GLU 168 271 271 GLU GLU A . n 
A 1 169 LEU 169 272 272 LEU LEU A . n 
A 1 170 ILE 170 273 273 ILE ILE A . n 
A 1 171 PRO 171 274 274 PRO PRO A . n 
A 1 172 ALA 172 275 275 ALA ALA A . n 
A 1 173 LYS 173 276 276 LYS LYS A . n 
A 1 174 ASP 174 277 277 ASP ASP A . n 
A 1 175 PRO 175 278 278 PRO PRO A . n 
A 1 176 LYS 176 279 279 LYS LYS A . n 
A 1 177 THR 177 280 280 THR THR A . n 
A 1 178 GLY 178 281 281 GLY GLY A . n 
A 1 179 THR 179 282 282 THR THR A . n 
A 1 180 TYR 180 283 283 TYR TYR A . n 
A 1 181 PHE 181 284 284 PHE PHE A . n 
A 1 182 ILE 182 285 285 ILE ILE A . n 
A 1 183 GLY 183 286 286 GLY GLY A . n 
A 1 184 LEU 184 287 287 LEU LEU A . n 
A 1 185 PHE 185 288 288 PHE PHE A . n 
A 1 186 PRO 186 289 289 PRO PRO A . n 
A 1 187 LYS 187 290 290 LYS LYS A . n 
A 1 188 THR 188 291 291 THR THR A . n 
A 1 189 GLU 189 292 292 GLU GLU A . n 
# 
loop_
_pdbx_nonpoly_scheme.asym_id 
_pdbx_nonpoly_scheme.entity_id 
_pdbx_nonpoly_scheme.mon_id 
_pdbx_nonpoly_scheme.ndb_seq_num 
_pdbx_nonpoly_scheme.pdb_seq_num 
_pdbx_nonpoly_scheme.auth_seq_num 
_pdbx_nonpoly_scheme.pdb_mon_id 
_pdbx_nonpoly_scheme.auth_mon_id 
_pdbx_nonpoly_scheme.pdb_strand_id 
_pdbx_nonpoly_scheme.pdb_ins_code 
B 2 HOH 1  301 79 HOH HOH A . 
B 2 HOH 2  302 94 HOH HOH A . 
B 2 HOH 3  303 55 HOH HOH A . 
B 2 HOH 4  304 96 HOH HOH A . 
B 2 HOH 5  305 84 HOH HOH A . 
B 2 HOH 6  306 88 HOH HOH A . 
B 2 HOH 7  307 73 HOH HOH A . 
B 2 HOH 8  308 1  HOH HOH A . 
B 2 HOH 9  309 85 HOH HOH A . 
B 2 HOH 10 310 75 HOH HOH A . 
B 2 HOH 11 311 91 HOH HOH A . 
B 2 HOH 12 312 77 HOH HOH A . 
B 2 HOH 13 313 57 HOH HOH A . 
B 2 HOH 14 314 5  HOH HOH A . 
B 2 HOH 15 315 4  HOH HOH A . 
B 2 HOH 16 316 48 HOH HOH A . 
B 2 HOH 17 317 33 HOH HOH A . 
B 2 HOH 18 318 34 HOH HOH A . 
B 2 HOH 19 319 17 HOH HOH A . 
B 2 HOH 20 320 89 HOH HOH A . 
B 2 HOH 21 321 49 HOH HOH A . 
B 2 HOH 22 322 67 HOH HOH A . 
B 2 HOH 23 323 95 HOH HOH A . 
B 2 HOH 24 324 87 HOH HOH A . 
B 2 HOH 25 325 25 HOH HOH A . 
B 2 HOH 26 326 14 HOH HOH A . 
B 2 HOH 27 327 42 HOH HOH A . 
B 2 HOH 28 328 19 HOH HOH A . 
B 2 HOH 29 329 32 HOH HOH A . 
B 2 HOH 30 330 36 HOH HOH A . 
B 2 HOH 31 331 29 HOH HOH A . 
B 2 HOH 32 332 6  HOH HOH A . 
B 2 HOH 33 333 78 HOH HOH A . 
B 2 HOH 34 334 26 HOH HOH A . 
B 2 HOH 35 335 31 HOH HOH A . 
B 2 HOH 36 336 44 HOH HOH A . 
B 2 HOH 37 337 68 HOH HOH A . 
B 2 HOH 38 338 70 HOH HOH A . 
B 2 HOH 39 339 71 HOH HOH A . 
B 2 HOH 40 340 7  HOH HOH A . 
B 2 HOH 41 341 12 HOH HOH A . 
B 2 HOH 42 342 20 HOH HOH A . 
B 2 HOH 43 343 37 HOH HOH A . 
B 2 HOH 44 344 43 HOH HOH A . 
B 2 HOH 45 345 18 HOH HOH A . 
B 2 HOH 46 346 62 HOH HOH A . 
B 2 HOH 47 347 99 HOH HOH A . 
B 2 HOH 48 348 59 HOH HOH A . 
B 2 HOH 49 349 30 HOH HOH A . 
B 2 HOH 50 350 58 HOH HOH A . 
B 2 HOH 51 351 27 HOH HOH A . 
B 2 HOH 52 352 41 HOH HOH A . 
B 2 HOH 53 353 24 HOH HOH A . 
B 2 HOH 54 354 38 HOH HOH A . 
B 2 HOH 55 355 47 HOH HOH A . 
B 2 HOH 56 356 3  HOH HOH A . 
B 2 HOH 57 357 22 HOH HOH A . 
B 2 HOH 58 358 9  HOH HOH A . 
B 2 HOH 59 359 8  HOH HOH A . 
B 2 HOH 60 360 13 HOH HOH A . 
B 2 HOH 61 361 10 HOH HOH A . 
B 2 HOH 62 362 64 HOH HOH A . 
B 2 HOH 63 363 23 HOH HOH A . 
B 2 HOH 64 364 52 HOH HOH A . 
B 2 HOH 65 365 16 HOH HOH A . 
B 2 HOH 66 366 39 HOH HOH A . 
B 2 HOH 67 367 50 HOH HOH A . 
B 2 HOH 68 368 15 HOH HOH A . 
B 2 HOH 69 369 2  HOH HOH A . 
B 2 HOH 70 370 11 HOH HOH A . 
B 2 HOH 71 371 63 HOH HOH A . 
B 2 HOH 72 372 61 HOH HOH A . 
B 2 HOH 73 373 93 HOH HOH A . 
B 2 HOH 74 374 56 HOH HOH A . 
B 2 HOH 75 375 53 HOH HOH A . 
B 2 HOH 76 376 90 HOH HOH A . 
B 2 HOH 77 377 69 HOH HOH A . 
B 2 HOH 78 378 45 HOH HOH A . 
B 2 HOH 79 379 51 HOH HOH A . 
B 2 HOH 80 380 54 HOH HOH A . 
B 2 HOH 81 381 66 HOH HOH A . 
B 2 HOH 82 382 86 HOH HOH A . 
B 2 HOH 83 383 82 HOH HOH A . 
B 2 HOH 84 384 76 HOH HOH A . 
B 2 HOH 85 385 92 HOH HOH A . 
B 2 HOH 86 386 80 HOH HOH A . 
B 2 HOH 87 387 72 HOH HOH A . 
B 2 HOH 88 388 35 HOH HOH A . 
B 2 HOH 89 389 83 HOH HOH A . 
B 2 HOH 90 390 40 HOH HOH A . 
B 2 HOH 91 391 65 HOH HOH A . 
B 2 HOH 92 392 98 HOH HOH A . 
B 2 HOH 93 393 21 HOH HOH A . 
B 2 HOH 94 394 60 HOH HOH A . 
B 2 HOH 95 395 46 HOH HOH A . 
B 2 HOH 96 396 81 HOH HOH A . 
B 2 HOH 97 397 28 HOH HOH A . 
B 2 HOH 98 398 97 HOH HOH A . 
B 2 HOH 99 399 74 HOH HOH A . 
# 
loop_
_software.citation_id 
_software.classification 
_software.compiler_name 
_software.compiler_version 
_software.contact_author 
_software.contact_author_email 
_software.date 
_software.description 
_software.dependencies 
_software.hardware 
_software.language 
_software.location 
_software.mods 
_software.name 
_software.os 
_software.os_version 
_software.type 
_software.version 
_software.pdbx_ordinal 
? refinement       ? ? ? ? ? ? ? ? ? ? ? REFMAC  ? ? ? 5.8.0232 1 
? 'data reduction' ? ? ? ? ? ? ? ? ? ? ? XDS     ? ? ? .        2 
? 'data scaling'   ? ? ? ? ? ? ? ? ? ? ? Aimless ? ? ? .        3 
? phasing          ? ? ? ? ? ? ? ? ? ? ? MOLREP  ? ? ? .        4 
# 
_cell.angle_alpha                  90.00 
_cell.angle_alpha_esd              ? 
_cell.angle_beta                   90.00 
_cell.angle_beta_esd               ? 
_cell.angle_gamma                  90.00 
_cell.angle_gamma_esd              ? 
_cell.entry_id                     6AKQ 
_cell.details                      ? 
_cell.formula_units_Z              ? 
_cell.length_a                     49.234 
_cell.length_a_esd                 ? 
_cell.length_b                     54.799 
_cell.length_b_esd                 ? 
_cell.length_c                     68.316 
_cell.length_c_esd                 ? 
_cell.volume                       ? 
_cell.volume_esd                   ? 
_cell.Z_PDB                        4 
_cell.reciprocal_angle_alpha       ? 
_cell.reciprocal_angle_beta        ? 
_cell.reciprocal_angle_gamma       ? 
_cell.reciprocal_angle_alpha_esd   ? 
_cell.reciprocal_angle_beta_esd    ? 
_cell.reciprocal_angle_gamma_esd   ? 
_cell.reciprocal_length_a          ? 
_cell.reciprocal_length_b          ? 
_cell.reciprocal_length_c          ? 
_cell.reciprocal_length_a_esd      ? 
_cell.reciprocal_length_b_esd      ? 
_cell.reciprocal_length_c_esd      ? 
_cell.pdbx_unique_axis             ? 
# 
_symmetry.entry_id                         6AKQ 
_symmetry.cell_setting                     ? 
_symmetry.Int_Tables_number                19 
_symmetry.space_group_name_Hall            ? 
_symmetry.space_group_name_H-M             'P 21 21 21' 
_symmetry.pdbx_full_space_group_name_H-M   ? 
# 
_exptl.absorpt_coefficient_mu     ? 
_exptl.absorpt_correction_T_max   ? 
_exptl.absorpt_correction_T_min   ? 
_exptl.absorpt_correction_type    ? 
_exptl.absorpt_process_details    ? 
_exptl.entry_id                   6AKQ 
_exptl.crystals_number            1 
_exptl.details                    ? 
_exptl.method                     'X-RAY DIFFRACTION' 
_exptl.method_details             ? 
# 
_exptl_crystal.colour                      ? 
_exptl_crystal.density_diffrn              ? 
_exptl_crystal.density_Matthews            2.21 
_exptl_crystal.density_method              ? 
_exptl_crystal.density_percent_sol         44.42 
_exptl_crystal.description                 ? 
_exptl_crystal.F_000                       ? 
_exptl_crystal.id                          1 
_exptl_crystal.preparation                 ? 
_exptl_crystal.size_max                    ? 
_exptl_crystal.size_mid                    ? 
_exptl_crystal.size_min                    ? 
_exptl_crystal.size_rad                    ? 
_exptl_crystal.colour_lustre               ? 
_exptl_crystal.colour_modifier             ? 
_exptl_crystal.colour_primary              ? 
_exptl_crystal.density_meas                ? 
_exptl_crystal.density_meas_esd            ? 
_exptl_crystal.density_meas_gt             ? 
_exptl_crystal.density_meas_lt             ? 
_exptl_crystal.density_meas_temp           ? 
_exptl_crystal.density_meas_temp_esd       ? 
_exptl_crystal.density_meas_temp_gt        ? 
_exptl_crystal.density_meas_temp_lt        ? 
_exptl_crystal.pdbx_crystal_image_url      ? 
_exptl_crystal.pdbx_crystal_image_format   ? 
_exptl_crystal.pdbx_mosaicity              ? 
_exptl_crystal.pdbx_mosaicity_esd          ? 
# 
_exptl_crystal_grow.apparatus       ? 
_exptl_crystal_grow.atmosphere      ? 
_exptl_crystal_grow.crystal_id      1 
_exptl_crystal_grow.details         ? 
_exptl_crystal_grow.method          'VAPOR DIFFUSION, HANGING DROP' 
_exptl_crystal_grow.method_ref      ? 
_exptl_crystal_grow.pH              ? 
_exptl_crystal_grow.pressure        ? 
_exptl_crystal_grow.pressure_esd    ? 
_exptl_crystal_grow.seeding         ? 
_exptl_crystal_grow.seeding_ref     ? 
_exptl_crystal_grow.temp            293 
_exptl_crystal_grow.temp_details    ? 
_exptl_crystal_grow.temp_esd        ? 
_exptl_crystal_grow.time            ? 
_exptl_crystal_grow.pdbx_details    '23-25%(w/v) PEG 3350, 200mM Bis-Tris-Cl (pH 6.5)' 
_exptl_crystal_grow.pdbx_pH_range   ? 
# 
_diffrn.ambient_environment              ? 
_diffrn.ambient_temp                     100 
_diffrn.ambient_temp_details             ? 
_diffrn.ambient_temp_esd                 ? 
_diffrn.crystal_id                       1 
_diffrn.crystal_support                  ? 
_diffrn.crystal_treatment                ? 
_diffrn.details                          ? 
_diffrn.id                               1 
_diffrn.ambient_pressure                 ? 
_diffrn.ambient_pressure_esd             ? 
_diffrn.ambient_pressure_gt              ? 
_diffrn.ambient_pressure_lt              ? 
_diffrn.ambient_temp_gt                  ? 
_diffrn.ambient_temp_lt                  ? 
_diffrn.pdbx_serial_crystal_experiment   ? 
# 
_diffrn_detector.details                      ? 
_diffrn_detector.detector                     PIXEL 
_diffrn_detector.diffrn_id                    1 
_diffrn_detector.type                         'DECTRIS EIGER X 4M' 
_diffrn_detector.area_resol_mean              ? 
_diffrn_detector.dtime                        ? 
_diffrn_detector.pdbx_frames_total            ? 
_diffrn_detector.pdbx_collection_time_total   ? 
_diffrn_detector.pdbx_collection_date         2017-11-27 
_diffrn_detector.pdbx_frequency               ? 
# 
_diffrn_radiation.collimation                      ? 
_diffrn_radiation.diffrn_id                        1 
_diffrn_radiation.filter_edge                      ? 
_diffrn_radiation.inhomogeneity                    ? 
_diffrn_radiation.monochromator                    ? 
_diffrn_radiation.polarisn_norm                    ? 
_diffrn_radiation.polarisn_ratio                   ? 
_diffrn_radiation.probe                            ? 
_diffrn_radiation.type                             ? 
_diffrn_radiation.xray_symbol                      ? 
_diffrn_radiation.wavelength_id                    1 
_diffrn_radiation.pdbx_monochromatic_or_laue_m_l   M 
_diffrn_radiation.pdbx_wavelength_list             ? 
_diffrn_radiation.pdbx_wavelength                  ? 
_diffrn_radiation.pdbx_diffrn_protocol             'SINGLE WAVELENGTH' 
_diffrn_radiation.pdbx_analyzer                    ? 
_diffrn_radiation.pdbx_scattering_type             x-ray 
# 
_diffrn_radiation_wavelength.id           1 
_diffrn_radiation_wavelength.wavelength   1.1000 
_diffrn_radiation_wavelength.wt           1.0 
# 
_diffrn_source.current                     ? 
_diffrn_source.details                     ? 
_diffrn_source.diffrn_id                   1 
_diffrn_source.power                       ? 
_diffrn_source.size                        ? 
_diffrn_source.source                      SYNCHROTRON 
_diffrn_source.target                      ? 
_diffrn_source.type                        'PHOTON FACTORY BEAMLINE BL-1A' 
_diffrn_source.voltage                     ? 
_diffrn_source.take-off_angle              ? 
_diffrn_source.pdbx_wavelength_list        1.1000 
_diffrn_source.pdbx_wavelength             ? 
_diffrn_source.pdbx_synchrotron_beamline   BL-1A 
_diffrn_source.pdbx_synchrotron_site       'Photon Factory' 
# 
_reflns.B_iso_Wilson_estimate            ? 
_reflns.entry_id                         6AKQ 
_reflns.data_reduction_details           ? 
_reflns.data_reduction_method            ? 
_reflns.d_resolution_high                1.90 
_reflns.d_resolution_low                 42.75 
_reflns.details                          ? 
_reflns.limit_h_max                      ? 
_reflns.limit_h_min                      ? 
_reflns.limit_k_max                      ? 
_reflns.limit_k_min                      ? 
_reflns.limit_l_max                      ? 
_reflns.limit_l_min                      ? 
_reflns.number_all                       ? 
_reflns.number_obs                       15147 
_reflns.observed_criterion               ? 
_reflns.observed_criterion_F_max         ? 
_reflns.observed_criterion_F_min         ? 
_reflns.observed_criterion_I_max         ? 
_reflns.observed_criterion_I_min         ? 
_reflns.observed_criterion_sigma_F       ? 
_reflns.observed_criterion_sigma_I       ? 
_reflns.percent_possible_obs             100 
_reflns.R_free_details                   ? 
_reflns.Rmerge_F_all                     ? 
_reflns.Rmerge_F_obs                     ? 
_reflns.Friedel_coverage                 ? 
_reflns.number_gt                        ? 
_reflns.threshold_expression             ? 
_reflns.pdbx_redundancy                  13.4 
_reflns.pdbx_Rmerge_I_obs                0.176 
_reflns.pdbx_Rmerge_I_all                ? 
_reflns.pdbx_Rsym_value                  ? 
_reflns.pdbx_netI_over_av_sigmaI         ? 
_reflns.pdbx_netI_over_sigmaI            10.6 
_reflns.pdbx_res_netI_over_av_sigmaI_2   ? 
_reflns.pdbx_res_netI_over_sigmaI_2      ? 
_reflns.pdbx_chi_squared                 ? 
_reflns.pdbx_scaling_rejects             ? 
_reflns.pdbx_d_res_high_opt              ? 
_reflns.pdbx_d_res_low_opt               ? 
_reflns.pdbx_d_res_opt_method            ? 
_reflns.phase_calculation_details        ? 
_reflns.pdbx_Rrim_I_all                  ? 
_reflns.pdbx_Rpim_I_all                  ? 
_reflns.pdbx_d_opt                       ? 
_reflns.pdbx_number_measured_all         ? 
_reflns.pdbx_diffrn_id                   1 
_reflns.pdbx_ordinal                     1 
_reflns.pdbx_CC_half                     0.997 
_reflns.pdbx_R_split                     ? 
# 
_reflns_shell.d_res_high                  1.90 
_reflns_shell.d_res_low                   1.94 
_reflns_shell.meanI_over_sigI_all         ? 
_reflns_shell.meanI_over_sigI_obs         2.1 
_reflns_shell.number_measured_all         ? 
_reflns_shell.number_measured_obs         ? 
_reflns_shell.number_possible             ? 
_reflns_shell.number_unique_all           ? 
_reflns_shell.number_unique_obs           948 
_reflns_shell.percent_possible_all        100 
_reflns_shell.percent_possible_obs        ? 
_reflns_shell.Rmerge_F_all                ? 
_reflns_shell.Rmerge_F_obs                ? 
_reflns_shell.Rmerge_I_all                ? 
_reflns_shell.Rmerge_I_obs                2.746 
_reflns_shell.meanI_over_sigI_gt          ? 
_reflns_shell.meanI_over_uI_all           ? 
_reflns_shell.meanI_over_uI_gt            ? 
_reflns_shell.number_measured_gt          ? 
_reflns_shell.number_unique_gt            ? 
_reflns_shell.percent_possible_gt         ? 
_reflns_shell.Rmerge_F_gt                 ? 
_reflns_shell.Rmerge_I_gt                 ? 
_reflns_shell.pdbx_redundancy             13.2 
_reflns_shell.pdbx_Rsym_value             ? 
_reflns_shell.pdbx_chi_squared            ? 
_reflns_shell.pdbx_netI_over_sigmaI_all   ? 
_reflns_shell.pdbx_netI_over_sigmaI_obs   ? 
_reflns_shell.pdbx_Rrim_I_all             ? 
_reflns_shell.pdbx_Rpim_I_all             ? 
_reflns_shell.pdbx_rejects                ? 
_reflns_shell.pdbx_ordinal                1 
_reflns_shell.pdbx_diffrn_id              1 
_reflns_shell.pdbx_CC_half                0.790 
_reflns_shell.pdbx_R_split                ? 
# 
_refine.aniso_B[1][1]                            -1.03 
_refine.aniso_B[1][2]                            0.00 
_refine.aniso_B[1][3]                            0.00 
_refine.aniso_B[2][2]                            -1.63 
_refine.aniso_B[2][3]                            0.00 
_refine.aniso_B[3][3]                            2.66 
_refine.B_iso_max                                ? 
_refine.B_iso_mean                               32.296 
_refine.B_iso_min                                ? 
_refine.correlation_coeff_Fo_to_Fc               0.957 
_refine.correlation_coeff_Fo_to_Fc_free          0.936 
_refine.details                                  ? 
_refine.diff_density_max                         ? 
_refine.diff_density_max_esd                     ? 
_refine.diff_density_min                         ? 
_refine.diff_density_min_esd                     ? 
_refine.diff_density_rms                         ? 
_refine.diff_density_rms_esd                     ? 
_refine.entry_id                                 6AKQ 
_refine.pdbx_refine_id                           'X-RAY DIFFRACTION' 
_refine.ls_abs_structure_details                 ? 
_refine.ls_abs_structure_Flack                   ? 
_refine.ls_abs_structure_Flack_esd               ? 
_refine.ls_abs_structure_Rogers                  ? 
_refine.ls_abs_structure_Rogers_esd              ? 
_refine.ls_d_res_high                            1.90 
_refine.ls_d_res_low                             42.75 
_refine.ls_extinction_coef                       ? 
_refine.ls_extinction_coef_esd                   ? 
_refine.ls_extinction_expression                 ? 
_refine.ls_extinction_method                     ? 
_refine.ls_goodness_of_fit_all                   ? 
_refine.ls_goodness_of_fit_all_esd               ? 
_refine.ls_goodness_of_fit_obs                   ? 
_refine.ls_goodness_of_fit_obs_esd               ? 
_refine.ls_hydrogen_treatment                    ? 
_refine.ls_matrix_type                           ? 
_refine.ls_number_constraints                    ? 
_refine.ls_number_parameters                     ? 
_refine.ls_number_reflns_all                     ? 
_refine.ls_number_reflns_obs                     14388 
_refine.ls_number_reflns_R_free                  717 
_refine.ls_number_reflns_R_work                  ? 
_refine.ls_number_restraints                     ? 
_refine.ls_percent_reflns_obs                    99.97 
_refine.ls_percent_reflns_R_free                 4.7 
_refine.ls_R_factor_all                          ? 
_refine.ls_R_factor_obs                          0.20270 
_refine.ls_R_factor_R_free                       0.25438 
_refine.ls_R_factor_R_free_error                 ? 
_refine.ls_R_factor_R_free_error_details         ? 
_refine.ls_R_factor_R_work                       0.20009 
_refine.ls_R_Fsqd_factor_obs                     ? 
_refine.ls_R_I_factor_obs                        ? 
_refine.ls_redundancy_reflns_all                 ? 
_refine.ls_redundancy_reflns_obs                 ? 
_refine.ls_restrained_S_all                      ? 
_refine.ls_restrained_S_obs                      ? 
_refine.ls_shift_over_esd_max                    ? 
_refine.ls_shift_over_esd_mean                   ? 
_refine.ls_structure_factor_coef                 ? 
_refine.ls_weighting_details                     ? 
_refine.ls_weighting_scheme                      ? 
_refine.ls_wR_factor_all                         ? 
_refine.ls_wR_factor_obs                         ? 
_refine.ls_wR_factor_R_free                      ? 
_refine.ls_wR_factor_R_work                      ? 
_refine.occupancy_max                            ? 
_refine.occupancy_min                            ? 
_refine.solvent_model_details                    MASK 
_refine.solvent_model_param_bsol                 ? 
_refine.solvent_model_param_ksol                 ? 
_refine.ls_R_factor_gt                           ? 
_refine.ls_goodness_of_fit_gt                    ? 
_refine.ls_goodness_of_fit_ref                   ? 
_refine.ls_shift_over_su_max                     ? 
_refine.ls_shift_over_su_max_lt                  ? 
_refine.ls_shift_over_su_mean                    ? 
_refine.ls_shift_over_su_mean_lt                 ? 
_refine.pdbx_ls_sigma_I                          ? 
_refine.pdbx_ls_sigma_F                          ? 
_refine.pdbx_ls_sigma_Fsqd                       ? 
_refine.pdbx_data_cutoff_high_absF               ? 
_refine.pdbx_data_cutoff_high_rms_absF           ? 
_refine.pdbx_data_cutoff_low_absF                ? 
_refine.pdbx_isotropic_thermal_model             ? 
_refine.pdbx_ls_cross_valid_method               THROUGHOUT 
_refine.pdbx_method_to_determine_struct          'MOLECULAR REPLACEMENT' 
_refine.pdbx_starting_model                      3wkl 
_refine.pdbx_stereochemistry_target_values       'MAXIMUM LIKELIHOOD' 
_refine.pdbx_R_Free_selection_details            RANDOM 
_refine.pdbx_stereochem_target_val_spec_case     ? 
_refine.pdbx_overall_ESU_R                       0.171 
_refine.pdbx_overall_ESU_R_Free                  0.163 
_refine.pdbx_solvent_vdw_probe_radii             1.20 
_refine.pdbx_solvent_ion_probe_radii             0.80 
_refine.pdbx_solvent_shrinkage_radii             0.80 
_refine.pdbx_real_space_R                        ? 
_refine.pdbx_density_correlation                 ? 
_refine.pdbx_pd_number_of_powder_patterns        ? 
_refine.pdbx_pd_number_of_points                 ? 
_refine.pdbx_pd_meas_number_of_points            ? 
_refine.pdbx_pd_proc_ls_prof_R_factor            ? 
_refine.pdbx_pd_proc_ls_prof_wR_factor           ? 
_refine.pdbx_pd_Marquardt_correlation_coeff      ? 
_refine.pdbx_pd_Fsqrd_R_factor                   ? 
_refine.pdbx_pd_ls_matrix_band_width             ? 
_refine.pdbx_overall_phase_error                 ? 
_refine.pdbx_overall_SU_R_free_Cruickshank_DPI   ? 
_refine.pdbx_overall_SU_R_free_Blow_DPI          ? 
_refine.pdbx_overall_SU_R_Blow_DPI               ? 
_refine.pdbx_TLS_residual_ADP_flag               ? 
_refine.pdbx_diffrn_id                           1 
_refine.overall_SU_B                             4.319 
_refine.overall_SU_ML                            0.122 
_refine.overall_SU_R_Cruickshank_DPI             ? 
_refine.overall_SU_R_free                        ? 
_refine.overall_FOM_free_R_set                   ? 
_refine.overall_FOM_work_R_set                   ? 
_refine.pdbx_average_fsc_overall                 ? 
_refine.pdbx_average_fsc_work                    ? 
_refine.pdbx_average_fsc_free                    ? 
# 
_refine_hist.pdbx_refine_id                   'X-RAY DIFFRACTION' 
_refine_hist.cycle_id                         1 
_refine_hist.pdbx_number_atoms_protein        1447 
_refine_hist.pdbx_number_atoms_nucleic_acid   0 
_refine_hist.pdbx_number_atoms_ligand         0 
_refine_hist.number_atoms_solvent             99 
_refine_hist.number_atoms_total               1546 
_refine_hist.d_res_high                       1.90 
_refine_hist.d_res_low                        42.75 
# 
loop_
_refine_ls_restr.pdbx_refine_id 
_refine_ls_restr.criterion 
_refine_ls_restr.dev_ideal 
_refine_ls_restr.dev_ideal_target 
_refine_ls_restr.number 
_refine_ls_restr.rejects 
_refine_ls_restr.type 
_refine_ls_restr.weight 
_refine_ls_restr.pdbx_restraint_function 
'X-RAY DIFFRACTION' ? 0.008  0.012  1513 ? r_bond_refined_d             ? ? 
'X-RAY DIFFRACTION' ? ?      ?      ?    ? r_bond_other_d               ? ? 
'X-RAY DIFFRACTION' ? 1.671  1.657  2054 ? r_angle_refined_deg          ? ? 
'X-RAY DIFFRACTION' ? ?      ?      ?    ? r_angle_other_deg            ? ? 
'X-RAY DIFFRACTION' ? 5.890  4.912  204  ? r_dihedral_angle_1_deg       ? ? 
'X-RAY DIFFRACTION' ? 33.585 23.175 63   ? r_dihedral_angle_2_deg       ? ? 
'X-RAY DIFFRACTION' ? 17.160 15.000 302  ? r_dihedral_angle_3_deg       ? ? 
'X-RAY DIFFRACTION' ? 16.694 15.000 8    ? r_dihedral_angle_4_deg       ? ? 
'X-RAY DIFFRACTION' ? 0.106  0.200  199  ? r_chiral_restr               ? ? 
'X-RAY DIFFRACTION' ? 0.009  0.020  1108 ? r_gen_planes_refined         ? ? 
'X-RAY DIFFRACTION' ? ?      ?      ?    ? r_gen_planes_other           ? ? 
'X-RAY DIFFRACTION' ? ?      ?      ?    ? r_nbd_refined                ? ? 
'X-RAY DIFFRACTION' ? ?      ?      ?    ? r_nbd_other                  ? ? 
'X-RAY DIFFRACTION' ? ?      ?      ?    ? r_nbtor_refined              ? ? 
'X-RAY DIFFRACTION' ? ?      ?      ?    ? r_nbtor_other                ? ? 
'X-RAY DIFFRACTION' ? ?      ?      ?    ? r_xyhbond_nbd_refined        ? ? 
'X-RAY DIFFRACTION' ? ?      ?      ?    ? r_xyhbond_nbd_other          ? ? 
'X-RAY DIFFRACTION' ? ?      ?      ?    ? r_metal_ion_refined          ? ? 
'X-RAY DIFFRACTION' ? ?      ?      ?    ? r_metal_ion_other            ? ? 
'X-RAY DIFFRACTION' ? ?      ?      ?    ? r_symmetry_vdw_refined       ? ? 
'X-RAY DIFFRACTION' ? ?      ?      ?    ? r_symmetry_vdw_other         ? ? 
'X-RAY DIFFRACTION' ? ?      ?      ?    ? r_symmetry_hbond_refined     ? ? 
'X-RAY DIFFRACTION' ? ?      ?      ?    ? r_symmetry_hbond_other       ? ? 
'X-RAY DIFFRACTION' ? ?      ?      ?    ? r_symmetry_metal_ion_refined ? ? 
'X-RAY DIFFRACTION' ? ?      ?      ?    ? r_symmetry_metal_ion_other   ? ? 
'X-RAY DIFFRACTION' ? 2.730  2.896  752  ? r_mcbond_it                  ? ? 
'X-RAY DIFFRACTION' ? ?      ?      ?    ? r_mcbond_other               ? ? 
'X-RAY DIFFRACTION' ? 3.876  4.316  941  ? r_mcangle_it                 ? ? 
'X-RAY DIFFRACTION' ? ?      ?      ?    ? r_mcangle_other              ? ? 
'X-RAY DIFFRACTION' ? 4.126  3.375  761  ? r_scbond_it                  ? ? 
'X-RAY DIFFRACTION' ? ?      ?      ?    ? r_scbond_other               ? ? 
'X-RAY DIFFRACTION' ? ?      ?      ?    ? r_scangle_it                 ? ? 
'X-RAY DIFFRACTION' ? ?      ?      ?    ? r_scangle_other              ? ? 
'X-RAY DIFFRACTION' ? 7.350  40.301 2269 ? r_long_range_B_refined       ? ? 
'X-RAY DIFFRACTION' ? ?      ?      ?    ? r_long_range_B_other         ? ? 
'X-RAY DIFFRACTION' ? ?      ?      ?    ? r_rigid_bond_restr           ? ? 
'X-RAY DIFFRACTION' ? ?      ?      ?    ? r_sphericity_free            ? ? 
'X-RAY DIFFRACTION' ? ?      ?      ?    ? r_sphericity_bonded          ? ? 
# 
_refine_ls_shell.pdbx_refine_id                   'X-RAY DIFFRACTION' 
_refine_ls_shell.d_res_high                       1.900 
_refine_ls_shell.d_res_low                        1.949 
_refine_ls_shell.number_reflns_all                ? 
_refine_ls_shell.number_reflns_obs                ? 
_refine_ls_shell.number_reflns_R_free             51 
_refine_ls_shell.number_reflns_R_work             1037 
_refine_ls_shell.percent_reflns_obs               100.00 
_refine_ls_shell.percent_reflns_R_free            ? 
_refine_ls_shell.R_factor_all                     ? 
_refine_ls_shell.R_factor_obs                     ? 
_refine_ls_shell.R_factor_R_free                  0.395 
_refine_ls_shell.R_factor_R_free_error            ? 
_refine_ls_shell.R_factor_R_work                  0.286 
_refine_ls_shell.redundancy_reflns_all            ? 
_refine_ls_shell.redundancy_reflns_obs            ? 
_refine_ls_shell.wR_factor_all                    ? 
_refine_ls_shell.wR_factor_obs                    ? 
_refine_ls_shell.wR_factor_R_free                 ? 
_refine_ls_shell.wR_factor_R_work                 ? 
_refine_ls_shell.pdbx_total_number_of_bins_used   20 
_refine_ls_shell.pdbx_phase_error                 ? 
_refine_ls_shell.pdbx_fsc_work                    ? 
_refine_ls_shell.pdbx_fsc_free                    ? 
# 
_struct.entry_id                     6AKQ 
_struct.title                        
'The PDZ tandem fragment of A. aeolicus S2P homolog with the PA12 tag inserted between the residues 263 and 267' 
_struct.pdbx_model_details           ? 
_struct.pdbx_formula_weight          ? 
_struct.pdbx_formula_weight_method   ? 
_struct.pdbx_model_type_details      ? 
_struct.pdbx_CASP_flag               N 
# 
_struct_keywords.entry_id        6AKQ 
_struct_keywords.text            'protease, SIGNALING PROTEIN' 
_struct_keywords.pdbx_keywords   'SIGNALING PROTEIN' 
# 
loop_
_struct_asym.id 
_struct_asym.pdbx_blank_PDB_chainid_flag 
_struct_asym.pdbx_modified 
_struct_asym.entity_id 
_struct_asym.details 
A N N 1 ? 
B N N 2 ? 
# 
loop_
_struct_ref.id 
_struct_ref.db_name 
_struct_ref.db_code 
_struct_ref.pdbx_db_accession 
_struct_ref.pdbx_db_isoform 
_struct_ref.entity_id 
_struct_ref.pdbx_seq_one_letter_code 
_struct_ref.pdbx_align_begin 
1 UNP Y1964_AQUAE O67776 ? 1 
;EVPKYLKEPVVVGYVQRDSIAQKIGIKPGDKIIKINGYEVRTWEDLRDALIRLSLDGVKETTLFLERNGEVLHLTIKVPN
VQKGEELGIAPLVKPVVGGVKKGSPADQVGIKPGDLILEVNGKKINTWYELVEEVRKSQGKAIKLKILR
;
115 
2 UNP Y1964_AQUAE O67776 ? 1 MIEKELIPAKDPKTGTYFIGLFPKTE 267 
# 
loop_
_struct_ref_seq.align_id 
_struct_ref_seq.ref_id 
_struct_ref_seq.pdbx_PDB_id_code 
_struct_ref_seq.pdbx_strand_id 
_struct_ref_seq.seq_align_beg 
_struct_ref_seq.pdbx_seq_align_beg_ins_code 
_struct_ref_seq.seq_align_end 
_struct_ref_seq.pdbx_seq_align_end_ins_code 
_struct_ref_seq.pdbx_db_accession 
_struct_ref_seq.db_align_beg 
_struct_ref_seq.pdbx_db_align_beg_ins_code 
_struct_ref_seq.db_align_end 
_struct_ref_seq.pdbx_db_align_end_ins_code 
_struct_ref_seq.pdbx_auth_seq_align_beg 
_struct_ref_seq.pdbx_auth_seq_align_end 
1 1 6AKQ A 3   ? 151 ? O67776 115 ? 263 ? 115 263 
2 2 6AKQ A 164 ? 189 ? O67776 267 ? 292 ? 267 292 
# 
loop_
_struct_ref_seq_dif.align_id 
_struct_ref_seq_dif.pdbx_pdb_id_code 
_struct_ref_seq_dif.mon_id 
_struct_ref_seq_dif.pdbx_pdb_strand_id 
_struct_ref_seq_dif.seq_num 
_struct_ref_seq_dif.pdbx_pdb_ins_code 
_struct_ref_seq_dif.pdbx_seq_db_name 
_struct_ref_seq_dif.pdbx_seq_db_accession_code 
_struct_ref_seq_dif.db_mon_id 
_struct_ref_seq_dif.pdbx_seq_db_seq_num 
_struct_ref_seq_dif.details 
_struct_ref_seq_dif.pdbx_auth_seq_num 
_struct_ref_seq_dif.pdbx_ordinal 
1 6AKQ GLY A 1   ? UNP O67776 ? ? 'expression tag'       113 1  
1 6AKQ SER A 2   ? UNP O67776 ? ? 'expression tag'       114 2  
1 6AKQ GLY A 152 A UNP O67776 ? ? 'see sequence details' 263 3  
1 6AKQ VAL A 153 B UNP O67776 ? ? 'see sequence details' 263 4  
1 6AKQ ALA A 154 C UNP O67776 ? ? 'see sequence details' 263 5  
1 6AKQ MET A 155 D UNP O67776 ? ? 'see sequence details' 263 6  
1 6AKQ PRO A 156 E UNP O67776 ? ? 'see sequence details' 263 7  
1 6AKQ GLY A 157 F UNP O67776 ? ? 'see sequence details' 263 8  
1 6AKQ ALA A 158 G UNP O67776 ? ? 'see sequence details' 263 9  
1 6AKQ GLU A 159 H UNP O67776 ? ? 'see sequence details' 263 10 
1 6AKQ ASP A 160 I UNP O67776 ? ? 'see sequence details' 263 11 
1 6AKQ ASP A 161 J UNP O67776 ? ? 'see sequence details' 263 12 
1 6AKQ VAL A 162 K UNP O67776 ? ? 'see sequence details' 263 13 
1 6AKQ VAL A 163 L UNP O67776 ? ? 'see sequence details' 263 14 
# 
_pdbx_struct_assembly.id                   1 
_pdbx_struct_assembly.details              author_defined_assembly 
_pdbx_struct_assembly.method_details       ? 
_pdbx_struct_assembly.oligomeric_details   monomeric 
_pdbx_struct_assembly.oligomeric_count     1 
# 
loop_
_pdbx_struct_assembly_prop.biol_id 
_pdbx_struct_assembly_prop.type 
_pdbx_struct_assembly_prop.value 
_pdbx_struct_assembly_prop.details 
1 'ABSA (A^2)' 260   ? 
1 MORE         1     ? 
1 'SSA (A^2)'  11110 ? 
# 
_pdbx_struct_assembly_gen.assembly_id       1 
_pdbx_struct_assembly_gen.oper_expression   1 
_pdbx_struct_assembly_gen.asym_id_list      A,B 
# 
_pdbx_struct_assembly_auth_evidence.id                     1 
_pdbx_struct_assembly_auth_evidence.assembly_id            1 
_pdbx_struct_assembly_auth_evidence.experimental_support   'gel filtration' 
_pdbx_struct_assembly_auth_evidence.details                ? 
# 
_pdbx_struct_oper_list.id                   1 
_pdbx_struct_oper_list.type                 'identity operation' 
_pdbx_struct_oper_list.name                 1_555 
_pdbx_struct_oper_list.symmetry_operation   x,y,z 
_pdbx_struct_oper_list.matrix[1][1]         1.0000000000 
_pdbx_struct_oper_list.matrix[1][2]         0.0000000000 
_pdbx_struct_oper_list.matrix[1][3]         0.0000000000 
_pdbx_struct_oper_list.vector[1]            0.0000000000 
_pdbx_struct_oper_list.matrix[2][1]         0.0000000000 
_pdbx_struct_oper_list.matrix[2][2]         1.0000000000 
_pdbx_struct_oper_list.matrix[2][3]         0.0000000000 
_pdbx_struct_oper_list.vector[2]            0.0000000000 
_pdbx_struct_oper_list.matrix[3][1]         0.0000000000 
_pdbx_struct_oper_list.matrix[3][2]         0.0000000000 
_pdbx_struct_oper_list.matrix[3][3]         1.0000000000 
_pdbx_struct_oper_list.vector[3]            0.0000000000 
# 
loop_
_struct_conf.conf_type_id 
_struct_conf.id 
_struct_conf.pdbx_PDB_helix_id 
_struct_conf.beg_label_comp_id 
_struct_conf.beg_label_asym_id 
_struct_conf.beg_label_seq_id 
_struct_conf.pdbx_beg_PDB_ins_code 
_struct_conf.end_label_comp_id 
_struct_conf.end_label_asym_id 
_struct_conf.end_label_seq_id 
_struct_conf.pdbx_end_PDB_ins_code 
_struct_conf.beg_auth_comp_id 
_struct_conf.beg_auth_asym_id 
_struct_conf.beg_auth_seq_id 
_struct_conf.end_auth_comp_id 
_struct_conf.end_auth_asym_id 
_struct_conf.end_auth_seq_id 
_struct_conf.pdbx_PDB_helix_class 
_struct_conf.details 
_struct_conf.pdbx_PDB_helix_length 
HELX_P HELX_P1 AA1 PRO A 5   ? GLU A 10  ? PRO A 117 GLU A 122 5 ? 6  
HELX_P HELX_P2 AA2 SER A 21  ? GLY A 27  ? SER A 133 GLY A 139 1 ? 7  
HELX_P HELX_P3 AA3 THR A 44  ? ASP A 58  ? THR A 156 ASP A 170 1 ? 15 
HELX_P HELX_P4 AA4 ASN A 82  ? GLY A 86  ? ASN A 194 GLY A 198 5 ? 5  
HELX_P HELX_P5 AA5 SER A 106 ? VAL A 111 ? SER A 218 VAL A 223 1 ? 6  
HELX_P HELX_P6 AA6 THR A 129 ? LYS A 139 ? THR A 241 LYS A 251 1 ? 11 
# 
_struct_conf_type.id          HELX_P 
_struct_conf_type.criteria    ? 
_struct_conf_type.reference   ? 
# 
loop_
_struct_conn.id 
_struct_conn.conn_type_id 
_struct_conn.pdbx_leaving_atom_flag 
_struct_conn.pdbx_PDB_id 
_struct_conn.ptnr1_label_asym_id 
_struct_conn.ptnr1_label_comp_id 
_struct_conn.ptnr1_label_seq_id 
_struct_conn.ptnr1_label_atom_id 
_struct_conn.pdbx_ptnr1_label_alt_id 
_struct_conn.pdbx_ptnr1_PDB_ins_code 
_struct_conn.pdbx_ptnr1_standard_comp_id 
_struct_conn.ptnr1_symmetry 
_struct_conn.ptnr2_label_asym_id 
_struct_conn.ptnr2_label_comp_id 
_struct_conn.ptnr2_label_seq_id 
_struct_conn.ptnr2_label_atom_id 
_struct_conn.pdbx_ptnr2_label_alt_id 
_struct_conn.pdbx_ptnr2_PDB_ins_code 
_struct_conn.ptnr1_auth_asym_id 
_struct_conn.ptnr1_auth_comp_id 
_struct_conn.ptnr1_auth_seq_id 
_struct_conn.ptnr2_auth_asym_id 
_struct_conn.ptnr2_auth_comp_id 
_struct_conn.ptnr2_auth_seq_id 
_struct_conn.ptnr2_symmetry 
_struct_conn.pdbx_ptnr3_label_atom_id 
_struct_conn.pdbx_ptnr3_label_seq_id 
_struct_conn.pdbx_ptnr3_label_comp_id 
_struct_conn.pdbx_ptnr3_label_asym_id 
_struct_conn.pdbx_ptnr3_label_alt_id 
_struct_conn.pdbx_ptnr3_PDB_ins_code 
_struct_conn.details 
_struct_conn.pdbx_dist_value 
_struct_conn.pdbx_value_order 
_struct_conn.pdbx_role 
covale1 covale both ? A ILE 37 C  ? ? ? 1_555 A SNN 38 N  ? ? A ILE 149 A SNN 150 1_555 ? ? ? ? ? ? ? 1.319 ? ? 
covale2 covale none ? A SNN 38 N1 ? ? ? 1_555 A GLY 39 CA ? ? A SNN 150 A GLY 151 1_555 ? ? ? ? ? ? ? 1.467 ? ? 
# 
_struct_conn_type.id          covale 
_struct_conn_type.criteria    ? 
_struct_conn_type.reference   ? 
# 
loop_
_pdbx_modification_feature.ordinal 
_pdbx_modification_feature.label_comp_id 
_pdbx_modification_feature.label_asym_id 
_pdbx_modification_feature.label_seq_id 
_pdbx_modification_feature.label_alt_id 
_pdbx_modification_feature.modified_residue_label_comp_id 
_pdbx_modification_feature.modified_residue_label_asym_id 
_pdbx_modification_feature.modified_residue_label_seq_id 
_pdbx_modification_feature.modified_residue_label_alt_id 
_pdbx_modification_feature.auth_comp_id 
_pdbx_modification_feature.auth_asym_id 
_pdbx_modification_feature.auth_seq_id 
_pdbx_modification_feature.PDB_ins_code 
_pdbx_modification_feature.symmetry 
_pdbx_modification_feature.modified_residue_auth_comp_id 
_pdbx_modification_feature.modified_residue_auth_asym_id 
_pdbx_modification_feature.modified_residue_auth_seq_id 
_pdbx_modification_feature.modified_residue_PDB_ins_code 
_pdbx_modification_feature.modified_residue_symmetry 
_pdbx_modification_feature.comp_id_linking_atom 
_pdbx_modification_feature.modified_residue_id_linking_atom 
_pdbx_modification_feature.modified_residue_id 
_pdbx_modification_feature.ref_pcm_id 
_pdbx_modification_feature.ref_comp_id 
_pdbx_modification_feature.type 
_pdbx_modification_feature.category 
1 SNN A 38 ? .   . .  . SNN A 150 ? 1_555 .   . .   . .     .  .  ASN 1 SNN 'Succinamide ring' 'Named protein modification' 
2 SNN A 38 ? GLY A 39 ? SNN A 150 ? 1_555 GLY A 151 ? 1_555 N1 CA .   . .   None               'Non-standard linkage'       
# 
loop_
_struct_sheet.id 
_struct_sheet.type 
_struct_sheet.number_strands 
_struct_sheet.details 
AA1 ? 4 ? 
AA2 ? 2 ? 
AA3 ? 2 ? 
AA4 ? 4 ? 
AA5 ? 2 ? 
# 
loop_
_struct_sheet_order.sheet_id 
_struct_sheet_order.range_id_1 
_struct_sheet_order.range_id_2 
_struct_sheet_order.offset 
_struct_sheet_order.sense 
AA1 1 2 ? anti-parallel 
AA1 2 3 ? anti-parallel 
AA1 3 4 ? anti-parallel 
AA2 1 2 ? anti-parallel 
AA3 1 2 ? anti-parallel 
AA4 1 2 ? anti-parallel 
AA4 2 3 ? anti-parallel 
AA4 3 4 ? anti-parallel 
AA5 1 2 ? anti-parallel 
# 
loop_
_struct_sheet_range.sheet_id 
_struct_sheet_range.id 
_struct_sheet_range.beg_label_comp_id 
_struct_sheet_range.beg_label_asym_id 
_struct_sheet_range.beg_label_seq_id 
_struct_sheet_range.pdbx_beg_PDB_ins_code 
_struct_sheet_range.end_label_comp_id 
_struct_sheet_range.end_label_asym_id 
_struct_sheet_range.end_label_seq_id 
_struct_sheet_range.pdbx_end_PDB_ins_code 
_struct_sheet_range.beg_auth_comp_id 
_struct_sheet_range.beg_auth_asym_id 
_struct_sheet_range.beg_auth_seq_id 
_struct_sheet_range.end_auth_comp_id 
_struct_sheet_range.end_auth_asym_id 
_struct_sheet_range.end_auth_seq_id 
AA1 1 VAL A 12  ? VAL A 13  ? VAL A 124 VAL A 125 
AA1 2 LYS A 33  ? LYS A 36  ? LYS A 145 LYS A 148 
AA1 3 GLU A 62  ? ARG A 69  ? GLU A 174 ARG A 181 
AA1 4 GLU A 72  ? LYS A 79  ? GLU A 184 LYS A 191 
AA2 1 TYR A 16  ? VAL A 17  ? TYR A 128 VAL A 129 
AA2 2 ILE A 91  ? ALA A 92  ? ILE A 203 ALA A 204 
AA3 1 VAL A 99  ? VAL A 102 ? VAL A 211 VAL A 214 
AA3 2 LEU A 184 ? PRO A 186 ? LEU A 287 PRO A 289 
AA4 1 LYS A 125 ? LYS A 126 ? LYS A 237 LYS A 238 
AA4 2 LEU A 118 ? VAL A 122 ? LEU A 230 VAL A 234 
AA4 3 ILE A 145 ? MET A 155 D ILE A 257 MET A 263 
AA4 4 ALA A 158 G LEU A 169 ? ALA A 263 LEU A 272 
AA5 1 ALA A 172 ? LYS A 173 ? ALA A 275 LYS A 276 
AA5 2 TYR A 180 ? PHE A 181 ? TYR A 283 PHE A 284 
# 
loop_
_pdbx_struct_sheet_hbond.sheet_id 
_pdbx_struct_sheet_hbond.range_id_1 
_pdbx_struct_sheet_hbond.range_id_2 
_pdbx_struct_sheet_hbond.range_1_label_atom_id 
_pdbx_struct_sheet_hbond.range_1_label_comp_id 
_pdbx_struct_sheet_hbond.range_1_label_asym_id 
_pdbx_struct_sheet_hbond.range_1_label_seq_id 
_pdbx_struct_sheet_hbond.range_1_PDB_ins_code 
_pdbx_struct_sheet_hbond.range_1_auth_atom_id 
_pdbx_struct_sheet_hbond.range_1_auth_comp_id 
_pdbx_struct_sheet_hbond.range_1_auth_asym_id 
_pdbx_struct_sheet_hbond.range_1_auth_seq_id 
_pdbx_struct_sheet_hbond.range_2_label_atom_id 
_pdbx_struct_sheet_hbond.range_2_label_comp_id 
_pdbx_struct_sheet_hbond.range_2_label_asym_id 
_pdbx_struct_sheet_hbond.range_2_label_seq_id 
_pdbx_struct_sheet_hbond.range_2_PDB_ins_code 
_pdbx_struct_sheet_hbond.range_2_auth_atom_id 
_pdbx_struct_sheet_hbond.range_2_auth_comp_id 
_pdbx_struct_sheet_hbond.range_2_auth_asym_id 
_pdbx_struct_sheet_hbond.range_2_auth_seq_id 
AA1 1 2 N VAL A 12  ? N VAL A 124 O ILE A 34  ? O ILE A 146 
AA1 2 3 N LYS A 36  ? N LYS A 148 O PHE A 66  ? O PHE A 178 
AA1 3 4 N THR A 63  ? N THR A 175 O ILE A 78  ? O ILE A 190 
AA2 1 2 N TYR A 16  ? N TYR A 128 O ALA A 92  ? O ALA A 204 
AA3 1 2 N GLY A 100 ? N GLY A 212 O PHE A 185 ? O PHE A 288 
AA4 1 2 O LYS A 125 ? O LYS A 237 N VAL A 122 ? N VAL A 234 
AA4 2 3 N LEU A 118 ? N LEU A 230 O LEU A 150 ? O LEU A 262 
AA4 3 4 N VAL A 153 B N VAL A 263 O ASP A 161 J O ASP A 263 
AA5 1 2 N ALA A 172 ? N ALA A 275 O PHE A 181 ? O PHE A 284 
# 
_pdbx_entry_details.compound_details           ? 
_pdbx_entry_details.entry_id                   6AKQ 
_pdbx_entry_details.nonpolymer_details         ? 
_pdbx_entry_details.sequence_details           
;Authors state that three residues of the host protein, that is 264, 265, and 266, were deleted and 12 residues, GVAMPGAEDDVV, were inserted in place of them.
;
_pdbx_entry_details.source_details             ? 
_pdbx_entry_details.has_ligand_of_interest     ? 
_pdbx_entry_details.has_protein_modification   Y 
# 
_pdbx_validate_torsion.id              1 
_pdbx_validate_torsion.PDB_model_num   1 
_pdbx_validate_torsion.auth_comp_id    PRO 
_pdbx_validate_torsion.auth_asym_id    A 
_pdbx_validate_torsion.auth_seq_id     263 
_pdbx_validate_torsion.PDB_ins_code    E 
_pdbx_validate_torsion.label_alt_id    ? 
_pdbx_validate_torsion.phi             -39.72 
_pdbx_validate_torsion.psi             116.08 
# 
_pdbx_struct_mod_residue.id               1 
_pdbx_struct_mod_residue.label_asym_id    A 
_pdbx_struct_mod_residue.label_comp_id    SNN 
_pdbx_struct_mod_residue.label_seq_id     38 
_pdbx_struct_mod_residue.auth_asym_id     A 
_pdbx_struct_mod_residue.auth_comp_id     SNN 
_pdbx_struct_mod_residue.auth_seq_id      150 
_pdbx_struct_mod_residue.PDB_ins_code     ? 
_pdbx_struct_mod_residue.parent_comp_id   ASN 
_pdbx_struct_mod_residue.details          'modified residue' 
# 
loop_
_pdbx_unobs_or_zero_occ_residues.id 
_pdbx_unobs_or_zero_occ_residues.PDB_model_num 
_pdbx_unobs_or_zero_occ_residues.polymer_flag 
_pdbx_unobs_or_zero_occ_residues.occupancy_flag 
_pdbx_unobs_or_zero_occ_residues.auth_asym_id 
_pdbx_unobs_or_zero_occ_residues.auth_comp_id 
_pdbx_unobs_or_zero_occ_residues.auth_seq_id 
_pdbx_unobs_or_zero_occ_residues.PDB_ins_code 
_pdbx_unobs_or_zero_occ_residues.label_asym_id 
_pdbx_unobs_or_zero_occ_residues.label_comp_id 
_pdbx_unobs_or_zero_occ_residues.label_seq_id 
1 1 Y 1 A GLY 113 ? A GLY 1 
2 1 Y 1 A SER 114 ? A SER 2 
3 1 Y 1 A GLU 115 ? A GLU 3 
# 
loop_
_chem_comp_atom.comp_id 
_chem_comp_atom.atom_id 
_chem_comp_atom.type_symbol 
_chem_comp_atom.pdbx_aromatic_flag 
_chem_comp_atom.pdbx_stereo_config 
_chem_comp_atom.pdbx_ordinal 
ALA N    N N N 1   
ALA CA   C N S 2   
ALA C    C N N 3   
ALA O    O N N 4   
ALA CB   C N N 5   
ALA OXT  O N N 6   
ALA H    H N N 7   
ALA H2   H N N 8   
ALA HA   H N N 9   
ALA HB1  H N N 10  
ALA HB2  H N N 11  
ALA HB3  H N N 12  
ALA HXT  H N N 13  
ARG N    N N N 14  
ARG CA   C N S 15  
ARG C    C N N 16  
ARG O    O N N 17  
ARG CB   C N N 18  
ARG CG   C N N 19  
ARG CD   C N N 20  
ARG NE   N N N 21  
ARG CZ   C N N 22  
ARG NH1  N N N 23  
ARG NH2  N N N 24  
ARG OXT  O N N 25  
ARG H    H N N 26  
ARG H2   H N N 27  
ARG HA   H N N 28  
ARG HB2  H N N 29  
ARG HB3  H N N 30  
ARG HG2  H N N 31  
ARG HG3  H N N 32  
ARG HD2  H N N 33  
ARG HD3  H N N 34  
ARG HE   H N N 35  
ARG HH11 H N N 36  
ARG HH12 H N N 37  
ARG HH21 H N N 38  
ARG HH22 H N N 39  
ARG HXT  H N N 40  
ASN N    N N N 41  
ASN CA   C N S 42  
ASN C    C N N 43  
ASN O    O N N 44  
ASN CB   C N N 45  
ASN CG   C N N 46  
ASN OD1  O N N 47  
ASN ND2  N N N 48  
ASN OXT  O N N 49  
ASN H    H N N 50  
ASN H2   H N N 51  
ASN HA   H N N 52  
ASN HB2  H N N 53  
ASN HB3  H N N 54  
ASN HD21 H N N 55  
ASN HD22 H N N 56  
ASN HXT  H N N 57  
ASP N    N N N 58  
ASP CA   C N S 59  
ASP C    C N N 60  
ASP O    O N N 61  
ASP CB   C N N 62  
ASP CG   C N N 63  
ASP OD1  O N N 64  
ASP OD2  O N N 65  
ASP OXT  O N N 66  
ASP H    H N N 67  
ASP H2   H N N 68  
ASP HA   H N N 69  
ASP HB2  H N N 70  
ASP HB3  H N N 71  
ASP HD2  H N N 72  
ASP HXT  H N N 73  
GLN N    N N N 74  
GLN CA   C N S 75  
GLN C    C N N 76  
GLN O    O N N 77  
GLN CB   C N N 78  
GLN CG   C N N 79  
GLN CD   C N N 80  
GLN OE1  O N N 81  
GLN NE2  N N N 82  
GLN OXT  O N N 83  
GLN H    H N N 84  
GLN H2   H N N 85  
GLN HA   H N N 86  
GLN HB2  H N N 87  
GLN HB3  H N N 88  
GLN HG2  H N N 89  
GLN HG3  H N N 90  
GLN HE21 H N N 91  
GLN HE22 H N N 92  
GLN HXT  H N N 93  
GLU N    N N N 94  
GLU CA   C N S 95  
GLU C    C N N 96  
GLU O    O N N 97  
GLU CB   C N N 98  
GLU CG   C N N 99  
GLU CD   C N N 100 
GLU OE1  O N N 101 
GLU OE2  O N N 102 
GLU OXT  O N N 103 
GLU H    H N N 104 
GLU H2   H N N 105 
GLU HA   H N N 106 
GLU HB2  H N N 107 
GLU HB3  H N N 108 
GLU HG2  H N N 109 
GLU HG3  H N N 110 
GLU HE2  H N N 111 
GLU HXT  H N N 112 
GLY N    N N N 113 
GLY CA   C N N 114 
GLY C    C N N 115 
GLY O    O N N 116 
GLY OXT  O N N 117 
GLY H    H N N 118 
GLY H2   H N N 119 
GLY HA2  H N N 120 
GLY HA3  H N N 121 
GLY HXT  H N N 122 
HIS N    N N N 123 
HIS CA   C N S 124 
HIS C    C N N 125 
HIS O    O N N 126 
HIS CB   C N N 127 
HIS CG   C Y N 128 
HIS ND1  N Y N 129 
HIS CD2  C Y N 130 
HIS CE1  C Y N 131 
HIS NE2  N Y N 132 
HIS OXT  O N N 133 
HIS H    H N N 134 
HIS H2   H N N 135 
HIS HA   H N N 136 
HIS HB2  H N N 137 
HIS HB3  H N N 138 
HIS HD1  H N N 139 
HIS HD2  H N N 140 
HIS HE1  H N N 141 
HIS HE2  H N N 142 
HIS HXT  H N N 143 
HOH O    O N N 144 
HOH H1   H N N 145 
HOH H2   H N N 146 
ILE N    N N N 147 
ILE CA   C N S 148 
ILE C    C N N 149 
ILE O    O N N 150 
ILE CB   C N S 151 
ILE CG1  C N N 152 
ILE CG2  C N N 153 
ILE CD1  C N N 154 
ILE OXT  O N N 155 
ILE H    H N N 156 
ILE H2   H N N 157 
ILE HA   H N N 158 
ILE HB   H N N 159 
ILE HG12 H N N 160 
ILE HG13 H N N 161 
ILE HG21 H N N 162 
ILE HG22 H N N 163 
ILE HG23 H N N 164 
ILE HD11 H N N 165 
ILE HD12 H N N 166 
ILE HD13 H N N 167 
ILE HXT  H N N 168 
LEU N    N N N 169 
LEU CA   C N S 170 
LEU C    C N N 171 
LEU O    O N N 172 
LEU CB   C N N 173 
LEU CG   C N N 174 
LEU CD1  C N N 175 
LEU CD2  C N N 176 
LEU OXT  O N N 177 
LEU H    H N N 178 
LEU H2   H N N 179 
LEU HA   H N N 180 
LEU HB2  H N N 181 
LEU HB3  H N N 182 
LEU HG   H N N 183 
LEU HD11 H N N 184 
LEU HD12 H N N 185 
LEU HD13 H N N 186 
LEU HD21 H N N 187 
LEU HD22 H N N 188 
LEU HD23 H N N 189 
LEU HXT  H N N 190 
LYS N    N N N 191 
LYS CA   C N S 192 
LYS C    C N N 193 
LYS O    O N N 194 
LYS CB   C N N 195 
LYS CG   C N N 196 
LYS CD   C N N 197 
LYS CE   C N N 198 
LYS NZ   N N N 199 
LYS OXT  O N N 200 
LYS H    H N N 201 
LYS H2   H N N 202 
LYS HA   H N N 203 
LYS HB2  H N N 204 
LYS HB3  H N N 205 
LYS HG2  H N N 206 
LYS HG3  H N N 207 
LYS HD2  H N N 208 
LYS HD3  H N N 209 
LYS HE2  H N N 210 
LYS HE3  H N N 211 
LYS HZ1  H N N 212 
LYS HZ2  H N N 213 
LYS HZ3  H N N 214 
LYS HXT  H N N 215 
MET N    N N N 216 
MET CA   C N S 217 
MET C    C N N 218 
MET O    O N N 219 
MET CB   C N N 220 
MET CG   C N N 221 
MET SD   S N N 222 
MET CE   C N N 223 
MET OXT  O N N 224 
MET H    H N N 225 
MET H2   H N N 226 
MET HA   H N N 227 
MET HB2  H N N 228 
MET HB3  H N N 229 
MET HG2  H N N 230 
MET HG3  H N N 231 
MET HE1  H N N 232 
MET HE2  H N N 233 
MET HE3  H N N 234 
MET HXT  H N N 235 
PHE N    N N N 236 
PHE CA   C N S 237 
PHE C    C N N 238 
PHE O    O N N 239 
PHE CB   C N N 240 
PHE CG   C Y N 241 
PHE CD1  C Y N 242 
PHE CD2  C Y N 243 
PHE CE1  C Y N 244 
PHE CE2  C Y N 245 
PHE CZ   C Y N 246 
PHE OXT  O N N 247 
PHE H    H N N 248 
PHE H2   H N N 249 
PHE HA   H N N 250 
PHE HB2  H N N 251 
PHE HB3  H N N 252 
PHE HD1  H N N 253 
PHE HD2  H N N 254 
PHE HE1  H N N 255 
PHE HE2  H N N 256 
PHE HZ   H N N 257 
PHE HXT  H N N 258 
PRO N    N N N 259 
PRO CA   C N S 260 
PRO C    C N N 261 
PRO O    O N N 262 
PRO CB   C N N 263 
PRO CG   C N N 264 
PRO CD   C N N 265 
PRO OXT  O N N 266 
PRO H    H N N 267 
PRO HA   H N N 268 
PRO HB2  H N N 269 
PRO HB3  H N N 270 
PRO HG2  H N N 271 
PRO HG3  H N N 272 
PRO HD2  H N N 273 
PRO HD3  H N N 274 
PRO HXT  H N N 275 
SER N    N N N 276 
SER CA   C N S 277 
SER C    C N N 278 
SER O    O N N 279 
SER CB   C N N 280 
SER OG   O N N 281 
SER OXT  O N N 282 
SER H    H N N 283 
SER H2   H N N 284 
SER HA   H N N 285 
SER HB2  H N N 286 
SER HB3  H N N 287 
SER HG   H N N 288 
SER HXT  H N N 289 
SNN N1   N N N 290 
SNN C    C N N 291 
SNN CA   C N S 292 
SNN N    N N N 293 
SNN C4   C N N 294 
SNN C5   C N N 295 
SNN O    O N N 296 
SNN O5   O N N 297 
SNN HN   H N N 298 
SNN HA   H N N 299 
SNN H    H N N 300 
SNN H2   H N N 301 
SNN H41  H N N 302 
SNN H42  H N N 303 
THR N    N N N 304 
THR CA   C N S 305 
THR C    C N N 306 
THR O    O N N 307 
THR CB   C N R 308 
THR OG1  O N N 309 
THR CG2  C N N 310 
THR OXT  O N N 311 
THR H    H N N 312 
THR H2   H N N 313 
THR HA   H N N 314 
THR HB   H N N 315 
THR HG1  H N N 316 
THR HG21 H N N 317 
THR HG22 H N N 318 
THR HG23 H N N 319 
THR HXT  H N N 320 
TRP N    N N N 321 
TRP CA   C N S 322 
TRP C    C N N 323 
TRP O    O N N 324 
TRP CB   C N N 325 
TRP CG   C Y N 326 
TRP CD1  C Y N 327 
TRP CD2  C Y N 328 
TRP NE1  N Y N 329 
TRP CE2  C Y N 330 
TRP CE3  C Y N 331 
TRP CZ2  C Y N 332 
TRP CZ3  C Y N 333 
TRP CH2  C Y N 334 
TRP OXT  O N N 335 
TRP H    H N N 336 
TRP H2   H N N 337 
TRP HA   H N N 338 
TRP HB2  H N N 339 
TRP HB3  H N N 340 
TRP HD1  H N N 341 
TRP HE1  H N N 342 
TRP HE3  H N N 343 
TRP HZ2  H N N 344 
TRP HZ3  H N N 345 
TRP HH2  H N N 346 
TRP HXT  H N N 347 
TYR N    N N N 348 
TYR CA   C N S 349 
TYR C    C N N 350 
TYR O    O N N 351 
TYR CB   C N N 352 
TYR CG   C Y N 353 
TYR CD1  C Y N 354 
TYR CD2  C Y N 355 
TYR CE1  C Y N 356 
TYR CE2  C Y N 357 
TYR CZ   C Y N 358 
TYR OH   O N N 359 
TYR OXT  O N N 360 
TYR H    H N N 361 
TYR H2   H N N 362 
TYR HA   H N N 363 
TYR HB2  H N N 364 
TYR HB3  H N N 365 
TYR HD1  H N N 366 
TYR HD2  H N N 367 
TYR HE1  H N N 368 
TYR HE2  H N N 369 
TYR HH   H N N 370 
TYR HXT  H N N 371 
VAL N    N N N 372 
VAL CA   C N S 373 
VAL C    C N N 374 
VAL O    O N N 375 
VAL CB   C N N 376 
VAL CG1  C N N 377 
VAL CG2  C N N 378 
VAL OXT  O N N 379 
VAL H    H N N 380 
VAL H2   H N N 381 
VAL HA   H N N 382 
VAL HB   H N N 383 
VAL HG11 H N N 384 
VAL HG12 H N N 385 
VAL HG13 H N N 386 
VAL HG21 H N N 387 
VAL HG22 H N N 388 
VAL HG23 H N N 389 
VAL HXT  H N N 390 
# 
loop_
_chem_comp_bond.comp_id 
_chem_comp_bond.atom_id_1 
_chem_comp_bond.atom_id_2 
_chem_comp_bond.value_order 
_chem_comp_bond.pdbx_aromatic_flag 
_chem_comp_bond.pdbx_stereo_config 
_chem_comp_bond.pdbx_ordinal 
ALA N   CA   sing N N 1   
ALA N   H    sing N N 2   
ALA N   H2   sing N N 3   
ALA CA  C    sing N N 4   
ALA CA  CB   sing N N 5   
ALA CA  HA   sing N N 6   
ALA C   O    doub N N 7   
ALA C   OXT  sing N N 8   
ALA CB  HB1  sing N N 9   
ALA CB  HB2  sing N N 10  
ALA CB  HB3  sing N N 11  
ALA OXT HXT  sing N N 12  
ARG N   CA   sing N N 13  
ARG N   H    sing N N 14  
ARG N   H2   sing N N 15  
ARG CA  C    sing N N 16  
ARG CA  CB   sing N N 17  
ARG CA  HA   sing N N 18  
ARG C   O    doub N N 19  
ARG C   OXT  sing N N 20  
ARG CB  CG   sing N N 21  
ARG CB  HB2  sing N N 22  
ARG CB  HB3  sing N N 23  
ARG CG  CD   sing N N 24  
ARG CG  HG2  sing N N 25  
ARG CG  HG3  sing N N 26  
ARG CD  NE   sing N N 27  
ARG CD  HD2  sing N N 28  
ARG CD  HD3  sing N N 29  
ARG NE  CZ   sing N N 30  
ARG NE  HE   sing N N 31  
ARG CZ  NH1  sing N N 32  
ARG CZ  NH2  doub N N 33  
ARG NH1 HH11 sing N N 34  
ARG NH1 HH12 sing N N 35  
ARG NH2 HH21 sing N N 36  
ARG NH2 HH22 sing N N 37  
ARG OXT HXT  sing N N 38  
ASN N   CA   sing N N 39  
ASN N   H    sing N N 40  
ASN N   H2   sing N N 41  
ASN CA  C    sing N N 42  
ASN CA  CB   sing N N 43  
ASN CA  HA   sing N N 44  
ASN C   O    doub N N 45  
ASN C   OXT  sing N N 46  
ASN CB  CG   sing N N 47  
ASN CB  HB2  sing N N 48  
ASN CB  HB3  sing N N 49  
ASN CG  OD1  doub N N 50  
ASN CG  ND2  sing N N 51  
ASN ND2 HD21 sing N N 52  
ASN ND2 HD22 sing N N 53  
ASN OXT HXT  sing N N 54  
ASP N   CA   sing N N 55  
ASP N   H    sing N N 56  
ASP N   H2   sing N N 57  
ASP CA  C    sing N N 58  
ASP CA  CB   sing N N 59  
ASP CA  HA   sing N N 60  
ASP C   O    doub N N 61  
ASP C   OXT  sing N N 62  
ASP CB  CG   sing N N 63  
ASP CB  HB2  sing N N 64  
ASP CB  HB3  sing N N 65  
ASP CG  OD1  doub N N 66  
ASP CG  OD2  sing N N 67  
ASP OD2 HD2  sing N N 68  
ASP OXT HXT  sing N N 69  
GLN N   CA   sing N N 70  
GLN N   H    sing N N 71  
GLN N   H2   sing N N 72  
GLN CA  C    sing N N 73  
GLN CA  CB   sing N N 74  
GLN CA  HA   sing N N 75  
GLN C   O    doub N N 76  
GLN C   OXT  sing N N 77  
GLN CB  CG   sing N N 78  
GLN CB  HB2  sing N N 79  
GLN CB  HB3  sing N N 80  
GLN CG  CD   sing N N 81  
GLN CG  HG2  sing N N 82  
GLN CG  HG3  sing N N 83  
GLN CD  OE1  doub N N 84  
GLN CD  NE2  sing N N 85  
GLN NE2 HE21 sing N N 86  
GLN NE2 HE22 sing N N 87  
GLN OXT HXT  sing N N 88  
GLU N   CA   sing N N 89  
GLU N   H    sing N N 90  
GLU N   H2   sing N N 91  
GLU CA  C    sing N N 92  
GLU CA  CB   sing N N 93  
GLU CA  HA   sing N N 94  
GLU C   O    doub N N 95  
GLU C   OXT  sing N N 96  
GLU CB  CG   sing N N 97  
GLU CB  HB2  sing N N 98  
GLU CB  HB3  sing N N 99  
GLU CG  CD   sing N N 100 
GLU CG  HG2  sing N N 101 
GLU CG  HG3  sing N N 102 
GLU CD  OE1  doub N N 103 
GLU CD  OE2  sing N N 104 
GLU OE2 HE2  sing N N 105 
GLU OXT HXT  sing N N 106 
GLY N   CA   sing N N 107 
GLY N   H    sing N N 108 
GLY N   H2   sing N N 109 
GLY CA  C    sing N N 110 
GLY CA  HA2  sing N N 111 
GLY CA  HA3  sing N N 112 
GLY C   O    doub N N 113 
GLY C   OXT  sing N N 114 
GLY OXT HXT  sing N N 115 
HIS N   CA   sing N N 116 
HIS N   H    sing N N 117 
HIS N   H2   sing N N 118 
HIS CA  C    sing N N 119 
HIS CA  CB   sing N N 120 
HIS CA  HA   sing N N 121 
HIS C   O    doub N N 122 
HIS C   OXT  sing N N 123 
HIS CB  CG   sing N N 124 
HIS CB  HB2  sing N N 125 
HIS CB  HB3  sing N N 126 
HIS CG  ND1  sing Y N 127 
HIS CG  CD2  doub Y N 128 
HIS ND1 CE1  doub Y N 129 
HIS ND1 HD1  sing N N 130 
HIS CD2 NE2  sing Y N 131 
HIS CD2 HD2  sing N N 132 
HIS CE1 NE2  sing Y N 133 
HIS CE1 HE1  sing N N 134 
HIS NE2 HE2  sing N N 135 
HIS OXT HXT  sing N N 136 
HOH O   H1   sing N N 137 
HOH O   H2   sing N N 138 
ILE N   CA   sing N N 139 
ILE N   H    sing N N 140 
ILE N   H2   sing N N 141 
ILE CA  C    sing N N 142 
ILE CA  CB   sing N N 143 
ILE CA  HA   sing N N 144 
ILE C   O    doub N N 145 
ILE C   OXT  sing N N 146 
ILE CB  CG1  sing N N 147 
ILE CB  CG2  sing N N 148 
ILE CB  HB   sing N N 149 
ILE CG1 CD1  sing N N 150 
ILE CG1 HG12 sing N N 151 
ILE CG1 HG13 sing N N 152 
ILE CG2 HG21 sing N N 153 
ILE CG2 HG22 sing N N 154 
ILE CG2 HG23 sing N N 155 
ILE CD1 HD11 sing N N 156 
ILE CD1 HD12 sing N N 157 
ILE CD1 HD13 sing N N 158 
ILE OXT HXT  sing N N 159 
LEU N   CA   sing N N 160 
LEU N   H    sing N N 161 
LEU N   H2   sing N N 162 
LEU CA  C    sing N N 163 
LEU CA  CB   sing N N 164 
LEU CA  HA   sing N N 165 
LEU C   O    doub N N 166 
LEU C   OXT  sing N N 167 
LEU CB  CG   sing N N 168 
LEU CB  HB2  sing N N 169 
LEU CB  HB3  sing N N 170 
LEU CG  CD1  sing N N 171 
LEU CG  CD2  sing N N 172 
LEU CG  HG   sing N N 173 
LEU CD1 HD11 sing N N 174 
LEU CD1 HD12 sing N N 175 
LEU CD1 HD13 sing N N 176 
LEU CD2 HD21 sing N N 177 
LEU CD2 HD22 sing N N 178 
LEU CD2 HD23 sing N N 179 
LEU OXT HXT  sing N N 180 
LYS N   CA   sing N N 181 
LYS N   H    sing N N 182 
LYS N   H2   sing N N 183 
LYS CA  C    sing N N 184 
LYS CA  CB   sing N N 185 
LYS CA  HA   sing N N 186 
LYS C   O    doub N N 187 
LYS C   OXT  sing N N 188 
LYS CB  CG   sing N N 189 
LYS CB  HB2  sing N N 190 
LYS CB  HB3  sing N N 191 
LYS CG  CD   sing N N 192 
LYS CG  HG2  sing N N 193 
LYS CG  HG3  sing N N 194 
LYS CD  CE   sing N N 195 
LYS CD  HD2  sing N N 196 
LYS CD  HD3  sing N N 197 
LYS CE  NZ   sing N N 198 
LYS CE  HE2  sing N N 199 
LYS CE  HE3  sing N N 200 
LYS NZ  HZ1  sing N N 201 
LYS NZ  HZ2  sing N N 202 
LYS NZ  HZ3  sing N N 203 
LYS OXT HXT  sing N N 204 
MET N   CA   sing N N 205 
MET N   H    sing N N 206 
MET N   H2   sing N N 207 
MET CA  C    sing N N 208 
MET CA  CB   sing N N 209 
MET CA  HA   sing N N 210 
MET C   O    doub N N 211 
MET C   OXT  sing N N 212 
MET CB  CG   sing N N 213 
MET CB  HB2  sing N N 214 
MET CB  HB3  sing N N 215 
MET CG  SD   sing N N 216 
MET CG  HG2  sing N N 217 
MET CG  HG3  sing N N 218 
MET SD  CE   sing N N 219 
MET CE  HE1  sing N N 220 
MET CE  HE2  sing N N 221 
MET CE  HE3  sing N N 222 
MET OXT HXT  sing N N 223 
PHE N   CA   sing N N 224 
PHE N   H    sing N N 225 
PHE N   H2   sing N N 226 
PHE CA  C    sing N N 227 
PHE CA  CB   sing N N 228 
PHE CA  HA   sing N N 229 
PHE C   O    doub N N 230 
PHE C   OXT  sing N N 231 
PHE CB  CG   sing N N 232 
PHE CB  HB2  sing N N 233 
PHE CB  HB3  sing N N 234 
PHE CG  CD1  doub Y N 235 
PHE CG  CD2  sing Y N 236 
PHE CD1 CE1  sing Y N 237 
PHE CD1 HD1  sing N N 238 
PHE CD2 CE2  doub Y N 239 
PHE CD2 HD2  sing N N 240 
PHE CE1 CZ   doub Y N 241 
PHE CE1 HE1  sing N N 242 
PHE CE2 CZ   sing Y N 243 
PHE CE2 HE2  sing N N 244 
PHE CZ  HZ   sing N N 245 
PHE OXT HXT  sing N N 246 
PRO N   CA   sing N N 247 
PRO N   CD   sing N N 248 
PRO N   H    sing N N 249 
PRO CA  C    sing N N 250 
PRO CA  CB   sing N N 251 
PRO CA  HA   sing N N 252 
PRO C   O    doub N N 253 
PRO C   OXT  sing N N 254 
PRO CB  CG   sing N N 255 
PRO CB  HB2  sing N N 256 
PRO CB  HB3  sing N N 257 
PRO CG  CD   sing N N 258 
PRO CG  HG2  sing N N 259 
PRO CG  HG3  sing N N 260 
PRO CD  HD2  sing N N 261 
PRO CD  HD3  sing N N 262 
PRO OXT HXT  sing N N 263 
SER N   CA   sing N N 264 
SER N   H    sing N N 265 
SER N   H2   sing N N 266 
SER CA  C    sing N N 267 
SER CA  CB   sing N N 268 
SER CA  HA   sing N N 269 
SER C   O    doub N N 270 
SER C   OXT  sing N N 271 
SER CB  OG   sing N N 272 
SER CB  HB2  sing N N 273 
SER CB  HB3  sing N N 274 
SER OG  HG   sing N N 275 
SER OXT HXT  sing N N 276 
SNN N1  C    sing N N 277 
SNN N1  C5   sing N N 278 
SNN N1  HN   sing N N 279 
SNN C   CA   sing N N 280 
SNN C   O    doub N N 281 
SNN CA  N    sing N N 282 
SNN CA  C4   sing N N 283 
SNN CA  HA   sing N N 284 
SNN N   H    sing N N 285 
SNN N   H2   sing N N 286 
SNN C4  C5   sing N N 287 
SNN C4  H41  sing N N 288 
SNN C4  H42  sing N N 289 
SNN C5  O5   doub N N 290 
THR N   CA   sing N N 291 
THR N   H    sing N N 292 
THR N   H2   sing N N 293 
THR CA  C    sing N N 294 
THR CA  CB   sing N N 295 
THR CA  HA   sing N N 296 
THR C   O    doub N N 297 
THR C   OXT  sing N N 298 
THR CB  OG1  sing N N 299 
THR CB  CG2  sing N N 300 
THR CB  HB   sing N N 301 
THR OG1 HG1  sing N N 302 
THR CG2 HG21 sing N N 303 
THR CG2 HG22 sing N N 304 
THR CG2 HG23 sing N N 305 
THR OXT HXT  sing N N 306 
TRP N   CA   sing N N 307 
TRP N   H    sing N N 308 
TRP N   H2   sing N N 309 
TRP CA  C    sing N N 310 
TRP CA  CB   sing N N 311 
TRP CA  HA   sing N N 312 
TRP C   O    doub N N 313 
TRP C   OXT  sing N N 314 
TRP CB  CG   sing N N 315 
TRP CB  HB2  sing N N 316 
TRP CB  HB3  sing N N 317 
TRP CG  CD1  doub Y N 318 
TRP CG  CD2  sing Y N 319 
TRP CD1 NE1  sing Y N 320 
TRP CD1 HD1  sing N N 321 
TRP CD2 CE2  doub Y N 322 
TRP CD2 CE3  sing Y N 323 
TRP NE1 CE2  sing Y N 324 
TRP NE1 HE1  sing N N 325 
TRP CE2 CZ2  sing Y N 326 
TRP CE3 CZ3  doub Y N 327 
TRP CE3 HE3  sing N N 328 
TRP CZ2 CH2  doub Y N 329 
TRP CZ2 HZ2  sing N N 330 
TRP CZ3 CH2  sing Y N 331 
TRP CZ3 HZ3  sing N N 332 
TRP CH2 HH2  sing N N 333 
TRP OXT HXT  sing N N 334 
TYR N   CA   sing N N 335 
TYR N   H    sing N N 336 
TYR N   H2   sing N N 337 
TYR CA  C    sing N N 338 
TYR CA  CB   sing N N 339 
TYR CA  HA   sing N N 340 
TYR C   O    doub N N 341 
TYR C   OXT  sing N N 342 
TYR CB  CG   sing N N 343 
TYR CB  HB2  sing N N 344 
TYR CB  HB3  sing N N 345 
TYR CG  CD1  doub Y N 346 
TYR CG  CD2  sing Y N 347 
TYR CD1 CE1  sing Y N 348 
TYR CD1 HD1  sing N N 349 
TYR CD2 CE2  doub Y N 350 
TYR CD2 HD2  sing N N 351 
TYR CE1 CZ   doub Y N 352 
TYR CE1 HE1  sing N N 353 
TYR CE2 CZ   sing Y N 354 
TYR CE2 HE2  sing N N 355 
TYR CZ  OH   sing N N 356 
TYR OH  HH   sing N N 357 
TYR OXT HXT  sing N N 358 
VAL N   CA   sing N N 359 
VAL N   H    sing N N 360 
VAL N   H2   sing N N 361 
VAL CA  C    sing N N 362 
VAL CA  CB   sing N N 363 
VAL CA  HA   sing N N 364 
VAL C   O    doub N N 365 
VAL C   OXT  sing N N 366 
VAL CB  CG1  sing N N 367 
VAL CB  CG2  sing N N 368 
VAL CB  HB   sing N N 369 
VAL CG1 HG11 sing N N 370 
VAL CG1 HG12 sing N N 371 
VAL CG1 HG13 sing N N 372 
VAL CG2 HG21 sing N N 373 
VAL CG2 HG22 sing N N 374 
VAL CG2 HG23 sing N N 375 
VAL OXT HXT  sing N N 376 
# 
loop_
_pdbx_audit_support.funding_organization 
_pdbx_audit_support.country 
_pdbx_audit_support.grant_number 
_pdbx_audit_support.ordinal 
'Japan Society for the Promotion of Science'               Japan 26291016         1 
'Japan Agency for Medical Research and Development (AMED)' Japan JP17am0101078    2 
'Japan Agency for Medical Research and Development (AMED)' Japan 16am0101020j0005 3 
# 
_pdbx_initial_refinement_model.id               1 
_pdbx_initial_refinement_model.entity_id_list   ? 
_pdbx_initial_refinement_model.type             'experimental model' 
_pdbx_initial_refinement_model.source_name      PDB 
_pdbx_initial_refinement_model.accession_code   3WKL 
_pdbx_initial_refinement_model.details          ? 
# 
_atom_sites.entry_id                    6AKQ 
_atom_sites.fract_transf_matrix[1][1]   -0.00960243 
_atom_sites.fract_transf_matrix[1][2]   -0.00281091 
_atom_sites.fract_transf_matrix[1][3]   0.01767566 
_atom_sites.fract_transf_matrix[2][1]   0.00360374 
_atom_sites.fract_transf_matrix[2][2]   0.01726048 
_atom_sites.fract_transf_matrix[2][3]   0.00470264 
_atom_sites.fract_transf_matrix[3][1]   -0.01257073 
_atom_sites.fract_transf_matrix[3][2]   0.00429893 
_atom_sites.fract_transf_matrix[3][3]   -0.00614549 
_atom_sites.fract_transf_vector[1]      0.269481 
_atom_sites.fract_transf_vector[2]      1.012678 
_atom_sites.fract_transf_vector[3]      -0.012468 
# 
loop_
_atom_type.symbol 
C 
N 
O 
S 
# 
loop_
_atom_site.group_PDB 
_atom_site.id 
_atom_site.type_symbol 
_atom_site.label_atom_id 
_atom_site.label_alt_id 
_atom_site.label_comp_id 
_atom_site.label_asym_id 
_atom_site.label_entity_id 
_atom_site.label_seq_id 
_atom_site.pdbx_PDB_ins_code 
_atom_site.Cartn_x 
_atom_site.Cartn_y 
_atom_site.Cartn_z 
_atom_site.occupancy 
_atom_site.B_iso_or_equiv 
_atom_site.pdbx_formal_charge 
_atom_site.auth_seq_id 
_atom_site.auth_comp_id 
_atom_site.auth_asym_id 
_atom_site.auth_atom_id 
_atom_site.pdbx_PDB_model_num 
ATOM   1    N N   . VAL A 1 4   ? -8.775  -2.998  -20.282 1.00 78.98 ?  116 VAL A N   1 
ATOM   2    C CA  . VAL A 1 4   ? -9.968  -2.601  -19.465 1.00 84.71 ?  116 VAL A CA  1 
ATOM   3    C C   . VAL A 1 4   ? -9.546  -2.205  -18.039 1.00 90.83 ?  116 VAL A C   1 
ATOM   4    O O   . VAL A 1 4   ? -9.783  -1.053  -17.678 1.00 92.97 ?  116 VAL A O   1 
ATOM   5    C CB  . VAL A 1 4   ? -11.122 -3.632  -19.537 1.00 77.38 ?  116 VAL A CB  1 
ATOM   6    C CG1 . VAL A 1 4   ? -12.412 -3.107  -18.917 1.00 72.22 ?  116 VAL A CG1 1 
ATOM   7    C CG2 . VAL A 1 4   ? -11.389 -4.088  -20.968 1.00 71.26 ?  116 VAL A CG2 1 
ATOM   8    N N   . PRO A 1 5   ? -8.866  -3.055  -17.205 1.00 90.61 ?  117 PRO A N   1 
ATOM   9    C CA  . PRO A 1 5   ? -8.673  -2.764  -15.772 1.00 76.51 ?  117 PRO A CA  1 
ATOM   10   C C   . PRO A 1 5   ? -7.941  -1.450  -15.506 1.00 70.41 ?  117 PRO A C   1 
ATOM   11   O O   . PRO A 1 5   ? -6.909  -1.167  -16.113 1.00 63.96 ?  117 PRO A O   1 
ATOM   12   C CB  . PRO A 1 5   ? -7.822  -3.912  -15.211 1.00 71.26 ?  117 PRO A CB  1 
ATOM   13   C CG  . PRO A 1 5   ? -7.877  -4.996  -16.266 1.00 75.17 ?  117 PRO A CG  1 
ATOM   14   C CD  . PRO A 1 5   ? -8.185  -4.308  -17.584 1.00 83.21 ?  117 PRO A CD  1 
ATOM   15   N N   . LYS A 1 6   ? -8.485  -0.657  -14.577 1.00 61.92 ?  118 LYS A N   1 
ATOM   16   C CA  . LYS A 1 6   ? -8.124  0.747   -14.476 1.00 56.07 ?  118 LYS A CA  1 
ATOM   17   C C   . LYS A 1 6   ? -6.690  0.890   -13.956 1.00 54.60 ?  118 LYS A C   1 
ATOM   18   O O   . LYS A 1 6   ? -5.974  1.836   -14.315 1.00 51.56 ?  118 LYS A O   1 
ATOM   19   C CB  . LYS A 1 6   ? -9.209  1.485   -13.680 1.00 64.25 ?  118 LYS A CB  1 
ATOM   20   C CG  . LYS A 1 6   ? -8.925  2.930   -13.280 1.00 64.05 ?  118 LYS A CG  1 
ATOM   21   C CD  . LYS A 1 6   ? -7.875  3.084   -12.182 1.00 66.00 ?  118 LYS A CD  1 
ATOM   22   C CE  . LYS A 1 6   ? -8.237  2.457   -10.848 1.00 64.31 ?  118 LYS A CE  1 
ATOM   23   N NZ  . LYS A 1 6   ? -8.501  3.496   -9.825  1.00 67.12 ?  118 LYS A NZ  1 
ATOM   24   N N   . TYR A 1 7   ? -6.259  -0.077  -13.139 1.00 47.91 ?  119 TYR A N   1 
ATOM   25   C CA  . TYR A 1 7   ? -4.960  -0.004  -12.485 1.00 41.34 ?  119 TYR A CA  1 
ATOM   26   C C   . TYR A 1 7   ? -3.815  0.000   -13.508 1.00 36.90 ?  119 TYR A C   1 
ATOM   27   O O   . TYR A 1 7   ? -2.706  0.426   -13.183 1.00 33.34 ?  119 TYR A O   1 
ATOM   28   C CB  . TYR A 1 7   ? -4.835  -1.117  -11.439 1.00 43.54 ?  119 TYR A CB  1 
ATOM   29   C CG  . TYR A 1 7   ? -4.526  -2.464  -12.034 1.00 51.80 ?  119 TYR A CG  1 
ATOM   30   C CD1 . TYR A 1 7   ? -3.211  -2.848  -12.284 1.00 53.32 ?  119 TYR A CD1 1 
ATOM   31   C CD2 . TYR A 1 7   ? -5.538  -3.344  -12.382 1.00 52.84 ?  119 TYR A CD2 1 
ATOM   32   C CE1 . TYR A 1 7   ? -2.904  -4.072  -12.859 1.00 51.27 ?  119 TYR A CE1 1 
ATOM   33   C CE2 . TYR A 1 7   ? -5.246  -4.575  -12.954 1.00 57.66 ?  119 TYR A CE2 1 
ATOM   34   C CZ  . TYR A 1 7   ? -3.929  -4.940  -13.189 1.00 57.03 ?  119 TYR A CZ  1 
ATOM   35   O OH  . TYR A 1 7   ? -3.634  -6.146  -13.755 1.00 58.11 ?  119 TYR A OH  1 
ATOM   36   N N   . LEU A 1 8   ? -4.072  -0.444  -14.748 1.00 39.58 ?  120 LEU A N   1 
ATOM   37   C CA  . LEU A 1 8   ? -2.998  -0.587  -15.729 1.00 38.50 ?  120 LEU A CA  1 
ATOM   38   C C   . LEU A 1 8   ? -2.262  0.726   -15.926 1.00 42.03 ?  120 LEU A C   1 
ATOM   39   O O   . LEU A 1 8   ? -1.051  0.725   -16.141 1.00 37.89 ?  120 LEU A O   1 
ATOM   40   C CB  . LEU A 1 8   ? -3.502  -1.167  -17.055 1.00 38.26 ?  120 LEU A CB  1 
ATOM   41   C CG  . LEU A 1 8   ? -3.667  -2.685  -17.045 1.00 38.36 ?  120 LEU A CG  1 
ATOM   42   C CD1 . LEU A 1 8   ? -4.282  -3.171  -18.345 1.00 41.78 ?  120 LEU A CD1 1 
ATOM   43   C CD2 . LEU A 1 8   ? -2.333  -3.385  -16.792 1.00 42.76 ?  120 LEU A CD2 1 
ATOM   44   N N   . LYS A 1 9   ? -2.997  1.838   -15.811 1.00 40.70 ?  121 LYS A N   1 
ATOM   45   C CA  . LYS A 1 9   ? -2.446  3.145   -16.107 1.00 38.12 ?  121 LYS A CA  1 
ATOM   46   C C   . LYS A 1 9   ? -1.935  3.793   -14.826 1.00 38.37 ?  121 LYS A C   1 
ATOM   47   O O   . LYS A 1 9   ? -1.415  4.906   -14.874 1.00 36.64 ?  121 LYS A O   1 
ATOM   48   C CB  . LYS A 1 9   ? -3.482  4.027   -16.820 1.00 42.80 ?  121 LYS A CB  1 
ATOM   49   C CG  . LYS A 1 9   ? -3.663  3.786   -18.316 1.00 46.03 ?  121 LYS A CG  1 
ATOM   50   C CD  . LYS A 1 9   ? -2.380  3.449   -19.077 1.00 48.90 ?  121 LYS A CD  1 
ATOM   51   C CE  . LYS A 1 9   ? -2.456  3.671   -20.579 1.00 49.10 ?  121 LYS A CE  1 
ATOM   52   N NZ  . LYS A 1 9   ? -3.053  2.534   -21.317 1.00 47.32 ?  121 LYS A NZ  1 
ATOM   53   N N   . GLU A 1 10  ? -2.035  3.076   -13.698 1.00 35.45 ?  122 GLU A N   1 
ATOM   54   C CA  . GLU A 1 10  ? -1.682  3.668   -12.421 1.00 34.60 ?  122 GLU A CA  1 
ATOM   55   C C   . GLU A 1 10  ? -0.242  3.349   -12.034 1.00 32.91 ?  122 GLU A C   1 
ATOM   56   O O   . GLU A 1 10  ? 0.321   2.351   -12.471 1.00 32.51 ?  122 GLU A O   1 
ATOM   57   C CB  . GLU A 1 10  ? -2.670  3.197   -11.356 1.00 42.95 ?  122 GLU A CB  1 
ATOM   58   C CG  . GLU A 1 10  ? -4.119  3.522   -11.678 1.00 46.66 ?  122 GLU A CG  1 
ATOM   59   C CD  . GLU A 1 10  ? -4.444  5.010   -11.721 1.00 58.11 ?  122 GLU A CD  1 
ATOM   60   O OE1 . GLU A 1 10  ? -5.570  5.347   -12.162 1.00 69.81 ?  122 GLU A OE1 1 
ATOM   61   O OE2 . GLU A 1 10  ? -3.582  5.837   -11.326 1.00 46.37 ?  122 GLU A OE2 1 
ATOM   62   N N   . PRO A 1 11  ? 0.379   4.163   -11.157 1.00 31.03 ?  123 PRO A N   1 
ATOM   63   C CA  . PRO A 1 11  ? 1.699   3.845   -10.610 1.00 27.50 ?  123 PRO A CA  1 
ATOM   64   C C   . PRO A 1 11  ? 1.679   2.470   -9.917  1.00 26.57 ?  123 PRO A C   1 
ATOM   65   O O   . PRO A 1 11  ? 0.630   1.974   -9.480  1.00 22.93 ?  123 PRO A O   1 
ATOM   66   C CB  . PRO A 1 11  ? 1.984   4.967   -9.604  1.00 33.40 ?  123 PRO A CB  1 
ATOM   67   C CG  . PRO A 1 11  ? 0.998   6.091   -9.954  1.00 31.28 ?  123 PRO A CG  1 
ATOM   68   C CD  . PRO A 1 11  ? -0.169  5.441   -10.660 1.00 30.89 ?  123 PRO A CD  1 
ATOM   69   N N   . VAL A 1 12  ? 2.851   1.848   -9.857  1.00 24.72 ?  124 VAL A N   1 
ATOM   70   C CA  . VAL A 1 12  ? 2.955   0.500   -9.323  1.00 23.29 ?  124 VAL A CA  1 
ATOM   71   C C   . VAL A 1 12  ? 3.210   0.606   -7.821  1.00 22.59 ?  124 VAL A C   1 
ATOM   72   O O   . VAL A 1 12  ? 4.324   0.400   -7.352  1.00 25.62 ?  124 VAL A O   1 
ATOM   73   C CB  . VAL A 1 12  ? 4.050   -0.348  -10.007 1.00 23.85 ?  124 VAL A CB  1 
ATOM   74   C CG1 . VAL A 1 12  ? 4.005   -1.788  -9.459  1.00 18.60 ?  124 VAL A CG1 1 
ATOM   75   C CG2 . VAL A 1 12  ? 3.853   -0.350  -11.517 1.00 20.50 ?  124 VAL A CG2 1 
ATOM   76   N N   . VAL A 1 13  ? 2.140   0.878   -7.072  1.00 22.00 ?  125 VAL A N   1 
ATOM   77   C CA  . VAL A 1 13  ? 2.168   0.812   -5.629  1.00 19.13 ?  125 VAL A CA  1 
ATOM   78   C C   . VAL A 1 13  ? 1.573   -0.535  -5.232  1.00 16.09 ?  125 VAL A C   1 
ATOM   79   O O   . VAL A 1 13  ? 0.443   -0.874  -5.583  1.00 18.35 ?  125 VAL A O   1 
ATOM   80   C CB  . VAL A 1 13  ? 1.384   1.997   -5.023  1.00 21.34 ?  125 VAL A CB  1 
ATOM   81   C CG1 . VAL A 1 13  ? 1.305   1.902   -3.493  1.00 21.08 ?  125 VAL A CG1 1 
ATOM   82   C CG2 . VAL A 1 13  ? 1.990   3.321   -5.478  1.00 23.97 ?  125 VAL A CG2 1 
ATOM   83   N N   . VAL A 1 14  ? 2.330   -1.288  -4.440  1.00 16.54 ?  126 VAL A N   1 
ATOM   84   C CA  . VAL A 1 14  ? 1.974   -2.654  -4.103  1.00 18.90 ?  126 VAL A CA  1 
ATOM   85   C C   . VAL A 1 14  ? 0.966   -2.670  -2.933  1.00 20.34 ?  126 VAL A C   1 
ATOM   86   O O   . VAL A 1 14  ? 1.239   -2.143  -1.853  1.00 22.19 ?  126 VAL A O   1 
ATOM   87   C CB  . VAL A 1 14  ? 3.257   -3.431  -3.764  1.00 18.44 ?  126 VAL A CB  1 
ATOM   88   C CG1 . VAL A 1 14  ? 2.913   -4.836  -3.282  1.00 17.92 ?  126 VAL A CG1 1 
ATOM   89   C CG2 . VAL A 1 14  ? 4.227   -3.477  -4.949  1.00 20.86 ?  126 VAL A CG2 1 
ATOM   90   N N   . GLY A 1 15  ? -0.216  -3.247  -3.162  1.00 19.15 ?  127 GLY A N   1 
ATOM   91   C CA  . GLY A 1 15  ? -1.288  -3.271  -2.166  1.00 19.50 ?  127 GLY A CA  1 
ATOM   92   C C   . GLY A 1 15  ? -1.183  -4.532  -1.324  1.00 19.76 ?  127 GLY A C   1 
ATOM   93   O O   . GLY A 1 15  ? -1.467  -4.505  -0.132  1.00 19.65 ?  127 GLY A O   1 
ATOM   94   N N   . TYR A 1 16  ? -0.669  -5.598  -1.957  1.00 19.88 ?  128 TYR A N   1 
ATOM   95   C CA  . TYR A 1 16  ? -0.572  -6.897  -1.286  1.00 21.32 ?  128 TYR A CA  1 
ATOM   96   C C   . TYR A 1 16  ? 0.479   -7.764  -1.976  1.00 19.35 ?  128 TYR A C   1 
ATOM   97   O O   . TYR A 1 16  ? 0.749   -7.599  -3.174  1.00 22.86 ?  128 TYR A O   1 
ATOM   98   C CB  . TYR A 1 16  ? -1.922  -7.613  -1.376  1.00 21.88 ?  128 TYR A CB  1 
ATOM   99   C CG  . TYR A 1 16  ? -2.080  -8.799  -0.461  1.00 23.24 ?  128 TYR A CG  1 
ATOM   100  C CD1 . TYR A 1 16  ? -2.459  -8.623  0.864   1.00 26.96 ?  128 TYR A CD1 1 
ATOM   101  C CD2 . TYR A 1 16  ? -1.869  -10.084 -0.928  1.00 25.26 ?  128 TYR A CD2 1 
ATOM   102  C CE1 . TYR A 1 16  ? -2.620  -9.718  1.709   1.00 28.99 ?  128 TYR A CE1 1 
ATOM   103  C CE2 . TYR A 1 16  ? -2.040  -11.191 -0.096  1.00 28.76 ?  128 TYR A CE2 1 
ATOM   104  C CZ  . TYR A 1 16  ? -2.400  -10.999 1.231   1.00 30.91 ?  128 TYR A CZ  1 
ATOM   105  O OH  . TYR A 1 16  ? -2.590  -12.059 2.081   1.00 34.38 ?  128 TYR A OH  1 
ATOM   106  N N   . VAL A 1 17  ? 1.131   -8.631  -1.183  1.00 19.85 ?  129 VAL A N   1 
ATOM   107  C CA  . VAL A 1 17  ? 2.154   -9.532  -1.674  1.00 19.59 ?  129 VAL A CA  1 
ATOM   108  C C   . VAL A 1 17  ? 1.717   -10.957 -1.341  1.00 20.94 ?  129 VAL A C   1 
ATOM   109  O O   . VAL A 1 17  ? 1.529   -11.271 -0.177  1.00 20.16 ?  129 VAL A O   1 
ATOM   110  C CB  . VAL A 1 17  ? 3.539   -9.242  -1.059  1.00 20.86 ?  129 VAL A CB  1 
ATOM   111  C CG1 . VAL A 1 17  ? 4.545   -10.158 -1.732  1.00 19.38 ?  129 VAL A CG1 1 
ATOM   112  C CG2 . VAL A 1 17  ? 3.971   -7.778  -1.265  1.00 20.80 ?  129 VAL A CG2 1 
ATOM   113  N N   . GLN A 1 18  ? 1.568   -11.796 -2.369  1.00 23.44 ?  130 GLN A N   1 
ATOM   114  C CA  . GLN A 1 18  ? 1.069   -13.158 -2.170  1.00 25.85 ?  130 GLN A CA  1 
ATOM   115  C C   . GLN A 1 18  ? 2.135   -14.066 -1.539  1.00 27.85 ?  130 GLN A C   1 
ATOM   116  O O   . GLN A 1 18  ? 3.293   -14.030 -1.949  1.00 28.58 ?  130 GLN A O   1 
ATOM   117  C CB  . GLN A 1 18  ? 0.698   -13.753 -3.515  1.00 30.58 ?  130 GLN A CB  1 
ATOM   118  C CG  . GLN A 1 18  ? -0.561  -13.171 -4.106  1.00 36.25 ?  130 GLN A CG  1 
ATOM   119  C CD  . GLN A 1 18  ? -1.258  -14.240 -4.900  1.00 43.99 ?  130 GLN A CD  1 
ATOM   120  O OE1 . GLN A 1 18  ? -1.820  -15.184 -4.344  1.00 52.24 ?  130 GLN A OE1 1 
ATOM   121  N NE2 . GLN A 1 18  ? -1.259  -14.070 -6.207  1.00 45.40 ?  130 GLN A NE2 1 
ATOM   122  N N   A ARG A 1 19  ? 1.719   -14.883 -0.542  0.50 29.05 ?  131 ARG A N   1 
ATOM   123  N N   B ARG A 1 19  ? 1.679   -14.915 -0.612  0.50 28.52 ?  131 ARG A N   1 
ATOM   124  C CA  A ARG A 1 19  ? 2.541   -15.858 0.191   0.50 29.42 ?  131 ARG A CA  1 
ATOM   125  C CA  B ARG A 1 19  ? 2.492   -15.894 0.095   0.50 28.91 ?  131 ARG A CA  1 
ATOM   126  C C   A ARG A 1 19  ? 3.255   -16.715 -0.858  0.50 28.35 ?  131 ARG A C   1 
ATOM   127  C C   B ARG A 1 19  ? 3.264   -16.722 -0.927  0.50 27.89 ?  131 ARG A C   1 
ATOM   128  O O   A ARG A 1 19  ? 2.655   -17.128 -1.845  0.50 25.80 ?  131 ARG A O   1 
ATOM   129  O O   B ARG A 1 19  ? 2.710   -17.141 -1.938  0.50 25.13 ?  131 ARG A O   1 
ATOM   130  C CB  A ARG A 1 19  ? 1.658   -16.689 1.162   0.50 30.54 ?  131 ARG A CB  1 
ATOM   131  C CB  B ARG A 1 19  ? 1.550   -16.750 0.953   0.50 29.29 ?  131 ARG A CB  1 
ATOM   132  C CG  A ARG A 1 19  ? 2.323   -17.564 2.300   0.50 30.67 ?  131 ARG A CG  1 
ATOM   133  C CG  B ARG A 1 19  ? 2.182   -17.984 1.579   0.50 29.36 ?  131 ARG A CG  1 
ATOM   134  C CD  A ARG A 1 19  ? 1.510   -18.584 3.000   0.50 31.86 ?  131 ARG A CD  1 
ATOM   135  C CD  B ARG A 1 19  ? 1.210   -18.736 2.470   0.50 26.93 ?  131 ARG A CD  1 
ATOM   136  N NE  A ARG A 1 19  ? 0.194   -17.983 3.179   0.50 32.86 ?  131 ARG A NE  1 
ATOM   137  N NE  B ARG A 1 19  ? 0.301   -19.658 1.805   0.50 29.18 ?  131 ARG A NE  1 
ATOM   138  C CZ  A ARG A 1 19  ? -0.270  -17.400 4.303   0.50 31.91 ?  131 ARG A CZ  1 
ATOM   139  C CZ  B ARG A 1 19  ? 0.669   -20.837 1.319   0.50 25.90 ?  131 ARG A CZ  1 
ATOM   140  N NH1 A ARG A 1 19  ? -1.440  -16.725 4.271   0.50 28.80 ?  131 ARG A NH1 1 
ATOM   141  N NH1 B ARG A 1 19  ? 1.938   -21.185 1.370   0.50 27.46 ?  131 ARG A NH1 1 
ATOM   142  N NH2 A ARG A 1 19  ? 0.403   -17.515 5.439   0.50 33.19 ?  131 ARG A NH2 1 
ATOM   143  N NH2 B ARG A 1 19  ? -0.205  -21.651 0.755   0.50 25.07 ?  131 ARG A NH2 1 
ATOM   144  N N   . ASP A 1 20  ? 4.572   -16.885 -0.690  1.00 30.92 ?  132 ASP A N   1 
ATOM   145  C CA  . ASP A 1 20  ? 5.389   -17.800 -1.478  1.00 34.40 ?  132 ASP A CA  1 
ATOM   146  C C   . ASP A 1 20  ? 5.531   -17.372 -2.938  1.00 33.14 ?  132 ASP A C   1 
ATOM   147  O O   . ASP A 1 20  ? 5.835   -18.204 -3.803  1.00 32.09 ?  132 ASP A O   1 
ATOM   148  C CB  . ASP A 1 20  ? 4.927   -19.252 -1.308  1.00 43.96 ?  132 ASP A CB  1 
ATOM   149  C CG  . ASP A 1 20  ? 4.845   -19.659 0.160   1.00 55.55 ?  132 ASP A CG  1 
ATOM   150  O OD1 . ASP A 1 20  ? 5.818   -19.390 0.916   1.00 58.50 -1 132 ASP A OD1 1 
ATOM   151  O OD2 . ASP A 1 20  ? 3.801   -20.220 0.553   1.00 63.45 ?  132 ASP A OD2 1 
ATOM   152  N N   . SER A 1 21  ? 5.325   -16.082 -3.215  1.00 26.89 ?  133 SER A N   1 
ATOM   153  C CA  . SER A 1 21  ? 5.534   -15.562 -4.556  1.00 26.70 ?  133 SER A CA  1 
ATOM   154  C C   . SER A 1 21  ? 7.001   -15.157 -4.729  1.00 23.33 ?  133 SER A C   1 
ATOM   155  O O   . SER A 1 21  ? 7.730   -15.049 -3.753  1.00 23.66 ?  133 SER A O   1 
ATOM   156  C CB  . SER A 1 21  ? 4.647   -14.367 -4.792  1.00 23.74 ?  133 SER A CB  1 
ATOM   157  O OG  . SER A 1 21  ? 4.880   -13.415 -3.776  1.00 22.58 ?  133 SER A OG  1 
ATOM   158  N N   . ILE A 1 22  ? 7.419   -14.902 -5.976  1.00 23.14 ?  134 ILE A N   1 
ATOM   159  C CA  . ILE A 1 22  ? 8.718   -14.282 -6.223  1.00 23.03 ?  134 ILE A CA  1 
ATOM   160  C C   . ILE A 1 22  ? 8.832   -12.998 -5.394  1.00 23.98 ?  134 ILE A C   1 
ATOM   161  O O   . ILE A 1 22  ? 9.806   -12.775 -4.670  1.00 21.85 ?  134 ILE A O   1 
ATOM   162  C CB  . ILE A 1 22  ? 8.938   -14.034 -7.727  1.00 22.60 ?  134 ILE A CB  1 
ATOM   163  C CG1 . ILE A 1 22  ? 9.183   -15.344 -8.495  1.00 23.75 ?  134 ILE A CG1 1 
ATOM   164  C CG2 . ILE A 1 22  ? 10.082  -13.056 -7.951  1.00 24.21 ?  134 ILE A CG2 1 
ATOM   165  C CD1 . ILE A 1 22  ? 8.973   -15.242 -10.001 1.00 24.72 ?  134 ILE A CD1 1 
ATOM   166  N N   . ALA A 1 23  ? 7.777   -12.180 -5.456  1.00 22.46 ?  135 ALA A N   1 
ATOM   167  C CA  . ALA A 1 23  ? 7.762   -10.894 -4.765  1.00 22.69 ?  135 ALA A CA  1 
ATOM   168  C C   . ALA A 1 23  ? 7.994   -11.084 -3.268  1.00 23.40 ?  135 ALA A C   1 
ATOM   169  O O   . ALA A 1 23  ? 8.725   -10.311 -2.646  1.00 20.55 ?  135 ALA A O   1 
ATOM   170  C CB  . ALA A 1 23  ? 6.435   -10.182 -5.035  1.00 21.62 ?  135 ALA A CB  1 
ATOM   171  N N   . GLN A 1 24  ? 7.369   -12.119 -2.681  1.00 24.50 ?  136 GLN A N   1 
ATOM   172  C CA  . GLN A 1 24  ? 7.501   -12.265 -1.241  1.00 28.25 ?  136 GLN A CA  1 
ATOM   173  C C   . GLN A 1 24  ? 8.913   -12.709 -0.895  1.00 28.70 ?  136 GLN A C   1 
ATOM   174  O O   . GLN A 1 24  ? 9.481   -12.239 0.091   1.00 29.50 ?  136 GLN A O   1 
ATOM   175  C CB  . GLN A 1 24  ? 6.546   -13.327 -0.694  1.00 27.74 ?  136 GLN A CB  1 
ATOM   176  C CG  . GLN A 1 24  ? 6.453   -13.276 0.823   1.00 34.52 ?  136 GLN A CG  1 
ATOM   177  C CD  . GLN A 1 24  ? 6.685   -14.660 1.368   1.00 40.93 ?  136 GLN A CD  1 
ATOM   178  O OE1 . GLN A 1 24  ? 5.968   -15.591 1.040   1.00 40.93 ?  136 GLN A OE1 1 
ATOM   179  N NE2 . GLN A 1 24  ? 7.728   -14.820 2.174   1.00 49.81 ?  136 GLN A NE2 1 
ATOM   180  N N   . LYS A 1 25  ? 9.455   -13.614 -1.723  1.00 29.07 ?  137 LYS A N   1 
ATOM   181  C CA  . LYS A 1 25  ? 10.733  -14.263 -1.475  1.00 32.82 ?  137 LYS A CA  1 
ATOM   182  C C   . LYS A 1 25  ? 11.869  -13.257 -1.601  1.00 33.86 ?  137 LYS A C   1 
ATOM   183  O O   . LYS A 1 25  ? 12.809  -13.315 -0.824  1.00 39.36 ?  137 LYS A O   1 
ATOM   184  C CB  . LYS A 1 25  ? 10.972  -15.384 -2.493  1.00 34.31 ?  137 LYS A CB  1 
ATOM   185  C CG  . LYS A 1 25  ? 10.146  -16.645 -2.278  1.00 43.62 ?  137 LYS A CG  1 
ATOM   186  C CD  . LYS A 1 25  ? 10.626  -17.810 -3.154  1.00 44.01 ?  137 LYS A CD  1 
ATOM   187  C CE  . LYS A 1 25  ? 9.519   -18.755 -3.566  1.00 45.80 ?  137 LYS A CE  1 
ATOM   188  N NZ  . LYS A 1 25  ? 8.616   -18.975 -2.414  1.00 48.05 ?  137 LYS A NZ  1 
ATOM   189  N N   . ILE A 1 26  ? 11.773  -12.325 -2.549  1.00 30.48 ?  138 ILE A N   1 
ATOM   190  C CA  . ILE A 1 26  ? 12.811  -11.317 -2.729  1.00 33.86 ?  138 ILE A CA  1 
ATOM   191  C C   . ILE A 1 26  ? 12.627  -10.115 -1.790  1.00 37.59 ?  138 ILE A C   1 
ATOM   192  O O   . ILE A 1 26  ? 13.484  -9.224  -1.766  1.00 40.15 ?  138 ILE A O   1 
ATOM   193  C CB  . ILE A 1 26  ? 12.919  -10.860 -4.196  1.00 34.30 ?  138 ILE A CB  1 
ATOM   194  C CG1 . ILE A 1 26  ? 11.761  -9.929  -4.570  1.00 33.59 ?  138 ILE A CG1 1 
ATOM   195  C CG2 . ILE A 1 26  ? 13.014  -12.040 -5.150  1.00 37.40 ?  138 ILE A CG2 1 
ATOM   196  C CD1 . ILE A 1 26  ? 12.007  -9.131  -5.837  1.00 35.84 ?  138 ILE A CD1 1 
ATOM   197  N N   . GLY A 1 27  ? 11.509  -10.060 -1.051  1.00 35.56 ?  139 GLY A N   1 
ATOM   198  C CA  . GLY A 1 27  ? 11.325  -9.061  -0.008  1.00 34.06 ?  139 GLY A CA  1 
ATOM   199  C C   . GLY A 1 27  ? 10.521  -7.810  -0.420  1.00 32.81 ?  139 GLY A C   1 
ATOM   200  O O   . GLY A 1 27  ? 10.646  -6.776  0.231   1.00 32.10 ?  139 GLY A O   1 
ATOM   201  N N   . ILE A 1 28  ? 9.664   -7.888  -1.451  1.00 27.16 ?  140 ILE A N   1 
ATOM   202  C CA  . ILE A 1 28  ? 8.753   -6.774  -1.718  1.00 23.95 ?  140 ILE A CA  1 
ATOM   203  C C   . ILE A 1 28  ? 7.731   -6.710  -0.583  1.00 23.46 ?  140 ILE A C   1 
ATOM   204  O O   . ILE A 1 28  ? 7.320   -7.747  -0.061  1.00 23.00 ?  140 ILE A O   1 
ATOM   205  C CB  . ILE A 1 28  ? 8.128   -6.858  -3.132  1.00 22.90 ?  140 ILE A CB  1 
ATOM   206  C CG1 . ILE A 1 28  ? 9.194   -6.754  -4.237  1.00 23.49 ?  140 ILE A CG1 1 
ATOM   207  C CG2 . ILE A 1 28  ? 7.041   -5.806  -3.331  1.00 19.01 ?  140 ILE A CG2 1 
ATOM   208  C CD1 . ILE A 1 28  ? 8.716   -7.154  -5.634  1.00 22.39 ?  140 ILE A CD1 1 
ATOM   209  N N   . LYS A 1 29  ? 7.302   -5.496  -0.198  1.00 22.22 ?  141 LYS A N   1 
ATOM   210  C CA  A LYS A 1 29  ? 6.373   -5.302  0.900   0.50 22.05 ?  141 LYS A CA  1 
ATOM   211  C CA  B LYS A 1 29  ? 6.342   -5.344  0.877   0.50 22.18 ?  141 LYS A CA  1 
ATOM   212  C C   . LYS A 1 29  ? 5.210   -4.427  0.426   1.00 23.63 ?  141 LYS A C   1 
ATOM   213  O O   . LYS A 1 29  ? 5.402   -3.575  -0.465  1.00 20.55 ?  141 LYS A O   1 
ATOM   214  C CB  A LYS A 1 29  ? 7.095   -4.642  2.086   0.50 24.08 ?  141 LYS A CB  1 
ATOM   215  C CB  B LYS A 1 29  ? 7.011   -4.741  2.116   0.50 24.84 ?  141 LYS A CB  1 
ATOM   216  C CG  A LYS A 1 29  ? 8.403   -5.307  2.527   0.50 24.73 ?  141 LYS A CG  1 
ATOM   217  C CG  B LYS A 1 29  ? 7.920   -5.683  2.901   0.50 25.67 ?  141 LYS A CG  1 
ATOM   218  C CD  A LYS A 1 29  ? 9.105   -4.600  3.689   0.50 26.55 ?  141 LYS A CD  1 
ATOM   219  C CD  B LYS A 1 29  ? 8.052   -5.198  4.323   0.50 29.38 ?  141 LYS A CD  1 
ATOM   220  C CE  A LYS A 1 29  ? 8.921   -5.273  5.036   0.50 28.97 ?  141 LYS A CE  1 
ATOM   221  C CE  B LYS A 1 29  ? 7.755   -3.718  4.423   0.50 27.44 ?  141 LYS A CE  1 
ATOM   222  N NZ  A LYS A 1 29  ? 9.071   -6.750  4.945   0.50 28.06 ?  141 LYS A NZ  1 
ATOM   223  N NZ  B LYS A 1 29  ? 8.033   -3.181  5.774   0.50 31.47 ?  141 LYS A NZ  1 
ATOM   224  N N   . PRO A 1 30  ? 3.994   -4.589  1.016   1.00 22.07 ?  142 PRO A N   1 
ATOM   225  C CA  . PRO A 1 30  ? 2.866   -3.711  0.718   1.00 21.74 ?  142 PRO A CA  1 
ATOM   226  C C   . PRO A 1 30  ? 3.339   -2.285  0.974   1.00 21.71 ?  142 PRO A C   1 
ATOM   227  O O   . PRO A 1 30  ? 4.081   -2.017  1.918   1.00 21.50 ?  142 PRO A O   1 
ATOM   228  C CB  . PRO A 1 30  ? 1.862   -4.047  1.835   1.00 25.18 ?  142 PRO A CB  1 
ATOM   229  C CG  . PRO A 1 30  ? 2.159   -5.510  2.157   1.00 27.45 ?  142 PRO A CG  1 
ATOM   230  C CD  . PRO A 1 30  ? 3.661   -5.627  2.027   1.00 24.12 ?  142 PRO A CD  1 
ATOM   231  N N   . GLY A 1 31  ? 2.901   -1.356  0.129   1.00 19.97 ?  143 GLY A N   1 
ATOM   232  C CA  . GLY A 1 31  ? 3.350   0.010   0.291   1.00 19.31 ?  143 GLY A CA  1 
ATOM   233  C C   . GLY A 1 31  ? 4.514   0.354   -0.637  1.00 22.59 ?  143 GLY A C   1 
ATOM   234  O O   . GLY A 1 31  ? 4.719   1.517   -0.935  1.00 23.41 ?  143 GLY A O   1 
ATOM   235  N N   . ASP A 1 32  ? 5.294   -0.636  -1.098  1.00 21.19 ?  144 ASP A N   1 
ATOM   236  C CA  . ASP A 1 32  ? 6.431   -0.313  -1.968  1.00 20.75 ?  144 ASP A CA  1 
ATOM   237  C C   . ASP A 1 32  ? 5.931   0.232   -3.299  1.00 20.37 ?  144 ASP A C   1 
ATOM   238  O O   . ASP A 1 32  ? 4.880   -0.165  -3.775  1.00 22.14 ?  144 ASP A O   1 
ATOM   239  C CB  . ASP A 1 32  ? 7.255   -1.556  -2.326  1.00 21.96 ?  144 ASP A CB  1 
ATOM   240  C CG  . ASP A 1 32  ? 8.069   -2.083  -1.165  1.00 25.53 ?  144 ASP A CG  1 
ATOM   241  O OD1 . ASP A 1 32  ? 8.156   -1.367  -0.120  1.00 24.87 ?  144 ASP A OD1 1 
ATOM   242  O OD2 . ASP A 1 32  ? 8.592   -3.219  -1.293  1.00 26.39 -1 144 ASP A OD2 1 
ATOM   243  N N   . LYS A 1 33  ? 6.745   1.096   -3.928  1.00 22.27 ?  145 LYS A N   1 
ATOM   244  C CA  . LYS A 1 33  ? 6.419   1.601   -5.248  1.00 22.39 ?  145 LYS A CA  1 
ATOM   245  C C   . LYS A 1 33  ? 7.551   1.196   -6.187  1.00 22.76 ?  145 LYS A C   1 
ATOM   246  O O   . LYS A 1 33  ? 8.696   1.615   -6.000  1.00 24.36 ?  145 LYS A O   1 
ATOM   247  C CB  . LYS A 1 33  ? 6.329   3.127   -5.228  1.00 24.50 ?  145 LYS A CB  1 
ATOM   248  C CG  . LYS A 1 33  ? 5.877   3.766   -6.527  1.00 29.01 ?  145 LYS A CG  1 
ATOM   249  C CD  . LYS A 1 33  ? 5.600   5.209   -6.227  1.00 31.50 ?  145 LYS A CD  1 
ATOM   250  C CE  . LYS A 1 33  ? 5.240   5.999   -7.452  1.00 39.98 ?  145 LYS A CE  1 
ATOM   251  N NZ  . LYS A 1 33  ? 5.882   7.337   -7.368  1.00 40.74 ?  145 LYS A NZ  1 
ATOM   252  N N   . ILE A 1 34  ? 7.215   0.370   -7.181  1.00 21.53 ?  146 ILE A N   1 
ATOM   253  C CA  . ILE A 1 34  ? 8.224   -0.072  -8.133  1.00 22.77 ?  146 ILE A CA  1 
ATOM   254  C C   . ILE A 1 34  ? 8.436   1.020   -9.178  1.00 19.54 ?  146 ILE A C   1 
ATOM   255  O O   . ILE A 1 34  ? 7.482   1.492   -9.794  1.00 21.52 ?  146 ILE A O   1 
ATOM   256  C CB  . ILE A 1 34  ? 7.880   -1.447  -8.749  1.00 22.00 ?  146 ILE A CB  1 
ATOM   257  C CG1 . ILE A 1 34  ? 7.840   -2.504  -7.634  1.00 23.48 ?  146 ILE A CG1 1 
ATOM   258  C CG2 . ILE A 1 34  ? 8.903   -1.767  -9.841  1.00 21.47 ?  146 ILE A CG2 1 
ATOM   259  C CD1 . ILE A 1 34  ? 7.140   -3.800  -8.001  1.00 24.80 ?  146 ILE A CD1 1 
ATOM   260  N N   . ILE A 1 35  ? 9.698   1.356   -9.399  1.00 19.80 ?  147 ILE A N   1 
ATOM   261  C CA  . ILE A 1 35  ? 10.024  2.501   -10.246 1.00 20.91 ?  147 ILE A CA  1 
ATOM   262  C C   . ILE A 1 35  ? 10.943  2.140   -11.412 1.00 19.28 ?  147 ILE A C   1 
ATOM   263  O O   . ILE A 1 35  ? 11.066  2.932   -12.331 1.00 21.80 ?  147 ILE A O   1 
ATOM   264  C CB  . ILE A 1 35  ? 10.571  3.679   -9.420  1.00 21.41 ?  147 ILE A CB  1 
ATOM   265  C CG1 . ILE A 1 35  ? 11.946  3.364   -8.836  1.00 24.93 ?  147 ILE A CG1 1 
ATOM   266  C CG2 . ILE A 1 35  ? 9.544   4.071   -8.362  1.00 27.60 ?  147 ILE A CG2 1 
ATOM   267  C CD1 . ILE A 1 35  ? 12.549  4.513   -8.045  1.00 29.06 ?  147 ILE A CD1 1 
ATOM   268  N N   . LYS A 1 36  ? 11.560  0.967   -11.393 1.00 18.47 ?  148 LYS A N   1 
ATOM   269  C CA  . LYS A 1 36  ? 12.431  0.622   -12.503 1.00 20.89 ?  148 LYS A CA  1 
ATOM   270  C C   . LYS A 1 36  ? 12.777  -0.860  -12.393 1.00 20.85 ?  148 LYS A C   1 
ATOM   271  O O   . LYS A 1 36  ? 12.933  -1.383  -11.293 1.00 22.26 ?  148 LYS A O   1 
ATOM   272  C CB  . LYS A 1 36  ? 13.698  1.480   -12.427 1.00 21.32 ?  148 LYS A CB  1 
ATOM   273  C CG  . LYS A 1 36  ? 14.587  1.380   -13.666 1.00 22.24 ?  148 LYS A CG  1 
ATOM   274  C CD  . LYS A 1 36  ? 15.818  2.265   -13.609 1.00 25.97 ?  148 LYS A CD  1 
ATOM   275  C CE  . LYS A 1 36  ? 16.651  2.115   -14.881 1.00 28.92 ?  148 LYS A CE  1 
ATOM   276  N NZ  . LYS A 1 36  ? 17.682  3.181   -14.986 1.00 28.41 ?  148 LYS A NZ  1 
ATOM   277  N N   . ILE A 1 37  ? 12.886  -1.540  -13.547 1.00 20.21 ?  149 ILE A N   1 
ATOM   278  C CA  . ILE A 1 37  ? 13.367  -2.904  -13.490 1.00 20.64 ?  149 ILE A CA  1 
ATOM   279  C C   . ILE A 1 37  ? 14.408  -3.074  -14.606 1.00 20.09 ?  149 ILE A C   1 
ATOM   280  O O   . ILE A 1 37  ? 14.066  -2.764  -15.712 1.00 18.92 ?  149 ILE A O   1 
ATOM   281  C CB  . ILE A 1 37  ? 12.174  -3.872  -13.614 1.00 22.29 ?  149 ILE A CB  1 
ATOM   282  C CG1 . ILE A 1 37  ? 12.664  -5.308  -13.444 1.00 21.18 ?  149 ILE A CG1 1 
ATOM   283  C CG2 . ILE A 1 37  ? 11.367  -3.616  -14.886 1.00 21.59 ?  149 ILE A CG2 1 
ATOM   284  C CD1 . ILE A 1 37  ? 11.544  -6.320  -13.402 1.00 24.13 ?  149 ILE A CD1 1 
HETATM 285  N N1  . SNN A 1 38  ? 16.741  -2.131  -17.178 1.00 24.11 ?  150 SNN A N1  1 
HETATM 286  C C   . SNN A 1 38  ? 16.744  -2.187  -15.859 1.00 24.80 ?  150 SNN A C   1 
HETATM 287  C CA  . SNN A 1 38  ? 16.669  -3.579  -15.318 1.00 24.40 ?  150 SNN A CA  1 
HETATM 288  N N   . SNN A 1 38  ? 15.611  -3.520  -14.301 1.00 23.79 ?  150 SNN A N   1 
HETATM 289  C C4  . SNN A 1 38  ? 16.531  -4.453  -16.576 1.00 25.19 ?  150 SNN A C4  1 
HETATM 290  C C5  . SNN A 1 38  ? 16.658  -3.388  -17.672 1.00 28.70 ?  150 SNN A C5  1 
HETATM 291  O O   . SNN A 1 38  ? 16.784  -1.200  -15.159 1.00 24.22 ?  150 SNN A O   1 
HETATM 292  O O5  . SNN A 1 38  ? 16.651  -3.685  -18.861 1.00 30.25 ?  150 SNN A O5  1 
ATOM   293  C CA  . GLY A 1 39  ? 16.801  -0.877  -17.937 1.00 26.46 ?  151 GLY A CA  1 
ATOM   294  C C   . GLY A 1 39  ? 15.428  -0.276  -18.286 1.00 27.90 ?  151 GLY A C   1 
ATOM   295  O O   . GLY A 1 39  ? 15.328  0.678   -19.059 1.00 28.77 ?  151 GLY A O   1 
ATOM   296  N N   . TYR A 1 40  ? 14.343  -0.825  -17.721 1.00 25.99 ?  152 TYR A N   1 
ATOM   297  C CA  . TYR A 1 40  ? 13.019  -0.316  -18.068 1.00 22.32 ?  152 TYR A CA  1 
ATOM   298  C C   . TYR A 1 40  ? 12.456  0.581   -16.971 1.00 24.11 ?  152 TYR A C   1 
ATOM   299  O O   . TYR A 1 40  ? 12.330  0.170   -15.824 1.00 20.14 ?  152 TYR A O   1 
ATOM   300  C CB  . TYR A 1 40  ? 12.003  -1.460  -18.191 1.00 21.49 ?  152 TYR A CB  1 
ATOM   301  C CG  . TYR A 1 40  ? 12.359  -2.426  -19.287 1.00 22.88 ?  152 TYR A CG  1 
ATOM   302  C CD1 . TYR A 1 40  ? 11.890  -2.214  -20.570 1.00 21.45 ?  152 TYR A CD1 1 
ATOM   303  C CD2 . TYR A 1 40  ? 13.186  -3.512  -19.043 1.00 21.32 ?  152 TYR A CD2 1 
ATOM   304  C CE1 . TYR A 1 40  ? 12.220  -3.085  -21.591 1.00 26.01 ?  152 TYR A CE1 1 
ATOM   305  C CE2 . TYR A 1 40  ? 13.493  -4.407  -20.049 1.00 25.15 ?  152 TYR A CE2 1 
ATOM   306  C CZ  . TYR A 1 40  ? 13.029  -4.174  -21.333 1.00 22.86 ?  152 TYR A CZ  1 
ATOM   307  O OH  . TYR A 1 40  ? 13.395  -4.989  -22.380 1.00 26.21 ?  152 TYR A OH  1 
ATOM   308  N N   . GLU A 1 41  ? 12.014  1.776   -17.380 1.00 26.25 ?  153 GLU A N   1 
ATOM   309  C CA  A GLU A 1 41  ? 11.313  2.706   -16.509 0.50 27.64 ?  153 GLU A CA  1 
ATOM   310  C CA  B GLU A 1 41  ? 11.331  2.685   -16.476 0.50 27.31 ?  153 GLU A CA  1 
ATOM   311  C C   . GLU A 1 41  ? 9.949   2.114   -16.167 1.00 25.85 ?  153 GLU A C   1 
ATOM   312  O O   . GLU A 1 41  ? 9.263   1.591   -17.033 1.00 28.25 ?  153 GLU A O   1 
ATOM   313  C CB  A GLU A 1 41  ? 11.131  4.044   -17.240 0.50 28.48 ?  153 GLU A CB  1 
ATOM   314  C CB  B GLU A 1 41  ? 11.243  4.082   -17.107 0.50 28.38 ?  153 GLU A CB  1 
ATOM   315  C CG  A GLU A 1 41  ? 12.447  4.709   -17.593 0.50 28.80 ?  153 GLU A CG  1 
ATOM   316  C CG  B GLU A 1 41  ? 11.299  5.203   -16.085 0.50 27.74 ?  153 GLU A CG  1 
ATOM   317  C CD  A GLU A 1 41  ? 13.379  4.964   -16.418 0.50 31.00 ?  153 GLU A CD  1 
ATOM   318  C CD  B GLU A 1 41  ? 10.853  6.539   -16.659 0.50 28.98 ?  153 GLU A CD  1 
ATOM   319  O OE1 A GLU A 1 41  ? 12.922  5.546   -15.425 0.50 28.96 ?  153 GLU A OE1 1 
ATOM   320  O OE1 B GLU A 1 41  ? 9.962   7.145   -16.081 0.50 27.90 ?  153 GLU A OE1 1 
ATOM   321  O OE2 A GLU A 1 41  ? 14.573  4.608   -16.515 0.50 33.87 -1 153 GLU A OE2 1 
ATOM   322  O OE2 B GLU A 1 41  ? 11.397  6.948   -17.689 0.50 32.14 -1 153 GLU A OE2 1 
ATOM   323  N N   . VAL A 1 42  ? 9.571   2.177   -14.893 1.00 25.29 ?  154 VAL A N   1 
ATOM   324  C CA  . VAL A 1 42  ? 8.271   1.680   -14.504 1.00 23.90 ?  154 VAL A CA  1 
ATOM   325  C C   . VAL A 1 42  ? 7.452   2.863   -13.999 1.00 25.49 ?  154 VAL A C   1 
ATOM   326  O O   . VAL A 1 42  ? 7.662   3.308   -12.882 1.00 24.03 ?  154 VAL A O   1 
ATOM   327  C CB  . VAL A 1 42  ? 8.439   0.619   -13.399 1.00 21.13 ?  154 VAL A CB  1 
ATOM   328  C CG1 . VAL A 1 42  ? 7.076   0.183   -12.880 1.00 21.04 ?  154 VAL A CG1 1 
ATOM   329  C CG2 . VAL A 1 42  ? 9.203   -0.593  -13.959 1.00 21.33 ?  154 VAL A CG2 1 
ATOM   330  N N   . ARG A 1 43  ? 6.487   3.310   -14.796 1.00 29.34 ?  155 ARG A N   1 
ATOM   331  C CA  . ARG A 1 43  ? 5.679   4.447   -14.409 1.00 29.69 ?  155 ARG A CA  1 
ATOM   332  C C   . ARG A 1 43  ? 4.343   3.884   -13.976 1.00 29.95 ?  155 ARG A C   1 
ATOM   333  O O   . ARG A 1 43  ? 3.743   4.391   -13.033 1.00 33.53 ?  155 ARG A O   1 
ATOM   334  C CB  . ARG A 1 43  ? 5.438   5.354   -15.619 1.00 32.05 ?  155 ARG A CB  1 
ATOM   335  C CG  . ARG A 1 43  ? 6.363   6.553   -15.777 1.00 40.73 ?  155 ARG A CG  1 
ATOM   336  C CD  . ARG A 1 43  ? 5.543   7.747   -16.329 1.00 42.76 ?  155 ARG A CD  1 
ATOM   337  N NE  . ARG A 1 43  ? 4.775   7.258   -17.486 1.00 46.30 ?  155 ARG A NE  1 
ATOM   338  C CZ  . ARG A 1 43  ? 3.434   7.232   -17.657 1.00 49.72 ?  155 ARG A CZ  1 
ATOM   339  N NH1 . ARG A 1 43  ? 2.598   7.721   -16.749 1.00 44.39 ?  155 ARG A NH1 1 
ATOM   340  N NH2 . ARG A 1 43  ? 2.936   6.692   -18.762 1.00 47.69 ?  155 ARG A NH2 1 
ATOM   341  N N   . THR A 1 44  ? 3.882   2.861   -14.717 1.00 23.57 ?  156 THR A N   1 
ATOM   342  C CA  . THR A 1 44  ? 2.572   2.274   -14.543 1.00 25.89 ?  156 THR A CA  1 
ATOM   343  C C   . THR A 1 44  ? 2.695   0.766   -14.477 1.00 25.95 ?  156 THR A C   1 
ATOM   344  O O   . THR A 1 44  ? 3.723   0.202   -14.856 1.00 26.75 ?  156 THR A O   1 
ATOM   345  C CB  . THR A 1 44  ? 1.647   2.590   -15.722 1.00 29.81 ?  156 THR A CB  1 
ATOM   346  O OG1 . THR A 1 44  ? 2.163   1.869   -16.839 1.00 28.30 ?  156 THR A OG1 1 
ATOM   347  C CG2 . THR A 1 44  ? 1.576   4.067   -16.043 1.00 27.98 ?  156 THR A CG2 1 
ATOM   348  N N   . TRP A 1 45  ? 1.607   0.121   -14.052 1.00 25.00 ?  157 TRP A N   1 
ATOM   349  C CA  . TRP A 1 45  ? 1.526   -1.326  -14.015 1.00 24.87 ?  157 TRP A CA  1 
ATOM   350  C C   . TRP A 1 45  ? 1.751   -1.902  -15.418 1.00 25.34 ?  157 TRP A C   1 
ATOM   351  O O   . TRP A 1 45  ? 2.295   -2.983  -15.592 1.00 22.31 ?  157 TRP A O   1 
ATOM   352  C CB  . TRP A 1 45  ? 0.153   -1.703  -13.464 1.00 25.18 ?  157 TRP A CB  1 
ATOM   353  C CG  . TRP A 1 45  ? 0.103   -1.653  -11.964 1.00 25.71 ?  157 TRP A CG  1 
ATOM   354  C CD1 . TRP A 1 45  ? -0.318  -0.612  -11.185 1.00 27.21 ?  157 TRP A CD1 1 
ATOM   355  C CD2 . TRP A 1 45  ? 0.485   -2.704  -11.064 1.00 23.31 ?  157 TRP A CD2 1 
ATOM   356  N NE1 . TRP A 1 45  ? -0.235  -0.944  -9.857  1.00 25.56 ?  157 TRP A NE1 1 
ATOM   357  C CE2 . TRP A 1 45  ? 0.238   -2.228  -9.755  1.00 25.17 ?  157 TRP A CE2 1 
ATOM   358  C CE3 . TRP A 1 45  ? 1.015   -3.989  -11.236 1.00 23.25 ?  157 TRP A CE3 1 
ATOM   359  C CZ2 . TRP A 1 45  ? 0.499   -2.997  -8.631  1.00 22.40 ?  157 TRP A CZ2 1 
ATOM   360  C CZ3 . TRP A 1 45  ? 1.276   -4.754  -10.124 1.00 23.07 ?  157 TRP A CZ3 1 
ATOM   361  C CH2 . TRP A 1 45  ? 1.012   -4.268  -8.835  1.00 25.47 ?  157 TRP A CH2 1 
ATOM   362  N N   . GLU A 1 46  ? 1.286   -1.172  -16.427 1.00 27.87 ?  158 GLU A N   1 
ATOM   363  C CA  . GLU A 1 46  ? 1.386   -1.660  -17.793 1.00 28.41 ?  158 GLU A CA  1 
ATOM   364  C C   . GLU A 1 46  ? 2.863   -1.692  -18.163 1.00 21.93 ?  158 GLU A C   1 
ATOM   365  O O   . GLU A 1 46  ? 3.311   -2.603  -18.857 1.00 28.54 ?  158 GLU A O   1 
ATOM   366  C CB  . GLU A 1 46  ? 0.509   -0.780  -18.702 1.00 28.46 ?  158 GLU A CB  1 
ATOM   367  C CG  . GLU A 1 46  ? 0.828   -0.892  -20.186 1.00 36.81 ?  158 GLU A CG  1 
ATOM   368  C CD  . GLU A 1 46  ? -0.006  -0.001  -21.100 1.00 40.92 ?  158 GLU A CD  1 
ATOM   369  O OE1 . GLU A 1 46  ? -0.514  1.054   -20.630 1.00 44.28 ?  158 GLU A OE1 1 
ATOM   370  O OE2 . GLU A 1 46  ? -0.151  -0.371  -22.270 1.00 50.76 -1 158 GLU A OE2 1 
ATOM   371  N N   . ASP A 1 47  ? 3.607   -0.704  -17.680 1.00 23.93 ?  159 ASP A N   1 
ATOM   372  C CA  . ASP A 1 47  ? 5.042   -0.639  -17.918 1.00 21.55 ?  159 ASP A CA  1 
ATOM   373  C C   . ASP A 1 47  ? 5.729   -1.864  -17.312 1.00 24.68 ?  159 ASP A C   1 
ATOM   374  O O   . ASP A 1 47  ? 6.520   -2.521  -17.987 1.00 23.66 ?  159 ASP A O   1 
ATOM   375  C CB  . ASP A 1 47  ? 5.694   0.572   -17.263 1.00 25.48 ?  159 ASP A CB  1 
ATOM   376  C CG  . ASP A 1 47  ? 5.515   1.898   -17.982 1.00 30.44 ?  159 ASP A CG  1 
ATOM   377  O OD1 . ASP A 1 47  ? 5.106   1.891   -19.153 1.00 30.08 ?  159 ASP A OD1 1 
ATOM   378  O OD2 . ASP A 1 47  ? 5.841   2.919   -17.367 1.00 29.03 -1 159 ASP A OD2 1 
ATOM   379  N N   . LEU A 1 48  ? 5.420   -2.166  -16.043 1.00 20.41 ?  160 LEU A N   1 
ATOM   380  C CA  . LEU A 1 48  ? 5.976   -3.344  -15.386 1.00 20.75 ?  160 LEU A CA  1 
ATOM   381  C C   . LEU A 1 48  ? 5.612   -4.632  -16.137 1.00 19.84 ?  160 LEU A C   1 
ATOM   382  O O   . LEU A 1 48  ? 6.488   -5.484  -16.325 1.00 20.04 ?  160 LEU A O   1 
ATOM   383  C CB  . LEU A 1 48  ? 5.529   -3.406  -13.913 1.00 18.55 ?  160 LEU A CB  1 
ATOM   384  C CG  . LEU A 1 48  ? 5.983   -4.650  -13.156 1.00 20.62 ?  160 LEU A CG  1 
ATOM   385  C CD1 . LEU A 1 48  ? 7.515   -4.685  -13.091 1.00 20.47 ?  160 LEU A CD1 1 
ATOM   386  C CD2 . LEU A 1 48  ? 5.425   -4.635  -11.729 1.00 22.29 ?  160 LEU A CD2 1 
ATOM   387  N N   . ARG A 1 49  ? 4.342   -4.794  -16.561 1.00 20.80 ?  161 ARG A N   1 
ATOM   388  C CA  . ARG A 1 49  ? 3.900   -5.999  -17.254 1.00 22.28 ?  161 ARG A CA  1 
ATOM   389  C C   . ARG A 1 49  ? 4.741   -6.212  -18.521 1.00 23.28 ?  161 ARG A C   1 
ATOM   390  O O   . ARG A 1 49  ? 5.264   -7.304  -18.778 1.00 21.10 ?  161 ARG A O   1 
ATOM   391  C CB  . ARG A 1 49  ? 2.409   -5.878  -17.600 1.00 26.23 ?  161 ARG A CB  1 
ATOM   392  C CG  . ARG A 1 49  ? 1.834   -7.055  -18.378 1.00 29.66 ?  161 ARG A CG  1 
ATOM   393  C CD  . ARG A 1 49  ? 0.487   -6.706  -19.006 1.00 32.57 ?  161 ARG A CD  1 
ATOM   394  N NE  . ARG A 1 49  ? 0.652   -5.554  -19.907 1.00 35.38 ?  161 ARG A NE  1 
ATOM   395  C CZ  . ARG A 1 49  ? -0.353  -4.888  -20.475 1.00 35.65 ?  161 ARG A CZ  1 
ATOM   396  N NH1 . ARG A 1 49  ? -1.607  -5.230  -20.230 1.00 34.54 ?  161 ARG A NH1 1 
ATOM   397  N NH2 . ARG A 1 49  ? -0.105  -3.861  -21.264 1.00 36.39 ?  161 ARG A NH2 1 
ATOM   398  N N   . ASP A 1 50  ? 4.908   -5.135  -19.282 1.00 20.54 ?  162 ASP A N   1 
ATOM   399  C CA  . ASP A 1 50  ? 5.543   -5.235  -20.590 1.00 23.92 ?  162 ASP A CA  1 
ATOM   400  C C   . ASP A 1 50  ? 7.040   -5.450  -20.436 1.00 22.99 ?  162 ASP A C   1 
ATOM   401  O O   . ASP A 1 50  ? 7.622   -6.199  -21.218 1.00 24.51 ?  162 ASP A O   1 
ATOM   402  C CB  . ASP A 1 50  ? 5.171   -4.048  -21.475 1.00 25.04 ?  162 ASP A CB  1 
ATOM   403  C CG  . ASP A 1 50  ? 3.685   -4.088  -21.854 1.00 29.01 ?  162 ASP A CG  1 
ATOM   404  O OD1 . ASP A 1 50  ? 2.997   -5.094  -21.545 1.00 34.11 ?  162 ASP A OD1 1 
ATOM   405  O OD2 . ASP A 1 50  ? 3.231   -3.125  -22.428 1.00 33.39 -1 162 ASP A OD2 1 
ATOM   406  N N   . ALA A 1 51  ? 7.629   -4.828  -19.413 1.00 22.06 ?  163 ALA A N   1 
ATOM   407  C CA  . ALA A 1 51  ? 9.037   -5.002  -19.097 1.00 20.98 ?  163 ALA A CA  1 
ATOM   408  C C   . ALA A 1 51  ? 9.328   -6.459  -18.721 1.00 22.79 ?  163 ALA A C   1 
ATOM   409  O O   . ALA A 1 51  ? 10.273  -7.071  -19.258 1.00 20.13 ?  163 ALA A O   1 
ATOM   410  C CB  . ALA A 1 51  ? 9.500   -4.013  -18.058 1.00 19.28 ?  163 ALA A CB  1 
ATOM   411  N N   . LEU A 1 52  ? 8.523   -7.010  -17.801 1.00 18.60 ?  164 LEU A N   1 
ATOM   412  C CA  . LEU A 1 52  ? 8.718   -8.384  -17.371 1.00 17.77 ?  164 LEU A CA  1 
ATOM   413  C C   . LEU A 1 52  ? 8.604   -9.356  -18.549 1.00 20.62 ?  164 LEU A C   1 
ATOM   414  O O   . LEU A 1 52  ? 9.371   -10.312 -18.640 1.00 17.34 ?  164 LEU A O   1 
ATOM   415  C CB  . LEU A 1 52  ? 7.687   -8.759  -16.295 1.00 17.11 ?  164 LEU A CB  1 
ATOM   416  C CG  . LEU A 1 52  ? 7.926   -8.133  -14.925 1.00 19.05 ?  164 LEU A CG  1 
ATOM   417  C CD1 . LEU A 1 52  ? 6.739   -8.317  -13.990 1.00 22.08 ?  164 LEU A CD1 1 
ATOM   418  C CD2 . LEU A 1 52  ? 9.152   -8.747  -14.292 1.00 18.21 ?  164 LEU A CD2 1 
ATOM   419  N N   . ILE A 1 53  ? 7.606   -9.144  -19.411 1.00 21.64 ?  165 ILE A N   1 
ATOM   420  C CA  . ILE A 1 53  ? 7.418   -9.975  -20.590 1.00 24.18 ?  165 ILE A CA  1 
ATOM   421  C C   . ILE A 1 53  ? 8.657   -9.939  -21.471 1.00 23.89 ?  165 ILE A C   1 
ATOM   422  O O   . ILE A 1 53  ? 9.155   -10.982 -21.912 1.00 27.12 ?  165 ILE A O   1 
ATOM   423  C CB  . ILE A 1 53  ? 6.132   -9.577  -21.359 1.00 25.88 ?  165 ILE A CB  1 
ATOM   424  C CG1 . ILE A 1 53  ? 4.865   -9.964  -20.581 1.00 26.23 ?  165 ILE A CG1 1 
ATOM   425  C CG2 . ILE A 1 53  ? 6.092   -10.212 -22.756 1.00 25.12 ?  165 ILE A CG2 1 
ATOM   426  C CD1 . ILE A 1 53  ? 3.601   -9.443  -21.233 1.00 28.55 ?  165 ILE A CD1 1 
ATOM   427  N N   . ARG A 1 54  ? 9.141   -8.733  -21.768 1.00 23.25 ?  166 ARG A N   1 
ATOM   428  C CA  . ARG A 1 54  ? 10.299  -8.616  -22.634 1.00 23.87 ?  166 ARG A CA  1 
ATOM   429  C C   . ARG A 1 54  ? 11.542  -9.286  -22.029 1.00 25.71 ?  166 ARG A C   1 
ATOM   430  O O   . ARG A 1 54  ? 12.240  -10.016 -22.729 1.00 23.45 ?  166 ARG A O   1 
ATOM   431  C CB  . ARG A 1 54  ? 10.567  -7.147  -22.968 1.00 23.38 ?  166 ARG A CB  1 
ATOM   432  C CG  . ARG A 1 54  ? 11.708  -6.963  -23.954 1.00 28.85 ?  166 ARG A CG  1 
ATOM   433  C CD  . ARG A 1 54  ? 11.287  -7.410  -25.322 1.00 33.65 ?  166 ARG A CD  1 
ATOM   434  N NE  . ARG A 1 54  ? 12.400  -8.169  -25.866 1.00 38.22 ?  166 ARG A NE  1 
ATOM   435  C CZ  . ARG A 1 54  ? 12.489  -8.530  -27.135 1.00 41.82 ?  166 ARG A CZ  1 
ATOM   436  N NH1 . ARG A 1 54  ? 11.551  -8.174  -27.999 1.00 45.99 ?  166 ARG A NH1 1 
ATOM   437  N NH2 . ARG A 1 54  ? 13.520  -9.240  -27.542 1.00 44.83 ?  166 ARG A NH2 1 
ATOM   438  N N   . LEU A 1 55  ? 11.844  -8.992  -20.757 1.00 20.83 ?  167 LEU A N   1 
ATOM   439  C CA  . LEU A 1 55  ? 12.974  -9.577  -20.048 1.00 22.79 ?  167 LEU A CA  1 
ATOM   440  C C   . LEU A 1 55  ? 12.932  -11.102 -20.194 1.00 23.80 ?  167 LEU A C   1 
ATOM   441  O O   . LEU A 1 55  ? 13.929  -11.711 -20.549 1.00 25.70 ?  167 LEU A O   1 
ATOM   442  C CB  . LEU A 1 55  ? 12.918  -9.166  -18.560 1.00 23.00 ?  167 LEU A CB  1 
ATOM   443  C CG  . LEU A 1 55  ? 13.344  -7.714  -18.291 1.00 24.23 ?  167 LEU A CG  1 
ATOM   444  C CD1 . LEU A 1 55  ? 12.827  -7.246  -16.919 1.00 23.38 ?  167 LEU A CD1 1 
ATOM   445  C CD2 . LEU A 1 55  ? 14.862  -7.549  -18.396 1.00 22.74 ?  167 LEU A CD2 1 
ATOM   446  N N   . SER A 1 56  ? 11.777  -11.698 -19.908 1.00 23.52 ?  168 SER A N   1 
ATOM   447  C CA  A SER A 1 56  ? 11.609  -13.144 -19.989 0.50 24.18 ?  168 SER A CA  1 
ATOM   448  C CA  B SER A 1 56  ? 11.598  -13.143 -19.996 0.50 27.34 ?  168 SER A CA  1 
ATOM   449  C C   . SER A 1 56  ? 11.851  -13.638 -21.424 1.00 27.49 ?  168 SER A C   1 
ATOM   450  O O   . SER A 1 56  ? 12.563  -14.614 -21.628 1.00 27.76 ?  168 SER A O   1 
ATOM   451  C CB  A SER A 1 56  ? 10.249  -13.547 -19.433 0.50 22.90 ?  168 SER A CB  1 
ATOM   452  C CB  B SER A 1 56  ? 10.222  -13.554 -19.523 0.50 30.54 ?  168 SER A CB  1 
ATOM   453  O OG  A SER A 1 56  ? 9.907   -14.888 -19.757 0.50 17.48 ?  168 SER A OG  1 
ATOM   454  O OG  B SER A 1 56  ? 9.267   -13.372 -20.562 0.50 35.47 ?  168 SER A OG  1 
ATOM   455  N N   . LEU A 1 57  ? 11.270  -12.965 -22.426 1.00 28.42 ?  169 LEU A N   1 
ATOM   456  C CA  . LEU A 1 57  ? 11.461  -13.386 -23.816 1.00 33.14 ?  169 LEU A CA  1 
ATOM   457  C C   . LEU A 1 57  ? 12.940  -13.285 -24.190 1.00 35.50 ?  169 LEU A C   1 
ATOM   458  O O   . LEU A 1 57  ? 13.461  -14.127 -24.916 1.00 37.50 ?  169 LEU A O   1 
ATOM   459  C CB  . LEU A 1 57  ? 10.605  -12.548 -24.770 1.00 33.54 ?  169 LEU A CB  1 
ATOM   460  C CG  . LEU A 1 57  ? 9.095   -12.778 -24.707 1.00 35.60 ?  169 LEU A CG  1 
ATOM   461  C CD1 . LEU A 1 57  ? 8.374   -11.826 -25.671 1.00 34.82 ?  169 LEU A CD1 1 
ATOM   462  C CD2 . LEU A 1 57  ? 8.722   -14.234 -24.982 1.00 32.59 ?  169 LEU A CD2 1 
ATOM   463  N N   . ASP A 1 58  ? 13.643  -12.299 -23.626 1.00 32.78 ?  170 ASP A N   1 
ATOM   464  C CA  . ASP A 1 58  ? 15.071  -12.119 -23.862 1.00 35.98 ?  170 ASP A CA  1 
ATOM   465  C C   . ASP A 1 58  ? 15.953  -13.069 -23.054 1.00 32.90 ?  170 ASP A C   1 
ATOM   466  O O   . ASP A 1 58  ? 17.165  -12.966 -23.159 1.00 33.18 ?  170 ASP A O   1 
ATOM   467  C CB  . ASP A 1 58  ? 15.532  -10.692 -23.570 1.00 35.05 ?  170 ASP A CB  1 
ATOM   468  C CG  . ASP A 1 58  ? 15.042  -9.737  -24.638 1.00 42.68 ?  170 ASP A CG  1 
ATOM   469  O OD1 . ASP A 1 58  ? 14.637  -10.230 -25.704 1.00 47.88 ?  170 ASP A OD1 1 
ATOM   470  O OD2 . ASP A 1 58  ? 15.060  -8.529  -24.399 1.00 37.74 -1 170 ASP A OD2 1 
ATOM   471  N N   . GLY A 1 59  ? 15.364  -13.980 -22.286 1.00 33.12 ?  171 GLY A N   1 
ATOM   472  C CA  . GLY A 1 59  ? 16.162  -14.969 -21.566 1.00 36.76 ?  171 GLY A CA  1 
ATOM   473  C C   . GLY A 1 59  ? 16.806  -14.441 -20.280 1.00 35.29 ?  171 GLY A C   1 
ATOM   474  O O   . GLY A 1 59  ? 17.605  -15.123 -19.654 1.00 31.57 ?  171 GLY A O   1 
ATOM   475  N N   . VAL A 1 60  ? 16.426  -13.242 -19.842 1.00 29.48 ?  172 VAL A N   1 
ATOM   476  C CA  . VAL A 1 60  ? 17.051  -12.679 -18.666 1.00 31.56 ?  172 VAL A CA  1 
ATOM   477  C C   . VAL A 1 60  ? 16.456  -13.400 -17.461 1.00 33.66 ?  172 VAL A C   1 
ATOM   478  O O   . VAL A 1 60  ? 15.248  -13.357 -17.238 1.00 32.77 ?  172 VAL A O   1 
ATOM   479  C CB  . VAL A 1 60  ? 16.844  -11.147 -18.616 1.00 29.21 ?  172 VAL A CB  1 
ATOM   480  C CG1 . VAL A 1 60  ? 17.494  -10.504 -17.405 1.00 31.12 ?  172 VAL A CG1 1 
ATOM   481  C CG2 . VAL A 1 60  ? 17.329  -10.485 -19.903 1.00 32.74 ?  172 VAL A CG2 1 
ATOM   482  N N   . LYS A 1 61  ? 17.314  -14.043 -16.673 1.00 27.58 ?  173 LYS A N   1 
ATOM   483  C CA  . LYS A 1 61  ? 16.820  -14.827 -15.560 1.00 31.58 ?  173 LYS A CA  1 
ATOM   484  C C   . LYS A 1 61  ? 16.588  -13.985 -14.302 1.00 28.06 ?  173 LYS A C   1 
ATOM   485  O O   . LYS A 1 61  ? 15.666  -14.251 -13.531 1.00 28.22 ?  173 LYS A O   1 
ATOM   486  C CB  . LYS A 1 61  ? 17.749  -16.021 -15.339 1.00 36.23 ?  173 LYS A CB  1 
ATOM   487  C CG  . LYS A 1 61  ? 17.163  -17.343 -15.817 1.00 41.20 ?  173 LYS A CG  1 
ATOM   488  C CD  . LYS A 1 61  ? 18.062  -18.504 -15.483 1.00 43.79 ?  173 LYS A CD  1 
ATOM   489  C CE  . LYS A 1 61  ? 19.143  -18.630 -16.535 1.00 53.13 ?  173 LYS A CE  1 
ATOM   490  N NZ  . LYS A 1 61  ? 18.726  -19.520 -17.643 1.00 47.84 ?  173 LYS A NZ  1 
ATOM   491  N N   . GLU A 1 62  ? 17.466  -13.018 -14.057 1.00 29.19 ?  174 GLU A N   1 
ATOM   492  C CA  . GLU A 1 62  ? 17.309  -12.177 -12.890 1.00 30.72 ?  174 GLU A CA  1 
ATOM   493  C C   . GLU A 1 62  ? 17.819  -10.783 -13.231 1.00 30.52 ?  174 GLU A C   1 
ATOM   494  O O   . GLU A 1 62  ? 18.592  -10.610 -14.175 1.00 28.53 ?  174 GLU A O   1 
ATOM   495  C CB  . GLU A 1 62  ? 18.003  -12.817 -11.694 1.00 37.50 ?  174 GLU A CB  1 
ATOM   496  C CG  . GLU A 1 62  ? 19.513  -12.740 -11.738 1.00 42.48 ?  174 GLU A CG  1 
ATOM   497  C CD  . GLU A 1 62  ? 20.135  -13.416 -10.519 1.00 47.17 ?  174 GLU A CD  1 
ATOM   498  O OE1 . GLU A 1 62  ? 19.482  -14.336 -9.965  1.00 49.05 ?  174 GLU A OE1 1 
ATOM   499  O OE2 . GLU A 1 62  ? 21.259  -13.030 -10.130 1.00 47.26 -1 174 GLU A OE2 1 
ATOM   500  N N   . THR A 1 63  ? 17.308  -9.779  -12.512 1.00 26.03 ?  175 THR A N   1 
ATOM   501  C CA  . THR A 1 63  ? 17.717  -8.426  -12.839 1.00 26.18 ?  175 THR A CA  1 
ATOM   502  C C   . THR A 1 63  ? 17.528  -7.554  -11.610 1.00 24.02 ?  175 THR A C   1 
ATOM   503  O O   . THR A 1 63  ? 17.097  -8.052  -10.569 1.00 24.46 ?  175 THR A O   1 
ATOM   504  C CB  . THR A 1 63  ? 16.977  -7.927  -14.091 1.00 31.03 ?  175 THR A CB  1 
ATOM   505  O OG1 . THR A 1 63  ? 17.709  -6.767  -14.508 1.00 38.24 ?  175 THR A OG1 1 
ATOM   506  C CG2 . THR A 1 63  ? 15.510  -7.632  -13.846 1.00 29.26 ?  175 THR A CG2 1 
ATOM   507  N N   . THR A 1 64  ? 17.839  -6.267  -11.752 1.00 24.07 ?  176 THR A N   1 
ATOM   508  C CA  A THR A 1 64  ? 17.690  -5.364  -10.630 0.50 24.31 ?  176 THR A CA  1 
ATOM   509  C CA  B THR A 1 64  ? 17.716  -5.291  -10.681 0.50 25.09 ?  176 THR A CA  1 
ATOM   510  C C   . THR A 1 64  ? 16.277  -4.787  -10.611 1.00 22.92 ?  176 THR A C   1 
ATOM   511  O O   . THR A 1 64  ? 15.714  -4.427  -11.613 1.00 24.09 ?  176 THR A O   1 
ATOM   512  C CB  A THR A 1 64  ? 18.830  -4.338  -10.559 0.50 25.93 ?  176 THR A CB  1 
ATOM   513  C CB  B THR A 1 64  ? 18.624  -4.070  -10.919 0.50 26.29 ?  176 THR A CB  1 
ATOM   514  O OG1 A THR A 1 64  ? 20.029  -5.086  -10.340 0.50 26.28 ?  176 THR A OG1 1 
ATOM   515  O OG1 B THR A 1 64  ? 18.370  -3.566  -12.226 0.50 28.68 ?  176 THR A OG1 1 
ATOM   516  C CG2 A THR A 1 64  ? 18.648  -3.359  -9.421  0.50 22.57 ?  176 THR A CG2 1 
ATOM   517  C CG2 B THR A 1 64  ? 20.105  -4.362  -10.803 0.50 28.86 ?  176 THR A CG2 1 
ATOM   518  N N   . LEU A 1 65  ? 15.701  -4.734  -9.424  1.00 22.99 ?  177 LEU A N   1 
ATOM   519  C CA  . LEU A 1 65  ? 14.412  -4.084  -9.313  1.00 24.27 ?  177 LEU A CA  1 
ATOM   520  C C   . LEU A 1 65  ? 14.590  -2.868  -8.415  1.00 22.99 ?  177 LEU A C   1 
ATOM   521  O O   . LEU A 1 65  ? 15.208  -2.967  -7.379  1.00 24.37 ?  177 LEU A O   1 
ATOM   522  C CB  . LEU A 1 65  ? 13.411  -5.048  -8.676  1.00 24.31 ?  177 LEU A CB  1 
ATOM   523  C CG  . LEU A 1 65  ? 11.995  -4.493  -8.561  1.00 25.64 ?  177 LEU A CG  1 
ATOM   524  C CD1 . LEU A 1 65  ? 11.326  -4.509  -9.919  1.00 26.57 ?  177 LEU A CD1 1 
ATOM   525  C CD2 . LEU A 1 65  ? 11.178  -5.324  -7.599  1.00 30.97 ?  177 LEU A CD2 1 
ATOM   526  N N   . PHE A 1 66  ? 14.028  -1.737  -8.814  1.00 22.07 ?  178 PHE A N   1 
ATOM   527  C CA  . PHE A 1 66  ? 14.204  -0.584  -7.959  1.00 22.76 ?  178 PHE A CA  1 
ATOM   528  C C   . PHE A 1 66  ? 12.855  -0.203  -7.371  1.00 19.62 ?  178 PHE A C   1 
ATOM   529  O O   . PHE A 1 66  ? 11.875  -0.102  -8.097  1.00 21.36 ?  178 PHE A O   1 
ATOM   530  C CB  . PHE A 1 66  ? 14.708  0.583   -8.802  1.00 24.43 ?  178 PHE A CB  1 
ATOM   531  C CG  . PHE A 1 66  ? 16.131  0.408   -9.275  1.00 26.04 ?  178 PHE A CG  1 
ATOM   532  C CD1 . PHE A 1 66  ? 17.193  0.811   -8.492  1.00 25.86 ?  178 PHE A CD1 1 
ATOM   533  C CD2 . PHE A 1 66  ? 16.399  -0.178  -10.512 1.00 27.88 ?  178 PHE A CD2 1 
ATOM   534  C CE1 . PHE A 1 66  ? 18.502  0.656   -8.943  1.00 29.50 ?  178 PHE A CE1 1 
ATOM   535  C CE2 . PHE A 1 66  ? 17.707  -0.326  -10.961 1.00 33.07 ?  178 PHE A CE2 1 
ATOM   536  C CZ  . PHE A 1 66  ? 18.762  0.111   -10.185 1.00 29.76 ?  178 PHE A CZ  1 
ATOM   537  N N   . LEU A 1 67  ? 12.820  0.102   -6.074  1.00 20.26 ?  179 LEU A N   1 
ATOM   538  C CA  . LEU A 1 67  ? 11.538  0.553   -5.571  1.00 21.52 ?  179 LEU A CA  1 
ATOM   539  C C   . LEU A 1 67  ? 11.751  1.577   -4.465  1.00 20.43 ?  179 LEU A C   1 
ATOM   540  O O   . LEU A 1 67  ? 12.817  1.653   -3.886  1.00 22.67 ?  179 LEU A O   1 
ATOM   541  C CB  . LEU A 1 67  ? 10.758  -0.672  -5.070  1.00 23.31 ?  179 LEU A CB  1 
ATOM   542  C CG  . LEU A 1 67  ? 11.429  -1.463  -3.952  1.00 23.82 ?  179 LEU A CG  1 
ATOM   543  C CD1 . LEU A 1 67  ? 11.184  -0.777  -2.605  1.00 25.72 ?  179 LEU A CD1 1 
ATOM   544  C CD2 . LEU A 1 67  ? 10.803  -2.851  -3.921  1.00 24.17 ?  179 LEU A CD2 1 
ATOM   545  N N   . GLU A 1 68  ? 10.703  2.351   -4.199  1.00 21.29 ?  180 GLU A N   1 
ATOM   546  C CA  . GLU A 1 68  ? 10.721  3.286   -3.087  1.00 26.26 ?  180 GLU A CA  1 
ATOM   547  C C   . GLU A 1 68  ? 10.000  2.665   -1.892  1.00 22.70 ?  180 GLU A C   1 
ATOM   548  O O   . GLU A 1 68  ? 8.900   2.151   -2.025  1.00 21.98 ?  180 GLU A O   1 
ATOM   549  C CB  . GLU A 1 68  ? 10.035  4.582   -3.496  1.00 28.27 ?  180 GLU A CB  1 
ATOM   550  C CG  . GLU A 1 68  ? 10.146  5.673   -2.424  1.00 36.11 ?  180 GLU A CG  1 
ATOM   551  C CD  . GLU A 1 68  ? 9.669   6.991   -3.003  1.00 40.44 ?  180 GLU A CD  1 
ATOM   552  O OE1 . GLU A 1 68  ? 8.529   6.992   -3.522  1.00 40.05 ?  180 GLU A OE1 1 
ATOM   553  O OE2 . GLU A 1 68  ? 10.466  7.978   -3.009  1.00 40.44 -1 180 GLU A OE2 1 
ATOM   554  N N   . ARG A 1 69  ? 10.680  2.643   -0.746  1.00 23.13 ?  181 ARG A N   1 
ATOM   555  C CA  . ARG A 1 69  ? 10.111  2.201   0.511   1.00 26.56 ?  181 ARG A CA  1 
ATOM   556  C C   . ARG A 1 69  ? 10.471  3.261   1.558   1.00 29.75 ?  181 ARG A C   1 
ATOM   557  O O   . ARG A 1 69  ? 11.649  3.599   1.722   1.00 27.49 ?  181 ARG A O   1 
ATOM   558  C CB  . ARG A 1 69  ? 10.671  0.818   0.862   1.00 26.27 ?  181 ARG A CB  1 
ATOM   559  C CG  . ARG A 1 69  ? 10.267  0.279   2.237   1.00 27.68 ?  181 ARG A CG  1 
ATOM   560  C CD  . ARG A 1 69  ? 10.809  -1.106  2.555   1.00 28.94 ?  181 ARG A CD  1 
ATOM   561  N NE  . ARG A 1 69  ? 10.527  -2.027  1.457   1.00 27.03 ?  181 ARG A NE  1 
ATOM   562  C CZ  . ARG A 1 69  ? 11.125  -3.192  1.297   1.00 29.65 ?  181 ARG A CZ  1 
ATOM   563  N NH1 . ARG A 1 69  ? 12.044  -3.564  2.169   1.00 28.35 ?  181 ARG A NH1 1 
ATOM   564  N NH2 . ARG A 1 69  ? 10.824  -3.968  0.263   1.00 28.19 ?  181 ARG A NH2 1 
ATOM   565  N N   . ASN A 1 70  ? 9.450   3.802   2.225   1.00 32.34 ?  182 ASN A N   1 
ATOM   566  C CA  . ASN A 1 70  ? 9.618   4.772   3.311   1.00 34.33 ?  182 ASN A CA  1 
ATOM   567  C C   . ASN A 1 70  ? 10.504  5.941   2.860   1.00 36.46 ?  182 ASN A C   1 
ATOM   568  O O   . ASN A 1 70  ? 11.470  6.328   3.524   1.00 36.54 ?  182 ASN A O   1 
ATOM   569  C CB  . ASN A 1 70  ? 10.071  4.092   4.601   1.00 39.33 ?  182 ASN A CB  1 
ATOM   570  C CG  . ASN A 1 70  ? 9.756   4.911   5.837   1.00 42.44 ?  182 ASN A CG  1 
ATOM   571  O OD1 . ASN A 1 70  ? 8.736   5.598   5.907   1.00 48.26 ?  182 ASN A OD1 1 
ATOM   572  N ND2 . ASN A 1 70  ? 10.638  4.847   6.812   1.00 47.44 ?  182 ASN A ND2 1 
ATOM   573  N N   . GLY A 1 71  ? 10.178  6.488   1.692   1.00 32.58 ?  183 GLY A N   1 
ATOM   574  C CA  . GLY A 1 71  ? 10.885  7.647   1.180   1.00 36.26 ?  183 GLY A CA  1 
ATOM   575  C C   . GLY A 1 71  ? 12.335  7.399   0.747   1.00 36.59 ?  183 GLY A C   1 
ATOM   576  O O   . GLY A 1 71  ? 13.018  8.363   0.419   1.00 39.20 ?  183 GLY A O   1 
ATOM   577  N N   . GLU A 1 72  ? 12.814  6.146   0.705   1.00 31.07 ?  184 GLU A N   1 
ATOM   578  C CA  . GLU A 1 72  ? 14.145  5.868   0.173   1.00 30.75 ?  184 GLU A CA  1 
ATOM   579  C C   . GLU A 1 72  ? 14.054  4.916   -1.022  1.00 34.39 ?  184 GLU A C   1 
ATOM   580  O O   . GLU A 1 72  ? 13.066  4.204   -1.135  1.00 33.37 ?  184 GLU A O   1 
ATOM   581  C CB  . GLU A 1 72  ? 14.960  5.132   1.215   1.00 39.31 ?  184 GLU A CB  1 
ATOM   582  C CG  . GLU A 1 72  ? 15.389  6.027   2.352   1.00 57.66 ?  184 GLU A CG  1 
ATOM   583  C CD  . GLU A 1 72  ? 16.713  5.553   2.920   1.00 70.53 ?  184 GLU A CD  1 
ATOM   584  O OE1 . GLU A 1 72  ? 17.478  6.414   3.413   1.00 77.35 ?  184 GLU A OE1 1 
ATOM   585  O OE2 . GLU A 1 72  ? 16.987  4.319   2.841   1.00 71.31 -1 184 GLU A OE2 1 
ATOM   586  N N   . VAL A 1 73  ? 15.085  4.876   -1.887  1.00 31.09 ?  185 VAL A N   1 
ATOM   587  C CA  . VAL A 1 73  ? 15.088  3.925   -2.996  1.00 28.86 ?  185 VAL A CA  1 
ATOM   588  C C   . VAL A 1 73  ? 15.932  2.717   -2.616  1.00 31.04 ?  185 VAL A C   1 
ATOM   589  O O   . VAL A 1 73  ? 17.079  2.857   -2.219  1.00 29.55 ?  185 VAL A O   1 
ATOM   590  C CB  . VAL A 1 73  ? 15.580  4.523   -4.330  1.00 31.21 ?  185 VAL A CB  1 
ATOM   591  C CG1 . VAL A 1 73  ? 15.721  3.441   -5.411  1.00 29.04 ?  185 VAL A CG1 1 
ATOM   592  C CG2 . VAL A 1 73  ? 14.662  5.631   -4.817  1.00 24.54 ?  185 VAL A CG2 1 
ATOM   593  N N   . LEU A 1 74  ? 15.358  1.520   -2.774  1.00 27.93 ?  186 LEU A N   1 
ATOM   594  C CA  . LEU A 1 74  ? 16.074  0.281   -2.524  1.00 28.18 ?  186 LEU A CA  1 
ATOM   595  C C   . LEU A 1 74  ? 16.210  -0.422  -3.858  1.00 27.93 ?  186 LEU A C   1 
ATOM   596  O O   . LEU A 1 74  ? 15.460  -0.149  -4.787  1.00 27.70 ?  186 LEU A O   1 
ATOM   597  C CB  . LEU A 1 74  ? 15.261  -0.604  -1.565  1.00 29.14 ?  186 LEU A CB  1 
ATOM   598  C CG  . LEU A 1 74  ? 14.908  0.046   -0.222  1.00 33.73 ?  186 LEU A CG  1 
ATOM   599  C CD1 . LEU A 1 74  ? 14.125  -0.934  0.648   1.00 32.76 ?  186 LEU A CD1 1 
ATOM   600  C CD2 . LEU A 1 74  ? 16.167  0.504   0.525   1.00 35.73 ?  186 LEU A CD2 1 
ATOM   601  N N   . HIS A 1 75  ? 17.178  -1.326  -3.947  1.00 29.84 ?  187 HIS A N   1 
ATOM   602  C CA  . HIS A 1 75  ? 17.251  -2.157  -5.130  1.00 34.02 ?  187 HIS A CA  1 
ATOM   603  C C   . HIS A 1 75  ? 17.331  -3.604  -4.673  1.00 34.71 ?  187 HIS A C   1 
ATOM   604  O O   . HIS A 1 75  ? 17.972  -3.904  -3.680  1.00 29.97 ?  187 HIS A O   1 
ATOM   605  C CB  . HIS A 1 75  ? 18.405  -1.739  -6.048  1.00 37.72 ?  187 HIS A CB  1 
ATOM   606  C CG  . HIS A 1 75  ? 19.718  -1.616  -5.351  1.00 41.29 ?  187 HIS A CG  1 
ATOM   607  N ND1 . HIS A 1 75  ? 20.701  -2.581  -5.460  1.00 40.61 ?  187 HIS A ND1 1 
ATOM   608  C CD2 . HIS A 1 75  ? 20.215  -0.642  -4.546  1.00 44.23 ?  187 HIS A CD2 1 
ATOM   609  C CE1 . HIS A 1 75  ? 21.763  -2.200  -4.768  1.00 46.20 ?  187 HIS A CE1 1 
ATOM   610  N NE2 . HIS A 1 75  ? 21.493  -1.002  -4.200  1.00 51.47 ?  187 HIS A NE2 1 
ATOM   611  N N   . LEU A 1 76  ? 16.642  -4.480  -5.400  1.00 33.17 ?  188 LEU A N   1 
ATOM   612  C CA  . LEU A 1 76  ? 16.554  -5.888  -5.059  1.00 31.05 ?  188 LEU A CA  1 
ATOM   613  C C   . LEU A 1 76  ? 16.971  -6.630  -6.322  1.00 28.90 ?  188 LEU A C   1 
ATOM   614  O O   . LEU A 1 76  ? 17.005  -6.030  -7.399  1.00 27.40 ?  188 LEU A O   1 
ATOM   615  C CB  . LEU A 1 76  ? 15.088  -6.203  -4.708  1.00 36.26 ?  188 LEU A CB  1 
ATOM   616  C CG  . LEU A 1 76  ? 14.486  -5.433  -3.528  1.00 41.71 ?  188 LEU A CG  1 
ATOM   617  C CD1 . LEU A 1 76  ? 13.072  -5.927  -3.237  1.00 38.46 ?  188 LEU A CD1 1 
ATOM   618  C CD2 . LEU A 1 76  ? 15.357  -5.570  -2.289  1.00 40.73 ?  188 LEU A CD2 1 
ATOM   619  N N   . THR A 1 77  ? 17.352  -7.906  -6.186  1.00 30.00 ?  189 THR A N   1 
ATOM   620  C CA  . THR A 1 77  ? 17.591  -8.735  -7.360  1.00 30.02 ?  189 THR A CA  1 
ATOM   621  C C   . THR A 1 77  ? 16.367  -9.617  -7.556  1.00 32.15 ?  189 THR A C   1 
ATOM   622  O O   . THR A 1 77  ? 15.921  -10.299 -6.638  1.00 33.31 ?  189 THR A O   1 
ATOM   623  C CB  . THR A 1 77  ? 18.852  -9.597  -7.238  1.00 29.94 ?  189 THR A CB  1 
ATOM   624  O OG1 . THR A 1 77  ? 19.958  -8.708  -7.118  1.00 31.10 ?  189 THR A OG1 1 
ATOM   625  C CG2 . THR A 1 77  ? 19.082  -10.409 -8.487  1.00 27.32 ?  189 THR A CG2 1 
ATOM   626  N N   . ILE A 1 78  ? 15.776  -9.541  -8.738  1.00 32.67 ?  190 ILE A N   1 
ATOM   627  C CA  . ILE A 1 78  ? 14.473  -10.153 -8.859  1.00 35.71 ?  190 ILE A CA  1 
ATOM   628  C C   . ILE A 1 78  ? 14.600  -11.257 -9.892  1.00 32.02 ?  190 ILE A C   1 
ATOM   629  O O   . ILE A 1 78  ? 15.278  -11.066 -10.898 1.00 28.70 ?  190 ILE A O   1 
ATOM   630  C CB  . ILE A 1 78  ? 13.390  -9.118  -9.238  1.00 35.24 ?  190 ILE A CB  1 
ATOM   631  C CG1 . ILE A 1 78  ? 11.987  -9.718  -9.110  1.00 45.19 ?  190 ILE A CG1 1 
ATOM   632  C CG2 . ILE A 1 78  ? 13.621  -8.514  -10.612 1.00 36.16 ?  190 ILE A CG2 1 
ATOM   633  C CD1 . ILE A 1 78  ? 11.018  -9.230  -10.170 1.00 47.55 ?  190 ILE A CD1 1 
ATOM   634  N N   . LYS A 1 79  ? 13.919  -12.373 -9.615  1.00 29.88 ?  191 LYS A N   1 
ATOM   635  C CA  . LYS A 1 79  ? 13.836  -13.480 -10.553 1.00 32.27 ?  191 LYS A CA  1 
ATOM   636  C C   . LYS A 1 79  ? 12.761  -13.096 -11.574 1.00 30.72 ?  191 LYS A C   1 
ATOM   637  O O   . LYS A 1 79  ? 11.670  -12.666 -11.196 1.00 31.26 ?  191 LYS A O   1 
ATOM   638  C CB  . LYS A 1 79  ? 13.505  -14.761 -9.772  1.00 33.14 ?  191 LYS A CB  1 
ATOM   639  C CG  . LYS A 1 79  ? 12.880  -15.901 -10.582 1.00 41.42 ?  191 LYS A CG  1 
ATOM   640  C CD  . LYS A 1 79  ? 12.559  -17.208 -9.822  1.00 41.68 ?  191 LYS A CD  1 
ATOM   641  C CE  . LYS A 1 79  ? 12.777  -18.448 -10.674 1.00 46.07 ?  191 LYS A CE  1 
ATOM   642  N NZ  . LYS A 1 79  ? 11.749  -18.616 -11.740 1.00 49.58 ?  191 LYS A NZ  1 
ATOM   643  N N   . VAL A 1 80  ? 13.066  -13.213 -12.864 1.00 24.33 ?  192 VAL A N   1 
ATOM   644  C CA  . VAL A 1 80  ? 12.105  -12.748 -13.856 1.00 24.98 ?  192 VAL A CA  1 
ATOM   645  C C   . VAL A 1 80  ? 11.095  -13.874 -14.075 1.00 27.83 ?  192 VAL A C   1 
ATOM   646  O O   . VAL A 1 80  ? 11.495  -14.952 -14.483 1.00 26.24 ?  192 VAL A O   1 
ATOM   647  C CB  . VAL A 1 80  ? 12.851  -12.372 -15.152 1.00 23.36 ?  192 VAL A CB  1 
ATOM   648  C CG1 . VAL A 1 80  ? 11.890  -12.117 -16.287 1.00 24.26 ?  192 VAL A CG1 1 
ATOM   649  C CG2 . VAL A 1 80  ? 13.793  -11.190 -14.953 1.00 21.75 ?  192 VAL A CG2 1 
ATOM   650  N N   . PRO A 1 81  ? 9.770   -13.697 -13.860 1.00 27.13 ?  193 PRO A N   1 
ATOM   651  C CA  . PRO A 1 81  ? 8.818   -14.796 -14.058 1.00 28.55 ?  193 PRO A CA  1 
ATOM   652  C C   . PRO A 1 81  ? 8.794   -15.221 -15.533 1.00 32.28 ?  193 PRO A C   1 
ATOM   653  O O   . PRO A 1 81  ? 8.891   -14.392 -16.440 1.00 28.78 ?  193 PRO A O   1 
ATOM   654  C CB  . PRO A 1 81  ? 7.432   -14.190 -13.772 1.00 28.46 ?  193 PRO A CB  1 
ATOM   655  C CG  . PRO A 1 81  ? 7.699   -12.863 -13.087 1.00 31.42 ?  193 PRO A CG  1 
ATOM   656  C CD  . PRO A 1 81  ? 9.100   -12.431 -13.501 1.00 29.98 ?  193 PRO A CD  1 
ATOM   657  N N   . ASN A 1 82  ? 8.633   -16.528 -15.774 1.00 31.48 ?  194 ASN A N   1 
ATOM   658  C CA  . ASN A 1 82  ? 8.565   -17.065 -17.125 1.00 28.89 ?  194 ASN A CA  1 
ATOM   659  C C   . ASN A 1 82  ? 7.195   -16.853 -17.759 1.00 26.80 ?  194 ASN A C   1 
ATOM   660  O O   . ASN A 1 82  ? 6.227   -17.516 -17.405 1.00 31.16 ?  194 ASN A O   1 
ATOM   661  C CB  . ASN A 1 82  ? 8.838   -18.563 -17.120 1.00 35.20 ?  194 ASN A CB  1 
ATOM   662  C CG  . ASN A 1 82  ? 9.219   -19.006 -18.510 1.00 34.98 ?  194 ASN A CG  1 
ATOM   663  O OD1 . ASN A 1 82  ? 8.619   -18.561 -19.507 1.00 37.23 ?  194 ASN A OD1 1 
ATOM   664  N ND2 . ASN A 1 82  ? 10.282  -19.786 -18.572 1.00 37.56 ?  194 ASN A ND2 1 
ATOM   665  N N   . VAL A 1 83  ? 7.123   -15.953 -18.740 1.00 28.20 ?  195 VAL A N   1 
ATOM   666  C CA  . VAL A 1 83  ? 5.860   -15.590 -19.366 1.00 30.54 ?  195 VAL A CA  1 
ATOM   667  C C   . VAL A 1 83  ? 5.249   -16.794 -20.104 1.00 34.03 ?  195 VAL A C   1 
ATOM   668  O O   . VAL A 1 83  ? 4.021   -16.929 -20.186 1.00 34.61 ?  195 VAL A O   1 
ATOM   669  C CB  . VAL A 1 83  ? 6.053   -14.392 -20.318 1.00 36.09 ?  195 VAL A CB  1 
ATOM   670  C CG1 . VAL A 1 83  ? 6.852   -14.773 -21.552 1.00 37.46 ?  195 VAL A CG1 1 
ATOM   671  C CG2 . VAL A 1 83  ? 4.730   -13.737 -20.707 1.00 36.23 ?  195 VAL A CG2 1 
ATOM   672  N N   . GLN A 1 84  ? 6.085   -17.676 -20.660 1.00 30.43 ?  196 GLN A N   1 
ATOM   673  C CA  . GLN A 1 84  ? 5.540   -18.793 -21.423 1.00 27.59 ?  196 GLN A CA  1 
ATOM   674  C C   . GLN A 1 84  ? 5.004   -19.879 -20.499 1.00 31.56 ?  196 GLN A C   1 
ATOM   675  O O   . GLN A 1 84  ? 4.288   -20.754 -20.967 1.00 30.42 ?  196 GLN A O   1 
ATOM   676  C CB  . GLN A 1 84  ? 6.586   -19.295 -22.402 1.00 32.60 ?  196 GLN A CB  1 
ATOM   677  C CG  . GLN A 1 84  ? 6.746   -18.270 -23.507 1.00 34.26 ?  196 GLN A CG  1 
ATOM   678  C CD  . GLN A 1 84  ? 7.786   -18.652 -24.524 1.00 37.12 ?  196 GLN A CD  1 
ATOM   679  O OE1 . GLN A 1 84  ? 8.761   -17.918 -24.711 1.00 44.29 ?  196 GLN A OE1 1 
ATOM   680  N NE2 . GLN A 1 84  ? 7.569   -19.777 -25.199 1.00 29.44 ?  196 GLN A NE2 1 
ATOM   681  N N   . LYS A 1 85  ? 5.371   -19.819 -19.209 1.00 31.46 ?  197 LYS A N   1 
ATOM   682  C CA  . LYS A 1 85  ? 4.795   -20.700 -18.202 1.00 34.37 ?  197 LYS A CA  1 
ATOM   683  C C   . LYS A 1 85  ? 3.625   -20.009 -17.502 1.00 37.00 ?  197 LYS A C   1 
ATOM   684  O O   . LYS A 1 85  ? 3.068   -20.589 -16.588 1.00 44.59 ?  197 LYS A O   1 
ATOM   685  C CB  . LYS A 1 85  ? 5.797   -21.093 -17.110 1.00 35.20 ?  197 LYS A CB  1 
ATOM   686  C CG  . LYS A 1 85  ? 7.156   -21.578 -17.599 1.00 41.41 ?  197 LYS A CG  1 
ATOM   687  C CD  . LYS A 1 85  ? 8.046   -22.227 -16.533 1.00 46.78 ?  197 LYS A CD  1 
ATOM   688  C CE  . LYS A 1 85  ? 7.881   -21.663 -15.134 1.00 54.25 ?  197 LYS A CE  1 
ATOM   689  N NZ  . LYS A 1 85  ? 8.502   -22.531 -14.103 1.00 54.37 ?  197 LYS A NZ  1 
ATOM   690  N N   . GLY A 1 86  ? 3.296   -18.763 -17.875 1.00 38.68 ?  198 GLY A N   1 
ATOM   691  C CA  . GLY A 1 86  ? 2.227   -18.007 -17.232 1.00 39.67 ?  198 GLY A CA  1 
ATOM   692  C C   . GLY A 1 86  ? 2.513   -17.652 -15.764 1.00 41.63 ?  198 GLY A C   1 
ATOM   693  O O   . GLY A 1 86  ? 1.586   -17.434 -14.975 1.00 39.53 ?  198 GLY A O   1 
ATOM   694  N N   . GLU A 1 87  ? 3.801   -17.557 -15.414 1.00 33.93 ?  199 GLU A N   1 
ATOM   695  C CA  . GLU A 1 87  ? 4.240   -17.247 -14.059 1.00 36.10 ?  199 GLU A CA  1 
ATOM   696  C C   . GLU A 1 87  ? 4.056   -15.751 -13.795 1.00 34.50 ?  199 GLU A C   1 
ATOM   697  O O   . GLU A 1 87  ? 4.185   -14.949 -14.718 1.00 33.22 ?  199 GLU A O   1 
ATOM   698  C CB  . GLU A 1 87  ? 5.707   -17.663 -13.974 1.00 36.37 ?  199 GLU A CB  1 
ATOM   699  C CG  . GLU A 1 87  ? 6.240   -17.811 -12.565 1.00 41.55 ?  199 GLU A CG  1 
ATOM   700  C CD  . GLU A 1 87  ? 7.714   -18.211 -12.515 1.00 43.57 ?  199 GLU A CD  1 
ATOM   701  O OE1 . GLU A 1 87  ? 8.393   -18.185 -13.583 1.00 36.56 ?  199 GLU A OE1 1 
ATOM   702  O OE2 . GLU A 1 87  ? 8.193   -18.518 -11.402 1.00 47.03 -1 199 GLU A OE2 1 
ATOM   703  N N   . GLU A 1 88  ? 3.741   -15.389 -12.542 1.00 35.08 ?  200 GLU A N   1 
ATOM   704  C CA  . GLU A 1 88  ? 3.516   -14.001 -12.144 1.00 36.01 ?  200 GLU A CA  1 
ATOM   705  C C   . GLU A 1 88  ? 4.462   -13.631 -10.990 1.00 29.95 ?  200 GLU A C   1 
ATOM   706  O O   . GLU A 1 88  ? 4.954   -14.511 -10.296 1.00 27.77 ?  200 GLU A O   1 
ATOM   707  C CB  . GLU A 1 88  ? 2.060   -13.792 -11.708 1.00 37.04 ?  200 GLU A CB  1 
ATOM   708  C CG  . GLU A 1 88  ? 1.018   -14.263 -12.729 1.00 42.48 ?  200 GLU A CG  1 
ATOM   709  C CD  . GLU A 1 88  ? -0.454  -13.981 -12.430 1.00 55.56 ?  200 GLU A CD  1 
ATOM   710  O OE1 . GLU A 1 88  ? -0.799  -13.689 -11.252 1.00 62.40 ?  200 GLU A OE1 1 
ATOM   711  O OE2 . GLU A 1 88  ? -1.276  -14.050 -13.379 1.00 65.46 -1 200 GLU A OE2 1 
ATOM   712  N N   . LEU A 1 89  ? 4.640   -12.325 -10.729 1.00 27.22 ?  201 LEU A N   1 
ATOM   713  C CA  . LEU A 1 89  ? 5.503   -11.815 -9.669  1.00 25.40 ?  201 LEU A CA  1 
ATOM   714  C C   . LEU A 1 89  ? 4.820   -11.954 -8.305  1.00 23.97 ?  201 LEU A C   1 
ATOM   715  O O   . LEU A 1 89  ? 5.463   -12.271 -7.308  1.00 24.41 ?  201 LEU A O   1 
ATOM   716  C CB  . LEU A 1 89  ? 5.800   -10.363 -10.046 1.00 26.41 ?  201 LEU A CB  1 
ATOM   717  C CG  . LEU A 1 89  ? 6.761   -9.585  -9.175  1.00 30.39 ?  201 LEU A CG  1 
ATOM   718  C CD1 . LEU A 1 89  ? 8.057   -10.362 -8.969  1.00 28.73 ?  201 LEU A CD1 1 
ATOM   719  C CD2 . LEU A 1 89  ? 7.024   -8.231  -9.835  1.00 22.93 ?  201 LEU A CD2 1 
ATOM   720  N N   . GLY A 1 90  ? 3.505   -11.704 -8.229  1.00 22.89 ?  202 GLY A N   1 
ATOM   721  C CA  . GLY A 1 90  ? 2.798   -11.993 -6.985  1.00 20.72 ?  202 GLY A CA  1 
ATOM   722  C C   . GLY A 1 90  ? 2.404   -10.729 -6.210  1.00 22.24 ?  202 GLY A C   1 
ATOM   723  O O   . GLY A 1 90  ? 2.213   -10.800 -4.994  1.00 23.13 ?  202 GLY A O   1 
ATOM   724  N N   . ILE A 1 91  ? 2.217   -9.603  -6.933  1.00 23.57 ?  203 ILE A N   1 
ATOM   725  C CA  . ILE A 1 91  ? 1.828   -8.334  -6.324  1.00 22.66 ?  203 ILE A CA  1 
ATOM   726  C C   . ILE A 1 91  ? 0.469   -7.909  -6.886  1.00 26.82 ?  203 ILE A C   1 
ATOM   727  O O   . ILE A 1 91  ? 0.142   -8.205  -8.046  1.00 25.45 ?  203 ILE A O   1 
ATOM   728  C CB  . ILE A 1 91  ? 2.903   -7.239  -6.537  1.00 20.72 ?  203 ILE A CB  1 
ATOM   729  C CG1 . ILE A 1 91  ? 3.298   -7.105  -8.014  1.00 21.63 ?  203 ILE A CG1 1 
ATOM   730  C CG2 . ILE A 1 91  ? 4.121   -7.501  -5.643  1.00 20.76 ?  203 ILE A CG2 1 
ATOM   731  C CD1 . ILE A 1 91  ? 4.243   -5.942  -8.319  1.00 21.91 ?  203 ILE A CD1 1 
ATOM   732  N N   . ALA A 1 92  ? -0.300  -7.194  -6.052  1.00 24.47 ?  204 ALA A N   1 
ATOM   733  C CA  . ALA A 1 92  ? -1.600  -6.650  -6.425  1.00 24.37 ?  204 ALA A CA  1 
ATOM   734  C C   . ALA A 1 92  ? -1.542  -5.127  -6.246  1.00 22.39 ?  204 ALA A C   1 
ATOM   735  O O   . ALA A 1 92  ? -0.659  -4.632  -5.534  1.00 20.59 ?  204 ALA A O   1 
ATOM   736  C CB  . ALA A 1 92  ? -2.688  -7.268  -5.545  1.00 22.13 ?  204 ALA A CB  1 
ATOM   737  N N   . PRO A 1 93  ? -2.420  -4.358  -6.943  1.00 23.85 ?  205 PRO A N   1 
ATOM   738  C CA  . PRO A 1 93  ? -2.503  -2.896  -6.833  1.00 21.47 ?  205 PRO A CA  1 
ATOM   739  C C   . PRO A 1 93  ? -3.039  -2.441  -5.473  1.00 23.40 ?  205 PRO A C   1 
ATOM   740  O O   . PRO A 1 93  ? -3.555  -3.257  -4.689  1.00 24.74 ?  205 PRO A O   1 
ATOM   741  C CB  . PRO A 1 93  ? -3.544  -2.506  -7.901  1.00 23.99 ?  205 PRO A CB  1 
ATOM   742  C CG  . PRO A 1 93  ? -3.572  -3.670  -8.858  1.00 29.64 ?  205 PRO A CG  1 
ATOM   743  C CD  . PRO A 1 93  ? -3.336  -4.879  -7.970  1.00 28.15 ?  205 PRO A CD  1 
ATOM   744  N N   . LEU A 1 94  ? -2.947  -1.129  -5.231  1.00 23.77 ?  206 LEU A N   1 
ATOM   745  C CA  . LEU A 1 94  ? -3.159  -0.555  -3.909  1.00 25.32 ?  206 LEU A CA  1 
ATOM   746  C C   . LEU A 1 94  ? -4.646  -0.531  -3.537  1.00 27.31 ?  206 LEU A C   1 
ATOM   747  O O   . LEU A 1 94  ? -5.527  -0.719  -4.381  1.00 23.32 ?  206 LEU A O   1 
ATOM   748  C CB  . LEU A 1 94  ? -2.522  0.836   -3.869  1.00 27.30 ?  206 LEU A CB  1 
ATOM   749  C CG  . LEU A 1 94  ? -3.419  2.026   -4.274  1.00 32.13 ?  206 LEU A CG  1 
ATOM   750  C CD1 . LEU A 1 94  ? -2.621  3.311   -4.163  1.00 33.64 ?  206 LEU A CD1 1 
ATOM   751  C CD2 . LEU A 1 94  ? -3.978  1.898   -5.695  1.00 33.52 ?  206 LEU A CD2 1 
ATOM   752  N N   . VAL A 1 95  ? -4.926  -0.305  -2.237  1.00 25.38 ?  207 VAL A N   1 
ATOM   753  C CA  . VAL A 1 95  ? -6.227  0.188   -1.814  1.00 23.21 ?  207 VAL A CA  1 
ATOM   754  C C   . VAL A 1 95  ? -5.927  1.531   -1.153  1.00 22.96 ?  207 VAL A C   1 
ATOM   755  O O   . VAL A 1 95  ? -5.224  1.592   -0.152  1.00 20.76 ?  207 VAL A O   1 
ATOM   756  C CB  . VAL A 1 95  ? -6.897  -0.790  -0.826  1.00 24.97 ?  207 VAL A CB  1 
ATOM   757  C CG1 . VAL A 1 95  ? -8.090  -0.150  -0.120  1.00 24.73 ?  207 VAL A CG1 1 
ATOM   758  C CG2 . VAL A 1 95  ? -7.297  -2.072  -1.552  1.00 24.65 ?  207 VAL A CG2 1 
ATOM   759  N N   . LYS A 1 96  ? -6.360  2.615   -1.786  1.00 25.24 ?  208 LYS A N   1 
ATOM   760  C CA  . LYS A 1 96  ? -5.934  3.915   -1.305  1.00 25.57 ?  208 LYS A CA  1 
ATOM   761  C C   . LYS A 1 96  ? -6.417  4.079   0.140   1.00 23.25 ?  208 LYS A C   1 
ATOM   762  O O   . LYS A 1 96  ? -7.536  3.696   0.455   1.00 23.05 ?  208 LYS A O   1 
ATOM   763  C CB  . LYS A 1 96  ? -6.464  5.005   -2.237  1.00 25.14 ?  208 LYS A CB  1 
ATOM   764  C CG  . LYS A 1 96  ? -5.809  6.370   -2.001  1.00 32.35 ?  208 LYS A CG  1 
ATOM   765  C CD  . LYS A 1 96  ? -6.342  7.533   -2.837  1.00 30.86 ?  208 LYS A CD  1 
ATOM   766  C CE  . LYS A 1 96  ? -5.794  8.879   -2.399  1.00 36.89 ?  208 LYS A CE  1 
ATOM   767  N NZ  . LYS A 1 96  ? -6.452  9.982   -3.146  1.00 41.73 ?  208 LYS A NZ  1 
ATOM   768  N N   . PRO A 1 97  ? -5.595  4.625   1.061   1.00 21.46 ?  209 PRO A N   1 
ATOM   769  C CA  . PRO A 1 97  ? -5.960  4.672   2.478   1.00 22.76 ?  209 PRO A CA  1 
ATOM   770  C C   . PRO A 1 97  ? -6.935  5.790   2.851   1.00 21.65 ?  209 PRO A C   1 
ATOM   771  O O   . PRO A 1 97  ? -6.715  6.559   3.793   1.00 22.57 ?  209 PRO A O   1 
ATOM   772  C CB  . PRO A 1 97  ? -4.597  4.604   3.188   1.00 23.19 ?  209 PRO A CB  1 
ATOM   773  C CG  . PRO A 1 97  ? -3.607  5.151   2.182   1.00 26.45 ?  209 PRO A CG  1 
ATOM   774  C CD  . PRO A 1 97  ? -4.235  5.120   0.815   1.00 21.76 ?  209 PRO A CD  1 
ATOM   775  N N   . VAL A 1 98  ? -8.055  5.831   2.113   1.00 21.46 ?  210 VAL A N   1 
ATOM   776  C CA  . VAL A 1 98  ? -9.170  6.720   2.408   1.00 20.34 ?  210 VAL A CA  1 
ATOM   777  C C   . VAL A 1 98  ? -10.195 5.935   3.219   1.00 20.69 ?  210 VAL A C   1 
ATOM   778  O O   . VAL A 1 98  ? -10.594 4.863   2.795   1.00 20.14 ?  210 VAL A O   1 
ATOM   779  C CB  . VAL A 1 98  ? -9.816  7.289   1.129   1.00 20.65 ?  210 VAL A CB  1 
ATOM   780  C CG1 . VAL A 1 98  ? -10.964 8.242   1.453   1.00 22.27 ?  210 VAL A CG1 1 
ATOM   781  C CG2 . VAL A 1 98  ? -8.799  8.026   0.253   1.00 20.71 ?  210 VAL A CG2 1 
ATOM   782  N N   . VAL A 1 99  ? -10.656 6.521   4.342   1.00 19.68 ?  211 VAL A N   1 
ATOM   783  C CA  . VAL A 1 99  ? -11.598 5.892   5.259   1.00 18.87 ?  211 VAL A CA  1 
ATOM   784  C C   . VAL A 1 99  ? -12.956 5.872   4.583   1.00 22.48 ?  211 VAL A C   1 
ATOM   785  O O   . VAL A 1 99  ? -13.448 6.919   4.133   1.00 22.27 ?  211 VAL A O   1 
ATOM   786  C CB  . VAL A 1 99  ? -11.680 6.694   6.574   1.00 19.70 ?  211 VAL A CB  1 
ATOM   787  C CG1 . VAL A 1 99  ? -12.763 6.147   7.496   1.00 18.55 ?  211 VAL A CG1 1 
ATOM   788  C CG2 . VAL A 1 99  ? -10.357 6.683   7.310   1.00 19.25 ?  211 VAL A CG2 1 
ATOM   789  N N   . GLY A 1 100 ? -13.558 4.685   4.529   1.00 20.75 ?  212 GLY A N   1 
ATOM   790  C CA  . GLY A 1 100 ? -14.919 4.567   4.019   1.00 23.14 ?  212 GLY A CA  1 
ATOM   791  C C   . GLY A 1 100 ? -15.950 4.429   5.141   1.00 26.47 ?  212 GLY A C   1 
ATOM   792  O O   . GLY A 1 100 ? -17.097 4.825   4.969   1.00 29.94 ?  212 GLY A O   1 
ATOM   793  N N   . GLY A 1 101 ? -15.551 3.841   6.271   1.00 24.12 ?  213 GLY A N   1 
ATOM   794  C CA  . GLY A 1 101 ? -16.449 3.599   7.386   1.00 24.34 ?  213 GLY A CA  1 
ATOM   795  C C   . GLY A 1 101 ? -15.677 3.640   8.700   1.00 28.36 ?  213 GLY A C   1 
ATOM   796  O O   . GLY A 1 101 ? -14.489 3.305   8.744   1.00 25.01 ?  213 GLY A O   1 
ATOM   797  N N   . VAL A 1 102 ? -16.377 4.026   9.773   1.00 27.83 ?  214 VAL A N   1 
ATOM   798  C CA  . VAL A 1 102 ? -15.795 4.040   11.109  1.00 26.89 ?  214 VAL A CA  1 
ATOM   799  C C   . VAL A 1 102 ? -16.743 3.277   12.024  1.00 27.76 ?  214 VAL A C   1 
ATOM   800  O O   . VAL A 1 102 ? -17.925 3.572   12.029  1.00 26.70 ?  214 VAL A O   1 
ATOM   801  C CB  . VAL A 1 102 ? -15.597 5.481   11.616  1.00 27.42 ?  214 VAL A CB  1 
ATOM   802  C CG1 . VAL A 1 102 ? -14.907 5.479   12.969  1.00 23.18 ?  214 VAL A CG1 1 
ATOM   803  C CG2 . VAL A 1 102 ? -14.859 6.356   10.613  1.00 27.76 ?  214 VAL A CG2 1 
ATOM   804  N N   . LYS A 1 103 ? -16.248 2.277   12.755  1.00 25.84 ?  215 LYS A N   1 
ATOM   805  C CA  . LYS A 1 103 ? -17.129 1.506   13.624  1.00 27.57 ?  215 LYS A CA  1 
ATOM   806  C C   . LYS A 1 103 ? -17.488 2.370   14.834  1.00 29.34 ?  215 LYS A C   1 
ATOM   807  O O   . LYS A 1 103 ? -16.601 2.921   15.483  1.00 27.90 ?  215 LYS A O   1 
ATOM   808  C CB  . LYS A 1 103 ? -16.429 0.216   14.065  1.00 24.84 ?  215 LYS A CB  1 
ATOM   809  C CG  . LYS A 1 103 ? -17.262 -0.677  14.992  1.00 31.04 ?  215 LYS A CG  1 
ATOM   810  C CD  . LYS A 1 103 ? -16.557 -1.968  15.350  1.00 30.29 ?  215 LYS A CD  1 
ATOM   811  C CE  . LYS A 1 103 ? -17.378 -2.863  16.250  1.00 34.87 ?  215 LYS A CE  1 
ATOM   812  N NZ  . LYS A 1 103 ? -18.794 -2.769  15.837  1.00 40.61 ?  215 LYS A NZ  1 
ATOM   813  N N   . LYS A 1 104 ? -18.795 2.530   15.099  1.00 32.98 ?  216 LYS A N   1 
ATOM   814  C CA  . LYS A 1 104 ? -19.253 3.354   16.212  1.00 31.17 ?  216 LYS A CA  1 
ATOM   815  C C   . LYS A 1 104 ? -18.653 2.826   17.523  1.00 28.72 ?  216 LYS A C   1 
ATOM   816  O O   . LYS A 1 104 ? -18.662 1.622   17.790  1.00 29.00 ?  216 LYS A O   1 
ATOM   817  C CB  . LYS A 1 104 ? -20.786 3.353   16.239  1.00 37.07 ?  216 LYS A CB  1 
ATOM   818  C CG  . LYS A 1 104 ? -21.426 4.383   17.163  1.00 43.35 ?  216 LYS A CG  1 
ATOM   819  C CD  . LYS A 1 104 ? -22.762 3.904   17.710  1.00 54.01 ?  216 LYS A CD  1 
ATOM   820  C CE  . LYS A 1 104 ? -23.588 5.006   18.346  1.00 60.38 ?  216 LYS A CE  1 
ATOM   821  N NZ  . LYS A 1 104 ? -24.391 5.731   17.330  1.00 66.76 ?  216 LYS A NZ  1 
ATOM   822  N N   . GLY A 1 105 ? -18.081 3.732   18.322  1.00 29.47 ?  217 GLY A N   1 
ATOM   823  C CA  . GLY A 1 105 ? -17.511 3.353   19.605  1.00 27.92 ?  217 GLY A CA  1 
ATOM   824  C C   . GLY A 1 105 ? -16.073 2.844   19.507  1.00 30.93 ?  217 GLY A C   1 
ATOM   825  O O   . GLY A 1 105 ? -15.458 2.570   20.541  1.00 32.74 ?  217 GLY A O   1 
ATOM   826  N N   . SER A 1 106 ? -15.543 2.677   18.271  1.00 27.79 ?  218 SER A N   1 
ATOM   827  C CA  . SER A 1 106 ? -14.205 2.129   18.122  1.00 26.82 ?  218 SER A CA  1 
ATOM   828  C C   . SER A 1 106 ? -13.168 3.180   18.521  1.00 24.61 ?  218 SER A C   1 
ATOM   829  O O   . SER A 1 106 ? -13.496 4.363   18.659  1.00 27.70 ?  218 SER A O   1 
ATOM   830  C CB  . SER A 1 106 ? -13.950 1.649   16.694  1.00 25.27 ?  218 SER A CB  1 
ATOM   831  O OG  . SER A 1 106 ? -13.987 2.774   15.829  1.00 25.19 ?  218 SER A OG  1 
ATOM   832  N N   . PRO A 1 107 ? -11.880 2.797   18.706  1.00 25.32 ?  219 PRO A N   1 
ATOM   833  C CA  . PRO A 1 107 ? -10.806 3.774   18.962  1.00 27.40 ?  219 PRO A CA  1 
ATOM   834  C C   . PRO A 1 107 ? -10.773 4.947   17.992  1.00 28.50 ?  219 PRO A C   1 
ATOM   835  O O   . PRO A 1 107 ? -10.609 6.102   18.413  1.00 28.19 ?  219 PRO A O   1 
ATOM   836  C CB  . PRO A 1 107 ? -9.527  2.919   18.836  1.00 23.64 ?  219 PRO A CB  1 
ATOM   837  C CG  . PRO A 1 107 ? -10.003 1.560   19.338  1.00 24.87 ?  219 PRO A CG  1 
ATOM   838  C CD  . PRO A 1 107 ? -11.365 1.406   18.685  1.00 24.41 ?  219 PRO A CD  1 
ATOM   839  N N   . ALA A 1 108 ? -10.984 4.649   16.695  1.00 26.76 ?  220 ALA A N   1 
ATOM   840  C CA  . ALA A 1 108 ? -10.961 5.704   15.695  1.00 26.66 ?  220 ALA A CA  1 
ATOM   841  C C   . ALA A 1 108 ? -12.163 6.631   15.859  1.00 27.20 ?  220 ALA A C   1 
ATOM   842  O O   . ALA A 1 108 ? -12.086 7.835   15.605  1.00 25.98 ?  220 ALA A O   1 
ATOM   843  C CB  . ALA A 1 108 ? -10.865 5.116   14.302  1.00 25.87 ?  220 ALA A CB  1 
ATOM   844  N N   . ASP A 1 109 ? -13.305 6.061   16.231  1.00 28.07 ?  221 ASP A N   1 
ATOM   845  C CA  . ASP A 1 109 ? -14.511 6.863   16.398  1.00 27.50 ?  221 ASP A CA  1 
ATOM   846  C C   . ASP A 1 109 ? -14.338 7.778   17.618  1.00 29.33 ?  221 ASP A C   1 
ATOM   847  O O   . ASP A 1 109 ? -14.737 8.945   17.607  1.00 31.10 ?  221 ASP A O   1 
ATOM   848  C CB  . ASP A 1 109 ? -15.717 5.950   16.616  1.00 29.94 ?  221 ASP A CB  1 
ATOM   849  C CG  . ASP A 1 109 ? -17.038 6.693   16.694  1.00 34.40 ?  221 ASP A CG  1 
ATOM   850  O OD1 . ASP A 1 109 ? -17.178 7.675   15.936  1.00 35.37 ?  221 ASP A OD1 1 
ATOM   851  O OD2 . ASP A 1 109 ? -17.901 6.297   17.534  1.00 38.20 -1 221 ASP A OD2 1 
ATOM   852  N N   . GLN A 1 110 ? -13.670 7.250   18.636  1.00 26.38 ?  222 GLN A N   1 
ATOM   853  C CA  . GLN A 1 110 ? -13.362 7.993   19.851  1.00 32.40 ?  222 GLN A CA  1 
ATOM   854  C C   . GLN A 1 110 ? -12.462 9.210   19.577  1.00 35.02 ?  222 GLN A C   1 
ATOM   855  O O   . GLN A 1 110 ? -12.569 10.204  20.286  1.00 33.81 ?  222 GLN A O   1 
ATOM   856  C CB  . GLN A 1 110 ? -12.768 7.052   20.895  1.00 32.54 ?  222 GLN A CB  1 
ATOM   857  C CG  . GLN A 1 110 ? -13.774 6.109   21.554  1.00 37.18 ?  222 GLN A CG  1 
ATOM   858  C CD  . GLN A 1 110 ? -13.026 5.048   22.332  1.00 41.46 ?  222 GLN A CD  1 
ATOM   859  O OE1 . GLN A 1 110 ? -12.270 5.337   23.254  1.00 52.19 ?  222 GLN A OE1 1 
ATOM   860  N NE2 . GLN A 1 110 ? -13.203 3.793   21.962  1.00 46.41 ?  222 GLN A NE2 1 
ATOM   861  N N   . VAL A 1 111 ? -11.594 9.171   18.549  1.00 32.45 ?  223 VAL A N   1 
ATOM   862  C CA  . VAL A 1 111 ? -10.717 10.305  18.276  1.00 29.36 ?  223 VAL A CA  1 
ATOM   863  C C   . VAL A 1 111 ? -11.283 11.152  17.157  1.00 29.01 ?  223 VAL A C   1 
ATOM   864  O O   . VAL A 1 111 ? -10.656 12.105  16.718  1.00 36.48 ?  223 VAL A O   1 
ATOM   865  C CB  . VAL A 1 111 ? -9.256  9.916   17.985  1.00 30.64 ?  223 VAL A CB  1 
ATOM   866  C CG1 . VAL A 1 111 ? -8.568  9.397   19.224  1.00 29.92 ?  223 VAL A CG1 1 
ATOM   867  C CG2 . VAL A 1 111 ? -9.113  8.922   16.832  1.00 29.93 ?  223 VAL A CG2 1 
ATOM   868  N N   . GLY A 1 112 ? -12.462 10.802  16.665  1.00 28.76 ?  224 GLY A N   1 
ATOM   869  C CA  . GLY A 1 112 ? -13.086 11.691  15.696  1.00 28.62 ?  224 GLY A CA  1 
ATOM   870  C C   . GLY A 1 112 ? -12.655 11.476  14.238  1.00 28.43 ?  224 GLY A C   1 
ATOM   871  O O   . GLY A 1 112 ? -12.878 12.350  13.410  1.00 27.91 ?  224 GLY A O   1 
ATOM   872  N N   . ILE A 1 113 ? -12.086 10.310  13.903  1.00 24.74 ?  225 ILE A N   1 
ATOM   873  C CA  . ILE A 1 113 ? -11.829 9.985   12.502  1.00 25.16 ?  225 ILE A CA  1 
ATOM   874  C C   . ILE A 1 113 ? -13.153 9.781   11.744  1.00 25.66 ?  225 ILE A C   1 
ATOM   875  O O   . ILE A 1 113 ? -14.084 9.147   12.248  1.00 24.41 ?  225 ILE A O   1 
ATOM   876  C CB  . ILE A 1 113 ? -10.832 8.804   12.371  1.00 24.83 ?  225 ILE A CB  1 
ATOM   877  C CG1 . ILE A 1 113 ? -9.497  9.183   13.039  1.00 27.47 ?  225 ILE A CG1 1 
ATOM   878  C CG2 . ILE A 1 113 ? -10.648 8.455   10.880  1.00 22.21 ?  225 ILE A CG2 1 
ATOM   879  C CD1 . ILE A 1 113 ? -8.513  8.058   13.237  1.00 28.17 ?  225 ILE A CD1 1 
ATOM   880  N N   . LYS A 1 114 ? -13.232 10.310  10.518  1.00 26.10 ?  226 LYS A N   1 
ATOM   881  C CA  . LYS A 1 114 ? -14.461 10.324  9.738   1.00 27.39 ?  226 LYS A CA  1 
ATOM   882  C C   . LYS A 1 114 ? -14.260 9.696   8.370   1.00 24.75 ?  226 LYS A C   1 
ATOM   883  O O   . LYS A 1 114 ? -13.176 9.754   7.789   1.00 22.73 ?  226 LYS A O   1 
ATOM   884  C CB  . LYS A 1 114 ? -14.904 11.768  9.464   1.00 29.01 ?  226 LYS A CB  1 
ATOM   885  C CG  . LYS A 1 114 ? -15.770 12.401  10.542  1.00 40.12 ?  226 LYS A CG  1 
ATOM   886  C CD  . LYS A 1 114 ? -14.999 12.770  11.786  1.00 41.72 ?  226 LYS A CD  1 
ATOM   887  C CE  . LYS A 1 114 ? -15.728 13.739  12.702  1.00 41.79 ?  226 LYS A CE  1 
ATOM   888  N NZ  . LYS A 1 114 ? -16.792 13.050  13.476  1.00 48.19 ?  226 LYS A NZ  1 
ATOM   889  N N   . PRO A 1 115 ? -15.360 9.219   7.748   1.00 24.45 ?  227 PRO A N   1 
ATOM   890  C CA  . PRO A 1 115 ? -15.314 8.801   6.355   1.00 22.19 ?  227 PRO A CA  1 
ATOM   891  C C   . PRO A 1 115 ? -14.809 9.933   5.480   1.00 23.81 ?  227 PRO A C   1 
ATOM   892  O O   . PRO A 1 115 ? -15.158 11.090  5.706   1.00 24.66 ?  227 PRO A O   1 
ATOM   893  C CB  . PRO A 1 115 ? -16.781 8.475   6.031   1.00 26.27 ?  227 PRO A CB  1 
ATOM   894  C CG  . PRO A 1 115 ? -17.354 8.027   7.383   1.00 28.15 ?  227 PRO A CG  1 
ATOM   895  C CD  . PRO A 1 115 ? -16.656 8.920   8.401   1.00 26.87 ?  227 PRO A CD  1 
ATOM   896  N N   . GLY A 1 116 ? -13.974 9.582   4.501   1.00 19.83 ?  228 GLY A N   1 
ATOM   897  C CA  . GLY A 1 116 ? -13.362 10.566  3.634   1.00 20.81 ?  228 GLY A CA  1 
ATOM   898  C C   . GLY A 1 116 ? -11.989 11.034  4.121   1.00 21.28 ?  228 GLY A C   1 
ATOM   899  O O   . GLY A 1 116 ? -11.274 11.627  3.334   1.00 21.07 ?  228 GLY A O   1 
ATOM   900  N N   . ASP A 1 117 ? -11.583 10.717  5.362   1.00 24.04 ?  229 ASP A N   1 
ATOM   901  C CA  . ASP A 1 117 ? -10.249 11.096  5.825   1.00 23.80 ?  229 ASP A CA  1 
ATOM   902  C C   . ASP A 1 117 ? -9.200  10.276  5.072   1.00 24.96 ?  229 ASP A C   1 
ATOM   903  O O   . ASP A 1 117 ? -9.394  9.096   4.842   1.00 21.96 ?  229 ASP A O   1 
ATOM   904  C CB  . ASP A 1 117 ? -10.081 10.862  7.321   1.00 22.02 ?  229 ASP A CB  1 
ATOM   905  C CG  . ASP A 1 117 ? -10.805 11.867  8.211   1.00 24.31 ?  229 ASP A CG  1 
ATOM   906  O OD1 . ASP A 1 117 ? -11.330 12.861  7.684   1.00 23.98 ?  229 ASP A OD1 1 
ATOM   907  O OD2 . ASP A 1 117 ? -10.885 11.611  9.421   1.00 23.75 -1 229 ASP A OD2 1 
ATOM   908  N N   . LEU A 1 118 ? -8.107  10.923  4.660   1.00 22.77 ?  230 LEU A N   1 
ATOM   909  C CA  . LEU A 1 118 ? -6.996  10.185  4.102   1.00 22.35 ?  230 LEU A CA  1 
ATOM   910  C C   . LEU A 1 118 ? -5.972  9.950   5.213   1.00 24.56 ?  230 LEU A C   1 
ATOM   911  O O   . LEU A 1 118 ? -5.544  10.898  5.870   1.00 23.54 ?  230 LEU A O   1 
ATOM   912  C CB  . LEU A 1 118 ? -6.398  11.014  2.964   1.00 24.27 ?  230 LEU A CB  1 
ATOM   913  C CG  . LEU A 1 118 ? -5.138  10.444  2.309   1.00 23.92 ?  230 LEU A CG  1 
ATOM   914  C CD1 . LEU A 1 118 ? -5.445  9.118   1.616   1.00 26.48 ?  230 LEU A CD1 1 
ATOM   915  C CD2 . LEU A 1 118 ? -4.604  11.428  1.278   1.00 27.99 ?  230 LEU A CD2 1 
ATOM   916  N N   . ILE A 1 119 ? -5.591  8.694   5.421   1.00 21.72 ?  231 ILE A N   1 
ATOM   917  C CA  . ILE A 1 119 ? -4.549  8.373   6.379   1.00 24.08 ?  231 ILE A CA  1 
ATOM   918  C C   . ILE A 1 119 ? -3.220  8.552   5.634   1.00 30.23 ?  231 ILE A C   1 
ATOM   919  O O   . ILE A 1 119 ? -2.903  7.785   4.713   1.00 25.39 ?  231 ILE A O   1 
ATOM   920  C CB  . ILE A 1 119 ? -4.702  6.935   6.945   1.00 25.72 ?  231 ILE A CB  1 
ATOM   921  C CG1 . ILE A 1 119 ? -6.116  6.560   7.399   1.00 25.70 ?  231 ILE A CG1 1 
ATOM   922  C CG2 . ILE A 1 119 ? -3.682  6.624   8.044   1.00 24.15 ?  231 ILE A CG2 1 
ATOM   923  C CD1 . ILE A 1 119 ? -6.672  7.494   8.449   1.00 28.50 ?  231 ILE A CD1 1 
ATOM   924  N N   . LEU A 1 120 ? -2.450  9.577   6.031   1.00 30.13 ?  232 LEU A N   1 
ATOM   925  C CA  . LEU A 1 120 ? -1.134  9.850   5.468   1.00 31.49 ?  232 LEU A CA  1 
ATOM   926  C C   . LEU A 1 120 ? -0.047  9.006   6.132   1.00 29.38 ?  232 LEU A C   1 
ATOM   927  O O   . LEU A 1 120 ? 0.852   8.527   5.453   1.00 29.29 ?  232 LEU A O   1 
ATOM   928  C CB  . LEU A 1 120 ? -0.809  11.329  5.674   1.00 34.75 ?  232 LEU A CB  1 
ATOM   929  C CG  . LEU A 1 120 ? -1.571  12.308  4.792   1.00 40.30 ?  232 LEU A CG  1 
ATOM   930  C CD1 . LEU A 1 120 ? -1.217  13.747  5.175   1.00 40.07 ?  232 LEU A CD1 1 
ATOM   931  C CD2 . LEU A 1 120 ? -1.260  12.047  3.325   1.00 42.36 ?  232 LEU A CD2 1 
ATOM   932  N N   . GLU A 1 121 ? -0.099  8.851   7.462   1.00 28.15 ?  233 GLU A N   1 
ATOM   933  C CA  . GLU A 1 121 ? 1.052   8.347   8.197   1.00 32.13 ?  233 GLU A CA  1 
ATOM   934  C C   . GLU A 1 121 ? 0.608   7.453   9.349   1.00 28.37 ?  233 GLU A C   1 
ATOM   935  O O   . GLU A 1 121 ? -0.364  7.767   10.034  1.00 30.80 ?  233 GLU A O   1 
ATOM   936  C CB  . GLU A 1 121 ? 1.875   9.515   8.767   1.00 31.69 ?  233 GLU A CB  1 
ATOM   937  C CG  . GLU A 1 121 ? 2.675   10.283  7.714   1.00 36.74 ?  233 GLU A CG  1 
ATOM   938  C CD  . GLU A 1 121 ? 3.665   11.320  8.238   1.00 42.82 ?  233 GLU A CD  1 
ATOM   939  O OE1 . GLU A 1 121 ? 3.795   11.429  9.469   1.00 42.70 ?  233 GLU A OE1 1 
ATOM   940  O OE2 . GLU A 1 121 ? 4.292   12.025  7.403   1.00 50.55 -1 233 GLU A OE2 1 
ATOM   941  N N   . VAL A 1 122 ? 1.369   6.391   9.603   1.00 25.43 ?  234 VAL A N   1 
ATOM   942  C CA  . VAL A 1 122 ? 1.153   5.624   10.808  1.00 28.30 ?  234 VAL A CA  1 
ATOM   943  C C   . VAL A 1 122 ? 2.488   5.552   11.550  1.00 32.11 ?  234 VAL A C   1 
ATOM   944  O O   . VAL A 1 122 ? 3.491   5.199   10.959  1.00 33.05 ?  234 VAL A O   1 
ATOM   945  C CB  . VAL A 1 122 ? 0.603   4.226   10.494  1.00 29.22 ?  234 VAL A CB  1 
ATOM   946  C CG1 . VAL A 1 122 ? 0.298   3.482   11.781  1.00 32.73 ?  234 VAL A CG1 1 
ATOM   947  C CG2 . VAL A 1 122 ? -0.633  4.320   9.613   1.00 30.43 ?  234 VAL A CG2 1 
ATOM   948  N N   . ASN A 1 123 ? 2.488   5.928   12.832  1.00 34.16 ?  235 ASN A N   1 
ATOM   949  C CA  . ASN A 1 123 ? 3.697   5.976   13.645  1.00 38.05 ?  235 ASN A CA  1 
ATOM   950  C C   . ASN A 1 123 ? 4.819   6.681   12.884  1.00 38.18 ?  235 ASN A C   1 
ATOM   951  O O   . ASN A 1 123 ? 5.900   6.131   12.764  1.00 43.62 ?  235 ASN A O   1 
ATOM   952  C CB  . ASN A 1 123 ? 4.101   4.586   14.142  1.00 34.33 ?  235 ASN A CB  1 
ATOM   953  C CG  . ASN A 1 123 ? 3.099   4.070   15.147  1.00 36.58 ?  235 ASN A CG  1 
ATOM   954  O OD1 . ASN A 1 123 ? 2.506   4.859   15.886  1.00 36.31 ?  235 ASN A OD1 1 
ATOM   955  N ND2 . ASN A 1 123 ? 2.894   2.765   15.175  1.00 35.76 ?  235 ASN A ND2 1 
ATOM   956  N N   . GLY A 1 124 ? 4.518   7.855   12.331  1.00 35.66 ?  236 GLY A N   1 
ATOM   957  C CA  . GLY A 1 124 ? 5.498   8.729   11.705  1.00 42.15 ?  236 GLY A CA  1 
ATOM   958  C C   . GLY A 1 124 ? 5.877   8.323   10.282  1.00 48.88 ?  236 GLY A C   1 
ATOM   959  O O   . GLY A 1 124 ? 6.435   9.152   9.577   1.00 51.54 ?  236 GLY A O   1 
ATOM   960  N N   . LYS A 1 125 ? 5.581   7.071   9.873   1.00 47.64 ?  237 LYS A N   1 
ATOM   961  C CA  . LYS A 1 125 ? 5.895   6.527   8.555   1.00 46.21 ?  237 LYS A CA  1 
ATOM   962  C C   . LYS A 1 125 ? 4.741   6.739   7.573   1.00 49.57 ?  237 LYS A C   1 
ATOM   963  O O   . LYS A 1 125 ? 3.596   6.368   7.854   1.00 34.00 ?  237 LYS A O   1 
ATOM   964  C CB  . LYS A 1 125 ? 6.097   5.010   8.624   1.00 50.35 ?  237 LYS A CB  1 
ATOM   965  C CG  . LYS A 1 125 ? 7.382   4.542   9.286   1.00 54.55 ?  237 LYS A CG  1 
ATOM   966  C CD  . LYS A 1 125 ? 7.429   3.051   9.482   1.00 54.78 ?  237 LYS A CD  1 
ATOM   967  C CE  . LYS A 1 125 ? 8.810   2.508   9.197   1.00 61.25 ?  237 LYS A CE  1 
ATOM   968  N NZ  . LYS A 1 125 ? 9.848   3.412   9.748   1.00 64.42 ?  237 LYS A NZ  1 
ATOM   969  N N   . LYS A 1 126 ? 5.070   7.301   6.401   1.00 44.94 ?  238 LYS A N   1 
ATOM   970  C CA  . LYS A 1 126 ? 4.096   7.512   5.345   1.00 43.24 ?  238 LYS A CA  1 
ATOM   971  C C   . LYS A 1 126 ? 3.545   6.160   4.879   1.00 40.20 ?  238 LYS A C   1 
ATOM   972  O O   . LYS A 1 126 ? 4.265   5.168   4.818   1.00 36.71 ?  238 LYS A O   1 
ATOM   973  C CB  . LYS A 1 126 ? 4.686   8.351   4.207   1.00 45.31 ?  238 LYS A CB  1 
ATOM   974  C CG  . LYS A 1 126 ? 3.698   8.714   3.101   1.00 51.70 ?  238 LYS A CG  1 
ATOM   975  C CD  . LYS A 1 126 ? 4.235   9.746   2.125   1.00 53.40 ?  238 LYS A CD  1 
ATOM   976  C CE  . LYS A 1 126 ? 3.246   10.842  1.783   1.00 57.35 ?  238 LYS A CE  1 
ATOM   977  N NZ  . LYS A 1 126 ? 3.272   11.947  2.777   1.00 49.85 ?  238 LYS A NZ  1 
ATOM   978  N N   . ILE A 1 127 ? 2.230   6.099   4.620   1.00 34.12 ?  239 ILE A N   1 
ATOM   979  C CA  . ILE A 1 127 ? 1.677   4.882   4.057   1.00 30.20 ?  239 ILE A CA  1 
ATOM   980  C C   . ILE A 1 127 ? 1.042   5.181   2.707   1.00 28.26 ?  239 ILE A C   1 
ATOM   981  O O   . ILE A 1 127 ? 0.609   6.304   2.456   1.00 26.70 ?  239 ILE A O   1 
ATOM   982  C CB  . ILE A 1 127 ? 0.692   4.162   4.997   1.00 33.14 ?  239 ILE A CB  1 
ATOM   983  C CG1 . ILE A 1 127 ? -0.590  4.965   5.224   1.00 29.22 ?  239 ILE A CG1 1 
ATOM   984  C CG2 . ILE A 1 127 ? 1.365   3.726   6.298   1.00 33.98 ?  239 ILE A CG2 1 
ATOM   985  C CD1 . ILE A 1 127 ? -1.759  4.031   5.514   1.00 28.98 ?  239 ILE A CD1 1 
ATOM   986  N N   . ASN A 1 128 ? 0.925   4.126   1.901   1.00 26.79 ?  240 ASN A N   1 
ATOM   987  C CA  . ASN A 1 128 ? 0.435   4.245   0.543   1.00 27.71 ?  240 ASN A CA  1 
ATOM   988  C C   . ASN A 1 128 ? -0.785  3.378   0.274   1.00 23.74 ?  240 ASN A C   1 
ATOM   989  O O   . ASN A 1 128 ? -1.477  3.634   -0.712  1.00 22.48 ?  240 ASN A O   1 
ATOM   990  C CB  . ASN A 1 128 ? 1.489   3.692   -0.413  1.00 30.40 ?  240 ASN A CB  1 
ATOM   991  C CG  . ASN A 1 128 ? 2.613   4.688   -0.486  1.00 36.86 ?  240 ASN A CG  1 
ATOM   992  O OD1 . ASN A 1 128 ? 3.764   4.348   -0.227  1.00 45.40 ?  240 ASN A OD1 1 
ATOM   993  N ND2 . ASN A 1 128 ? 2.251   5.932   -0.750  1.00 32.39 ?  240 ASN A ND2 1 
ATOM   994  N N   . THR A 1 129 ? -1.013  2.375   1.123   1.00 21.19 ?  241 THR A N   1 
ATOM   995  C CA  . THR A 1 129 ? -2.036  1.386   0.855   1.00 21.64 ?  241 THR A CA  1 
ATOM   996  C C   . THR A 1 129 ? -2.610  0.891   2.183   1.00 21.82 ?  241 THR A C   1 
ATOM   997  O O   . THR A 1 129 ? -1.931  0.906   3.213   1.00 24.07 ?  241 THR A O   1 
ATOM   998  C CB  . THR A 1 129 ? -1.455  0.232   0.026   1.00 21.49 ?  241 THR A CB  1 
ATOM   999  O OG1 . THR A 1 129 ? -2.533  -0.556  -0.499  1.00 18.93 ?  241 THR A OG1 1 
ATOM   1000 C CG2 . THR A 1 129 ? -0.493  -0.626  0.840   1.00 20.24 ?  241 THR A CG2 1 
ATOM   1001 N N   . TRP A 1 130 ? -3.857  0.441   2.142   1.00 20.72 ?  242 TRP A N   1 
ATOM   1002 C CA  . TRP A 1 130 ? -4.589  0.129   3.362   1.00 21.27 ?  242 TRP A CA  1 
ATOM   1003 C C   . TRP A 1 130 ? -3.937  -0.986  4.174   1.00 24.32 ?  242 TRP A C   1 
ATOM   1004 O O   . TRP A 1 130 ? -3.925  -0.935  5.401   1.00 23.19 ?  242 TRP A O   1 
ATOM   1005 C CB  . TRP A 1 130 ? -6.010  -0.279  3.010   1.00 21.04 ?  242 TRP A CB  1 
ATOM   1006 C CG  . TRP A 1 130 ? -6.892  -0.315  4.214   1.00 21.44 ?  242 TRP A CG  1 
ATOM   1007 C CD1 . TRP A 1 130 ? -7.314  -1.422  4.888   1.00 21.64 ?  242 TRP A CD1 1 
ATOM   1008 C CD2 . TRP A 1 130 ? -7.432  0.830   4.896   1.00 21.30 ?  242 TRP A CD2 1 
ATOM   1009 N NE1 . TRP A 1 130 ? -8.105  -1.037  5.940   1.00 22.00 ?  242 TRP A NE1 1 
ATOM   1010 C CE2 . TRP A 1 130 ? -8.184  0.333   5.974   1.00 21.56 ?  242 TRP A CE2 1 
ATOM   1011 C CE3 . TRP A 1 130 ? -7.328  2.216   4.705   1.00 25.01 ?  242 TRP A CE3 1 
ATOM   1012 C CZ2 . TRP A 1 130 ? -8.860  1.179   6.851   1.00 22.49 ?  242 TRP A CZ2 1 
ATOM   1013 C CZ3 . TRP A 1 130 ? -8.011  3.063   5.561   1.00 23.57 ?  242 TRP A CZ3 1 
ATOM   1014 C CH2 . TRP A 1 130 ? -8.773  2.538   6.615   1.00 22.73 ?  242 TRP A CH2 1 
ATOM   1015 N N   . TYR A 1 131 ? -3.437  -2.019  3.490   1.00 24.49 ?  243 TYR A N   1 
ATOM   1016 C CA  . TYR A 1 131 ? -2.926  -3.175  4.197   1.00 26.11 ?  243 TYR A CA  1 
ATOM   1017 C C   . TYR A 1 131 ? -1.837  -2.764  5.168   1.00 27.04 ?  243 TYR A C   1 
ATOM   1018 O O   . TYR A 1 131 ? -1.668  -3.427  6.198   1.00 25.77 ?  243 TYR A O   1 
ATOM   1019 C CB  . TYR A 1 131 ? -2.406  -4.254  3.240   1.00 30.61 ?  243 TYR A CB  1 
ATOM   1020 C CG  . TYR A 1 131 ? -2.343  -5.608  3.894   1.00 30.65 ?  243 TYR A CG  1 
ATOM   1021 C CD1 . TYR A 1 131 ? -3.453  -6.142  4.543   1.00 30.84 ?  243 TYR A CD1 1 
ATOM   1022 C CD2 . TYR A 1 131 ? -1.158  -6.323  3.914   1.00 31.80 ?  243 TYR A CD2 1 
ATOM   1023 C CE1 . TYR A 1 131 ? -3.387  -7.367  5.200   1.00 33.31 ?  243 TYR A CE1 1 
ATOM   1024 C CE2 . TYR A 1 131 ? -1.088  -7.561  4.524   1.00 33.62 ?  243 TYR A CE2 1 
ATOM   1025 C CZ  . TYR A 1 131 ? -2.205  -8.087  5.164   1.00 33.21 ?  243 TYR A CZ  1 
ATOM   1026 O OH  . TYR A 1 131 ? -2.118  -9.307  5.771   1.00 37.71 ?  243 TYR A OH  1 
ATOM   1027 N N   . GLU A 1 132 ? -1.120  -1.669  4.842   1.00 24.50 ?  244 GLU A N   1 
ATOM   1028 C CA  . GLU A 1 132 ? -0.024  -1.225  5.691   1.00 22.28 ?  244 GLU A CA  1 
ATOM   1029 C C   . GLU A 1 132 ? -0.583  -0.762  7.036   1.00 26.44 ?  244 GLU A C   1 
ATOM   1030 O O   . GLU A 1 132 ? 0.083   -0.887  8.069   1.00 26.22 ?  244 GLU A O   1 
ATOM   1031 C CB  . GLU A 1 132 ? 0.690   0.001   5.130   1.00 25.10 ?  244 GLU A CB  1 
ATOM   1032 C CG  . GLU A 1 132 ? 1.656   -0.277  3.985   1.00 26.89 ?  244 GLU A CG  1 
ATOM   1033 C CD  . GLU A 1 132 ? 2.195   0.997   3.342   1.00 26.13 ?  244 GLU A CD  1 
ATOM   1034 O OE1 . GLU A 1 132 ? 1.507   1.566   2.485   1.00 27.81 ?  244 GLU A OE1 1 
ATOM   1035 O OE2 . GLU A 1 132 ? 3.326   1.421   3.672   1.00 30.22 -1 244 GLU A OE2 1 
ATOM   1036 N N   . LEU A 1 133 ? -1.743  -0.098  6.995   1.00 25.22 ?  245 LEU A N   1 
ATOM   1037 C CA  . LEU A 1 133 ? -2.362  0.340   8.238   1.00 23.06 ?  245 LEU A CA  1 
ATOM   1038 C C   . LEU A 1 133 ? -2.756  -0.913  9.035   1.00 22.37 ?  245 LEU A C   1 
ATOM   1039 O O   . LEU A 1 133 ? -2.511  -0.977  10.237  1.00 27.13 ?  245 LEU A O   1 
ATOM   1040 C CB  . LEU A 1 133 ? -3.602  1.166   7.901   1.00 22.62 ?  245 LEU A CB  1 
ATOM   1041 C CG  . LEU A 1 133 ? -4.481  1.505   9.110   1.00 23.07 ?  245 LEU A CG  1 
ATOM   1042 C CD1 . LEU A 1 133 ? -3.706  2.354   10.093  1.00 20.76 ?  245 LEU A CD1 1 
ATOM   1043 C CD2 . LEU A 1 133 ? -5.774  2.201   8.682   1.00 21.26 ?  245 LEU A CD2 1 
ATOM   1044 N N   . VAL A 1 134 ? -3.368  -1.890  8.354   1.00 22.34 ?  246 VAL A N   1 
ATOM   1045 C CA  . VAL A 1 134 ? -3.830  -3.144  8.952   1.00 25.83 ?  246 VAL A CA  1 
ATOM   1046 C C   . VAL A 1 134 ? -2.683  -3.807  9.709   1.00 28.65 ?  246 VAL A C   1 
ATOM   1047 O O   . VAL A 1 134 ? -2.862  -4.223  10.850  1.00 26.32 ?  246 VAL A O   1 
ATOM   1048 C CB  . VAL A 1 134 ? -4.427  -4.130  7.923   1.00 23.86 ?  246 VAL A CB  1 
ATOM   1049 C CG1 . VAL A 1 134 ? -4.841  -5.433  8.616   1.00 22.65 ?  246 VAL A CG1 1 
ATOM   1050 C CG2 . VAL A 1 134 ? -5.625  -3.535  7.209   1.00 25.84 ?  246 VAL A CG2 1 
ATOM   1051 N N   . GLU A 1 135 ? -1.508  -3.907  9.055   1.00 27.62 ?  247 GLU A N   1 
ATOM   1052 C CA  . GLU A 1 135 ? -0.366  -4.667  9.559   1.00 30.09 ?  247 GLU A CA  1 
ATOM   1053 C C   . GLU A 1 135 ? 0.289   -3.939  10.731  1.00 28.22 ?  247 GLU A C   1 
ATOM   1054 O O   . GLU A 1 135 ? 0.623   -4.584  11.719  1.00 29.15 ?  247 GLU A O   1 
ATOM   1055 C CB  . GLU A 1 135 ? 0.692   -4.919  8.474   1.00 36.86 ?  247 GLU A CB  1 
ATOM   1056 C CG  . GLU A 1 135 ? 0.283   -5.937  7.417   1.00 41.31 ?  247 GLU A CG  1 
ATOM   1057 C CD  . GLU A 1 135 ? 0.599   -7.404  7.682   1.00 53.47 ?  247 GLU A CD  1 
ATOM   1058 O OE1 . GLU A 1 135 ? 0.040   -7.981  8.679   1.00 55.28 ?  247 GLU A OE1 1 
ATOM   1059 O OE2 . GLU A 1 135 ? 1.372   -7.989  6.866   1.00 50.32 -1 247 GLU A OE2 1 
ATOM   1060 N N   . GLU A 1 136 ? 0.461   -2.620  10.611  1.00 28.07 ?  248 GLU A N   1 
ATOM   1061 C CA  . GLU A 1 136 ? 0.962   -1.798  11.704  1.00 29.94 ?  248 GLU A CA  1 
ATOM   1062 C C   . GLU A 1 136 ? 0.070   -1.882  12.940  1.00 30.03 ?  248 GLU A C   1 
ATOM   1063 O O   . GLU A 1 136 ? 0.565   -1.932  14.072  1.00 32.96 ?  248 GLU A O   1 
ATOM   1064 C CB  . GLU A 1 136 ? 1.069   -0.320  11.332  1.00 35.47 ?  248 GLU A CB  1 
ATOM   1065 C CG  . GLU A 1 136 ? 2.430   0.080   10.800  1.00 49.97 ?  248 GLU A CG  1 
ATOM   1066 C CD  . GLU A 1 136 ? 3.626   -0.247  11.681  1.00 50.63 ?  248 GLU A CD  1 
ATOM   1067 O OE1 . GLU A 1 136 ? 3.805   0.416   12.748  1.00 55.23 ?  248 GLU A OE1 1 
ATOM   1068 O OE2 . GLU A 1 136 ? 4.362   -1.172  11.300  1.00 60.69 -1 248 GLU A OE2 1 
ATOM   1069 N N   . VAL A 1 137 ? -1.246  -1.846  12.743  1.00 29.19 ?  249 VAL A N   1 
ATOM   1070 C CA  . VAL A 1 137 ? -2.156  -1.901  13.884  1.00 28.39 ?  249 VAL A CA  1 
ATOM   1071 C C   . VAL A 1 137 ? -2.082  -3.297  14.498  1.00 30.54 ?  249 VAL A C   1 
ATOM   1072 O O   . VAL A 1 137 ? -2.031  -3.427  15.711  1.00 33.28 ?  249 VAL A O   1 
ATOM   1073 C CB  . VAL A 1 137 ? -3.600  -1.460  13.547  1.00 24.71 ?  249 VAL A CB  1 
ATOM   1074 C CG1 . VAL A 1 137 ? -4.530  -1.714  14.732  1.00 27.17 ?  249 VAL A CG1 1 
ATOM   1075 C CG2 . VAL A 1 137 ? -3.646  0.039   13.260  1.00 24.39 ?  249 VAL A CG2 1 
ATOM   1076 N N   . ARG A 1 138 ? -2.059  -4.331  13.653  1.00 29.20 ?  250 ARG A N   1 
ATOM   1077 C CA  . ARG A 1 138 ? -1.960  -5.701  14.116  1.00 32.54 ?  250 ARG A CA  1 
ATOM   1078 C C   . ARG A 1 138 ? -0.725  -5.888  14.987  1.00 36.43 ?  250 ARG A C   1 
ATOM   1079 O O   . ARG A 1 138 ? -0.788  -6.633  15.952  1.00 38.16 ?  250 ARG A O   1 
ATOM   1080 C CB  . ARG A 1 138 ? -1.844  -6.686  12.959  1.00 33.31 ?  250 ARG A CB  1 
ATOM   1081 C CG  . ARG A 1 138 ? -3.172  -7.279  12.528  1.00 33.02 ?  250 ARG A CG  1 
ATOM   1082 C CD  . ARG A 1 138 ? -2.852  -8.011  11.254  1.00 39.50 ?  250 ARG A CD  1 
ATOM   1083 N NE  . ARG A 1 138 ? -4.054  -8.374  10.524  1.00 39.51 ?  250 ARG A NE  1 
ATOM   1084 C CZ  . ARG A 1 138 ? -4.016  -8.901  9.306   1.00 44.60 ?  250 ARG A CZ  1 
ATOM   1085 N NH1 . ARG A 1 138 ? -2.849  -9.063  8.686   1.00 38.24 ?  250 ARG A NH1 1 
ATOM   1086 N NH2 . ARG A 1 138 ? -5.147  -9.205  8.697   1.00 41.87 ?  250 ARG A NH2 1 
ATOM   1087 N N   . LYS A 1 139 ? 0.369   -5.209  14.645  1.00 33.62 ?  251 LYS A N   1 
ATOM   1088 C CA  . LYS A 1 139 ? 1.640   -5.380  15.325  1.00 35.06 ?  251 LYS A CA  1 
ATOM   1089 C C   . LYS A 1 139 ? 1.762   -4.467  16.540  1.00 37.74 ?  251 LYS A C   1 
ATOM   1090 O O   . LYS A 1 139 ? 2.797   -4.467  17.201  1.00 39.57 ?  251 LYS A O   1 
ATOM   1091 C CB  . LYS A 1 139 ? 2.767   -5.063  14.342  1.00 42.34 ?  251 LYS A CB  1 
ATOM   1092 C CG  . LYS A 1 139 ? 2.906   -6.131  13.266  1.00 47.25 ?  251 LYS A CG  1 
ATOM   1093 C CD  . LYS A 1 139 ? 3.871   -5.818  12.152  1.00 49.57 ?  251 LYS A CD  1 
ATOM   1094 C CE  . LYS A 1 139 ? 3.949   -6.996  11.203  1.00 51.13 ?  251 LYS A CE  1 
ATOM   1095 N NZ  . LYS A 1 139 ? 3.984   -6.572  9.782   1.00 59.69 ?  251 LYS A NZ  1 
ATOM   1096 N N   . SER A 1 140 ? 0.703   -3.720  16.868  1.00 34.06 ?  252 SER A N   1 
ATOM   1097 C CA  . SER A 1 140 ? 0.792   -2.686  17.892  1.00 34.11 ?  252 SER A CA  1 
ATOM   1098 C C   . SER A 1 140 ? 0.846   -3.311  19.291  1.00 33.69 ?  252 SER A C   1 
ATOM   1099 O O   . SER A 1 140 ? 1.325   -2.674  20.225  1.00 28.92 ?  252 SER A O   1 
ATOM   1100 C CB  . SER A 1 140 ? -0.400  -1.761  17.795  1.00 34.88 ?  252 SER A CB  1 
ATOM   1101 O OG  . SER A 1 140 ? -1.589  -2.448  18.191  1.00 32.38 ?  252 SER A OG  1 
ATOM   1102 N N   . GLN A 1 141 ? 0.267   -4.517  19.426  1.00 35.60 ?  253 GLN A N   1 
ATOM   1103 C CA  . GLN A 1 141 ? 0.158   -5.243  20.682  1.00 36.50 ?  253 GLN A CA  1 
ATOM   1104 C C   . GLN A 1 141 ? -0.763  -4.476  21.642  1.00 33.13 ?  253 GLN A C   1 
ATOM   1105 O O   . GLN A 1 141 ? -0.675  -4.625  22.858  1.00 32.30 ?  253 GLN A O   1 
ATOM   1106 C CB  . GLN A 1 141 ? 1.535   -5.458  21.332  1.00 45.41 ?  253 GLN A CB  1 
ATOM   1107 C CG  . GLN A 1 141 ? 2.532   -6.280  20.521  1.00 51.45 ?  253 GLN A CG  1 
ATOM   1108 C CD  . GLN A 1 141 ? 3.928   -6.245  21.109  1.00 57.49 ?  253 GLN A CD  1 
ATOM   1109 O OE1 . GLN A 1 141 ? 4.353   -5.271  21.736  1.00 58.95 ?  253 GLN A OE1 1 
ATOM   1110 N NE2 . GLN A 1 141 ? 4.672   -7.316  20.904  1.00 55.78 ?  253 GLN A NE2 1 
ATOM   1111 N N   . GLY A 1 142 ? -1.640  -3.629  21.103  1.00 29.24 ?  254 GLY A N   1 
ATOM   1112 C CA  . GLY A 1 142 ? -2.544  -2.870  21.952  1.00 32.13 ?  254 GLY A CA  1 
ATOM   1113 C C   . GLY A 1 142 ? -1.920  -1.614  22.551  1.00 36.35 ?  254 GLY A C   1 
ATOM   1114 O O   . GLY A 1 142 ? -2.522  -1.012  23.428  1.00 41.68 ?  254 GLY A O   1 
ATOM   1115 N N   . LYS A 1 143 ? -0.732  -1.224  22.084  1.00 32.54 ?  255 LYS A N   1 
ATOM   1116 C CA  . LYS A 1 143 ? -0.087  -0.006  22.547  1.00 35.26 ?  255 LYS A CA  1 
ATOM   1117 C C   . LYS A 1 143 ? -0.458  1.146   21.619  1.00 34.38 ?  255 LYS A C   1 
ATOM   1118 O O   . LYS A 1 143 ? -0.698  0.925   20.433  1.00 35.26 ?  255 LYS A O   1 
ATOM   1119 C CB  . LYS A 1 143 ? 1.431   -0.146  22.451  1.00 34.49 ?  255 LYS A CB  1 
ATOM   1120 C CG  . LYS A 1 143 ? 2.057   -1.163  23.401  1.00 43.19 ?  255 LYS A CG  1 
ATOM   1121 C CD  . LYS A 1 143 ? 3.530   -1.331  23.126  1.00 46.85 ?  255 LYS A CD  1 
ATOM   1122 C CE  . LYS A 1 143 ? 3.947   -0.724  21.796  1.00 54.13 ?  255 LYS A CE  1 
ATOM   1123 N NZ  . LYS A 1 143 ? 5.399   -0.415  21.749  1.00 55.01 ?  255 LYS A NZ  1 
ATOM   1124 N N   . ALA A 1 144 ? -0.464  2.362   22.174  1.00 33.12 ?  256 ALA A N   1 
ATOM   1125 C CA  . ALA A 1 144 ? -0.817  3.595   21.475  1.00 38.13 ?  256 ALA A CA  1 
ATOM   1126 C C   . ALA A 1 144 ? -0.100  3.702   20.129  1.00 35.21 ?  256 ALA A C   1 
ATOM   1127 O O   . ALA A 1 144 ? 1.090   3.432   20.017  1.00 36.86 ?  256 ALA A O   1 
ATOM   1128 C CB  . ALA A 1 144 ? -0.524  4.793   22.346  1.00 34.52 ?  256 ALA A CB  1 
ATOM   1129 N N   . ILE A 1 145 ? -0.842  4.125   19.103  1.00 33.09 ?  257 ILE A N   1 
ATOM   1130 C CA  . ILE A 1 145 ? -0.266  4.395   17.801  1.00 29.76 ?  257 ILE A CA  1 
ATOM   1131 C C   . ILE A 1 145 ? -0.646  5.830   17.441  1.00 32.50 ?  257 ILE A C   1 
ATOM   1132 O O   . ILE A 1 145 ? -1.559  6.387   18.051  1.00 30.40 ?  257 ILE A O   1 
ATOM   1133 C CB  . ILE A 1 145 ? -0.781  3.388   16.758  1.00 31.08 ?  257 ILE A CB  1 
ATOM   1134 C CG1 . ILE A 1 145 ? -2.289  3.537   16.545  1.00 28.80 ?  257 ILE A CG1 1 
ATOM   1135 C CG2 . ILE A 1 145 ? -0.404  1.951   17.119  1.00 29.15 ?  257 ILE A CG2 1 
ATOM   1136 C CD1 . ILE A 1 145 ? -2.727  3.350   15.121  1.00 30.94 ?  257 ILE A CD1 1 
ATOM   1137 N N   . LYS A 1 146 ? 0.077   6.422   16.478  1.00 30.81 ?  258 LYS A N   1 
ATOM   1138 C CA  . LYS A 1 146 ? -0.222  7.767   16.022  1.00 31.41 ?  258 LYS A CA  1 
ATOM   1139 C C   . LYS A 1 146 ? -0.544  7.714   14.536  1.00 29.95 ?  258 LYS A C   1 
ATOM   1140 O O   . LYS A 1 146 ? 0.083   6.970   13.791  1.00 30.30 ?  258 LYS A O   1 
ATOM   1141 C CB  . LYS A 1 146 ? 0.925   8.757   16.270  1.00 35.86 ?  258 LYS A CB  1 
ATOM   1142 C CG  . LYS A 1 146 ? 1.435   8.801   17.702  1.00 47.69 ?  258 LYS A CG  1 
ATOM   1143 C CD  . LYS A 1 146 ? 2.097   10.123  18.078  1.00 53.72 ?  258 LYS A CD  1 
ATOM   1144 C CE  . LYS A 1 146 ? 1.608   10.649  19.416  1.00 51.99 ?  258 LYS A CE  1 
ATOM   1145 N NZ  . LYS A 1 146 ? 2.385   11.827  19.862  1.00 60.33 ?  258 LYS A NZ  1 
ATOM   1146 N N   . LEU A 1 147 ? -1.564  8.485   14.141  1.00 30.67 ?  259 LEU A N   1 
ATOM   1147 C CA  . LEU A 1 147 ? -1.946  8.657   12.752  1.00 29.16 ?  259 LEU A CA  1 
ATOM   1148 C C   . LEU A 1 147 ? -1.869  10.145  12.405  1.00 27.53 ?  259 LEU A C   1 
ATOM   1149 O O   . LEU A 1 147 ? -2.188  11.014  13.205  1.00 28.66 ?  259 LEU A O   1 
ATOM   1150 C CB  . LEU A 1 147 ? -3.380  8.169   12.539  1.00 26.60 ?  259 LEU A CB  1 
ATOM   1151 C CG  . LEU A 1 147 ? -3.726  6.750   12.990  1.00 32.65 ?  259 LEU A CG  1 
ATOM   1152 C CD1 . LEU A 1 147 ? -5.205  6.456   12.733  1.00 29.16 ?  259 LEU A CD1 1 
ATOM   1153 C CD2 . LEU A 1 147 ? -2.865  5.720   12.267  1.00 30.54 ?  259 LEU A CD2 1 
ATOM   1154 N N   . LYS A 1 148 ? -1.460  10.408  11.179  1.00 26.10 ?  260 LYS A N   1 
ATOM   1155 C CA  . LYS A 1 148 ? -1.664  11.700  10.567  1.00 28.35 ?  260 LYS A CA  1 
ATOM   1156 C C   . LYS A 1 148 ? -2.730  11.555  9.486   1.00 25.85 ?  260 LYS A C   1 
ATOM   1157 O O   . LYS A 1 148 ? -2.652  10.650  8.645   1.00 26.89 ?  260 LYS A O   1 
ATOM   1158 C CB  . LYS A 1 148 ? -0.334  12.259  10.042  1.00 29.73 ?  260 LYS A CB  1 
ATOM   1159 C CG  . LYS A 1 148 ? -0.493  13.685  9.526   1.00 35.56 ?  260 LYS A CG  1 
ATOM   1160 C CD  . LYS A 1 148 ? 0.707   14.582  9.803   1.00 44.43 ?  260 LYS A CD  1 
ATOM   1161 C CE  . LYS A 1 148 ? 1.710   14.591  8.671   1.00 48.86 ?  260 LYS A CE  1 
ATOM   1162 N NZ  . LYS A 1 148 ? 2.842   15.509  8.967   1.00 50.31 ?  260 LYS A NZ  1 
ATOM   1163 N N   . ILE A 1 149 ? -3.748  12.427  9.546   1.00 25.91 ?  261 ILE A N   1 
ATOM   1164 C CA  . ILE A 1 149 ? -4.855  12.385  8.601   1.00 26.22 ?  261 ILE A CA  1 
ATOM   1165 C C   . ILE A 1 149 ? -4.952  13.721  7.876   1.00 28.03 ?  261 ILE A C   1 
ATOM   1166 O O   . ILE A 1 149 ? -4.591  14.765  8.407   1.00 25.47 ?  261 ILE A O   1 
ATOM   1167 C CB  . ILE A 1 149 ? -6.202  11.895  9.215   1.00 30.87 ?  261 ILE A CB  1 
ATOM   1168 C CG1 . ILE A 1 149 ? -6.888  12.939  10.106  1.00 34.42 ?  261 ILE A CG1 1 
ATOM   1169 C CG2 . ILE A 1 149 ? -6.020  10.581  9.988   1.00 28.88 ?  261 ILE A CG2 1 
ATOM   1170 C CD1 . ILE A 1 149 ? -7.914  13.800  9.406   1.00 39.73 ?  261 ILE A CD1 1 
ATOM   1171 N N   . LEU A 1 150 ? -5.403  13.653  6.627   1.00 21.30 ?  262 LEU A N   1 
ATOM   1172 C CA  . LEU A 1 150 ? -5.804  14.826  5.885   1.00 24.52 ?  262 LEU A CA  1 
ATOM   1173 C C   . LEU A 1 150 ? -7.324  14.778  5.741   1.00 25.10 ?  262 LEU A C   1 
ATOM   1174 O O   . LEU A 1 150 ? -7.852  13.737  5.357   1.00 25.04 ?  262 LEU A O   1 
ATOM   1175 C CB  . LEU A 1 150 ? -5.111  14.676  4.523   1.00 26.44 ?  262 LEU A CB  1 
ATOM   1176 C CG  . LEU A 1 150 ? -5.046  15.942  3.685   1.00 33.86 ?  262 LEU A CG  1 
ATOM   1177 C CD1 . LEU A 1 150 ? -3.977  16.862  4.265   1.00 38.35 ?  262 LEU A CD1 1 
ATOM   1178 C CD2 . LEU A 1 150 ? -4.711  15.607  2.234   1.00 35.52 ?  262 LEU A CD2 1 
ATOM   1179 N N   . ARG A 1 151 ? -8.026  15.894  5.995   1.00 22.68 ?  263 ARG A N   1 
ATOM   1180 C CA  . ARG A 1 151 ? -9.482  15.964  5.878   1.00 22.37 ?  263 ARG A CA  1 
ATOM   1181 C C   . ARG A 1 151 ? -9.901  17.171  5.036   1.00 22.97 ?  263 ARG A C   1 
ATOM   1182 O O   . ARG A 1 151 ? -9.486  18.298  5.318   1.00 24.48 ?  263 ARG A O   1 
ATOM   1183 C CB  . ARG A 1 151 ? -10.064 16.144  7.292   1.00 25.95 ?  263 ARG A CB  1 
ATOM   1184 C CG  . ARG A 1 151 ? -11.569 16.349  7.325   1.00 25.41 ?  263 ARG A CG  1 
ATOM   1185 C CD  . ARG A 1 151 ? -12.284 16.226  8.648   1.00 26.36 ?  263 ARG A CD  1 
ATOM   1186 N NE  . ARG A 1 151 ? -11.954 14.987  9.302   1.00 26.11 ?  263 ARG A NE  1 
ATOM   1187 C CZ  . ARG A 1 151 ? -12.080 14.786  10.593  1.00 29.70 ?  263 ARG A CZ  1 
ATOM   1188 N NH1 . ARG A 1 151 ? -12.558 15.744  11.390  1.00 27.36 ?  263 ARG A NH1 1 
ATOM   1189 N NH2 . ARG A 1 151 ? -11.706 13.625  11.079  1.00 26.96 ?  263 ARG A NH2 1 
ATOM   1190 N N   . GLY A 1 152 A -10.739 16.962  4.007   1.00 22.31 ?  263 GLY A N   1 
ATOM   1191 C CA  . GLY A 1 152 A -11.345 18.063  3.261   1.00 24.90 ?  263 GLY A CA  1 
ATOM   1192 C C   . GLY A 1 152 A -12.328 18.808  4.163   1.00 28.00 ?  263 GLY A C   1 
ATOM   1193 O O   . GLY A 1 152 A -12.945 18.185  5.017   1.00 32.88 ?  263 GLY A O   1 
ATOM   1194 N N   . VAL A 1 153 B -12.426 20.134  4.041   1.00 26.76 ?  263 VAL A N   1 
ATOM   1195 C CA  . VAL A 1 153 B -13.291 20.899  4.921   1.00 28.37 ?  263 VAL A CA  1 
ATOM   1196 C C   . VAL A 1 153 B -14.065 21.837  4.008   1.00 33.03 ?  263 VAL A C   1 
ATOM   1197 O O   . VAL A 1 153 B -13.444 22.578  3.236   1.00 28.91 ?  263 VAL A O   1 
ATOM   1198 C CB  . VAL A 1 153 B -12.488 21.705  5.971   1.00 32.12 ?  263 VAL A CB  1 
ATOM   1199 C CG1 . VAL A 1 153 B -13.288 22.825  6.608   1.00 36.58 ?  263 VAL A CG1 1 
ATOM   1200 C CG2 . VAL A 1 153 B -11.889 20.831  7.072   1.00 33.60 ?  263 VAL A CG2 1 
ATOM   1201 N N   . ALA A 1 154 C -15.399 21.789  4.127   1.00 34.75 ?  263 ALA A N   1 
ATOM   1202 C CA  . ALA A 1 154 C -16.303 22.634  3.353   1.00 37.39 ?  263 ALA A CA  1 
ATOM   1203 C C   . ALA A 1 154 C -16.133 24.073  3.820   1.00 37.89 ?  263 ALA A C   1 
ATOM   1204 O O   . ALA A 1 154 C -16.053 24.330  5.029   1.00 36.41 ?  263 ALA A O   1 
ATOM   1205 C CB  . ALA A 1 154 C -17.739 22.160  3.502   1.00 38.09 ?  263 ALA A CB  1 
ATOM   1206 N N   . MET A 1 155 D -16.017 24.997  2.849   1.00 36.40 ?  263 MET A N   1 
ATOM   1207 C CA  . MET A 1 155 D -15.943 26.423  3.129   1.00 35.75 ?  263 MET A CA  1 
ATOM   1208 C C   . MET A 1 155 D -17.094 27.121  2.394   1.00 43.28 ?  263 MET A C   1 
ATOM   1209 O O   . MET A 1 155 D -17.027 27.369  1.181   1.00 38.32 ?  263 MET A O   1 
ATOM   1210 C CB  . MET A 1 155 D -14.617 27.041  2.673   1.00 35.27 ?  263 MET A CB  1 
ATOM   1211 C CG  . MET A 1 155 D -13.379 26.377  3.256   1.00 42.60 ?  263 MET A CG  1 
ATOM   1212 S SD  . MET A 1 155 D -13.236 26.635  5.038   1.00 49.02 ?  263 MET A SD  1 
ATOM   1213 C CE  . MET A 1 155 D -13.335 28.425  5.148   1.00 43.26 ?  263 MET A CE  1 
ATOM   1214 N N   . PRO A 1 156 E -18.192 27.449  3.111   1.00 43.13 ?  263 PRO A N   1 
ATOM   1215 C CA  . PRO A 1 156 E -19.307 28.189  2.509   1.00 44.46 ?  263 PRO A CA  1 
ATOM   1216 C C   . PRO A 1 156 E -18.831 29.291  1.555   1.00 41.57 ?  263 PRO A C   1 
ATOM   1217 O O   . PRO A 1 156 E -18.094 30.186  1.959   1.00 40.24 ?  263 PRO A O   1 
ATOM   1218 C CB  . PRO A 1 156 E -20.030 28.687  3.772   1.00 44.13 ?  263 PRO A CB  1 
ATOM   1219 C CG  . PRO A 1 156 E -19.867 27.526  4.734   1.00 44.46 ?  263 PRO A CG  1 
ATOM   1220 C CD  . PRO A 1 156 E -18.426 27.104  4.528   1.00 39.54 ?  263 PRO A CD  1 
ATOM   1221 N N   . GLY A 1 157 F -19.184 29.124  0.271   1.00 40.20 ?  263 GLY A N   1 
ATOM   1222 C CA  . GLY A 1 157 F -19.000 30.107  -0.788  1.00 44.21 ?  263 GLY A CA  1 
ATOM   1223 C C   . GLY A 1 157 F -17.598 30.118  -1.396  1.00 49.51 ?  263 GLY A C   1 
ATOM   1224 O O   . GLY A 1 157 F -17.224 31.100  -2.041  1.00 50.06 ?  263 GLY A O   1 
ATOM   1225 N N   . ALA A 1 158 G -16.835 29.028  -1.196  1.00 45.42 ?  263 ALA A N   1 
ATOM   1226 C CA  . ALA A 1 158 G -15.452 28.919  -1.652  1.00 43.88 ?  263 ALA A CA  1 
ATOM   1227 C C   . ALA A 1 158 G -15.118 27.443  -1.840  1.00 45.49 ?  263 ALA A C   1 
ATOM   1228 O O   . ALA A 1 158 G -15.889 26.575  -1.428  1.00 43.46 ?  263 ALA A O   1 
ATOM   1229 C CB  . ALA A 1 158 G -14.517 29.548  -0.641  1.00 41.36 ?  263 ALA A CB  1 
ATOM   1230 N N   . GLU A 1 159 H -13.953 27.166  -2.432  1.00 45.27 ?  263 GLU A N   1 
ATOM   1231 C CA  . GLU A 1 159 H -13.493 25.797  -2.601  1.00 46.23 ?  263 GLU A CA  1 
ATOM   1232 C C   . GLU A 1 159 H -13.266 25.166  -1.226  1.00 41.59 ?  263 GLU A C   1 
ATOM   1233 O O   . GLU A 1 159 H -13.037 25.873  -0.237  1.00 40.81 ?  263 GLU A O   1 
ATOM   1234 C CB  . GLU A 1 159 H -12.200 25.776  -3.421  1.00 49.90 ?  263 GLU A CB  1 
ATOM   1235 C CG  . GLU A 1 159 H -12.407 26.195  -4.872  1.00 57.36 ?  263 GLU A CG  1 
ATOM   1236 C CD  . GLU A 1 159 H -11.253 25.938  -5.835  1.00 59.26 ?  263 GLU A CD  1 
ATOM   1237 O OE1 . GLU A 1 159 H -10.208 25.398  -5.392  1.00 66.06 ?  263 GLU A OE1 1 
ATOM   1238 O OE2 . GLU A 1 159 H -11.405 26.266  -7.033  1.00 57.67 -1 263 GLU A OE2 1 
ATOM   1239 N N   . ASP A 1 160 I -13.310 23.830  -1.194  1.00 37.94 ?  263 ASP A N   1 
ATOM   1240 C CA  . ASP A 1 160 I -12.973 23.043  -0.027  1.00 37.32 ?  263 ASP A CA  1 
ATOM   1241 C C   . ASP A 1 160 I -11.563 23.412  0.400   1.00 35.90 ?  263 ASP A C   1 
ATOM   1242 O O   . ASP A 1 160 I -10.709 23.630  -0.443  1.00 38.81 ?  263 ASP A O   1 
ATOM   1243 C CB  . ASP A 1 160 I -13.008 21.543  -0.332  1.00 42.06 ?  263 ASP A CB  1 
ATOM   1244 C CG  . ASP A 1 160 I -14.373 20.915  -0.083  1.00 49.60 ?  263 ASP A CG  1 
ATOM   1245 O OD1 . ASP A 1 160 I -15.356 21.690  0.069   1.00 42.57 ?  263 ASP A OD1 1 
ATOM   1246 O OD2 . ASP A 1 160 I -14.447 19.653  -0.029  1.00 51.70 -1 263 ASP A OD2 1 
ATOM   1247 N N   . ASP A 1 161 J -11.337 23.513  1.705   1.00 30.77 ?  263 ASP A N   1 
ATOM   1248 C CA  . ASP A 1 161 J -9.962  23.549  2.183   1.00 31.34 ?  263 ASP A CA  1 
ATOM   1249 C C   . ASP A 1 161 J -9.582  22.153  2.655   1.00 29.36 ?  263 ASP A C   1 
ATOM   1250 O O   . ASP A 1 161 J -10.434 21.254  2.655   1.00 27.48 ?  263 ASP A O   1 
ATOM   1251 C CB  . ASP A 1 161 J -9.786  24.620  3.262   1.00 31.22 ?  263 ASP A CB  1 
ATOM   1252 C CG  . ASP A 1 161 J -8.406  25.240  3.239   1.00 43.09 ?  263 ASP A CG  1 
ATOM   1253 O OD1 . ASP A 1 161 J -7.482  24.572  2.728   1.00 47.65 ?  263 ASP A OD1 1 
ATOM   1254 O OD2 . ASP A 1 161 J -8.257  26.378  3.740   1.00 39.69 -1 263 ASP A OD2 1 
ATOM   1255 N N   . VAL A 1 162 K -8.319  22.005  3.079   1.00 24.15 ?  263 VAL A N   1 
ATOM   1256 C CA  . VAL A 1 162 K -7.787  20.754  3.601   1.00 27.49 ?  263 VAL A CA  1 
ATOM   1257 C C   . VAL A 1 162 K -7.046  21.078  4.898   1.00 26.68 ?  263 VAL A C   1 
ATOM   1258 O O   . VAL A 1 162 K -6.373  22.088  4.953   1.00 25.59 ?  263 VAL A O   1 
ATOM   1259 C CB  . VAL A 1 162 K -6.820  20.125  2.582   1.00 30.30 ?  263 VAL A CB  1 
ATOM   1260 C CG1 . VAL A 1 162 K -6.194  18.875  3.155   1.00 31.05 ?  263 VAL A CG1 1 
ATOM   1261 C CG2 . VAL A 1 162 K -7.512  19.811  1.258   1.00 33.05 ?  263 VAL A CG2 1 
ATOM   1262 N N   . VAL A 1 163 L -7.180  20.233  5.925   1.00 21.31 ?  263 VAL A N   1 
ATOM   1263 C CA  . VAL A 1 163 L -6.468  20.369  7.188   1.00 23.16 ?  263 VAL A CA  1 
ATOM   1264 C C   . VAL A 1 163 L -5.767  19.044  7.451   1.00 24.30 ?  263 VAL A C   1 
ATOM   1265 O O   . VAL A 1 163 L -6.195  17.992  6.970   1.00 24.15 ?  263 VAL A O   1 
ATOM   1266 C CB  . VAL A 1 163 L -7.404  20.755  8.359   1.00 22.23 ?  263 VAL A CB  1 
ATOM   1267 C CG1 . VAL A 1 163 L -8.018  22.151  8.158   1.00 21.96 ?  263 VAL A CG1 1 
ATOM   1268 C CG2 . VAL A 1 163 L -8.520  19.709  8.559   1.00 20.75 ?  263 VAL A CG2 1 
ATOM   1269 N N   . MET A 1 164 ? -4.651  19.113  8.171   1.00 23.40 ?  267 MET A N   1 
ATOM   1270 C CA  . MET A 1 164 ? -3.894  17.961  8.638   1.00 25.14 ?  267 MET A CA  1 
ATOM   1271 C C   . MET A 1 164 ? -4.135  17.821  10.147  1.00 26.61 ?  267 MET A C   1 
ATOM   1272 O O   . MET A 1 164 ? -4.045  18.802  10.906  1.00 26.83 ?  267 MET A O   1 
ATOM   1273 C CB  . MET A 1 164 ? -2.402  18.186  8.346   1.00 31.88 ?  267 MET A CB  1 
ATOM   1274 C CG  . MET A 1 164 ? -1.448  17.111  8.865   1.00 40.76 ?  267 MET A CG  1 
ATOM   1275 S SD  . MET A 1 164 ? -1.096  17.229  10.687  1.00 64.08 ?  267 MET A SD  1 
ATOM   1276 C CE  . MET A 1 164 ? -0.450  18.894  10.857  1.00 48.50 ?  267 MET A CE  1 
ATOM   1277 N N   . ILE A 1 165 ? -4.463  16.603  10.587  1.00 23.19 ?  268 ILE A N   1 
ATOM   1278 C CA  . ILE A 1 165 ? -4.645  16.374  12.013  1.00 24.87 ?  268 ILE A CA  1 
ATOM   1279 C C   . ILE A 1 165 ? -3.841  15.157  12.419  1.00 24.91 ?  268 ILE A C   1 
ATOM   1280 O O   . ILE A 1 165 ? -3.845  14.128  11.741  1.00 22.38 ?  268 ILE A O   1 
ATOM   1281 C CB  . ILE A 1 165 ? -6.129  16.187  12.387  1.00 27.71 ?  268 ILE A CB  1 
ATOM   1282 C CG1 . ILE A 1 165 ? -7.016  17.270  11.769  1.00 27.96 ?  268 ILE A CG1 1 
ATOM   1283 C CG2 . ILE A 1 165 ? -6.295  16.136  13.905  1.00 26.77 ?  268 ILE A CG2 1 
ATOM   1284 C CD1 . ILE A 1 165 ? -8.502  17.103  12.054  1.00 32.57 ?  268 ILE A CD1 1 
ATOM   1285 N N   . GLU A 1 166 ? -3.181  15.276  13.565  1.00 23.33 ?  269 GLU A N   1 
ATOM   1286 C CA  . GLU A 1 166 ? -2.472  14.149  14.140  1.00 27.75 ?  269 GLU A CA  1 
ATOM   1287 C C   . GLU A 1 166 ? -3.257  13.591  15.314  1.00 27.33 ?  269 GLU A C   1 
ATOM   1288 O O   . GLU A 1 166 ? -3.755  14.340  16.138  1.00 29.74 ?  269 GLU A O   1 
ATOM   1289 C CB  . GLU A 1 166 ? -1.082  14.592  14.600  1.00 33.01 ?  269 GLU A CB  1 
ATOM   1290 C CG  . GLU A 1 166 ? -0.040  14.474  13.501  1.00 47.21 ?  269 GLU A CG  1 
ATOM   1291 C CD  . GLU A 1 166 ? 1.386   14.899  13.859  1.00 54.38 ?  269 GLU A CD  1 
ATOM   1292 O OE1 . GLU A 1 166 ? 1.545   15.957  14.506  1.00 51.93 ?  269 GLU A OE1 1 
ATOM   1293 O OE2 . GLU A 1 166 ? 2.336   14.164  13.490  1.00 60.57 -1 269 GLU A OE2 1 
ATOM   1294 N N   . LYS A 1 167 ? -3.336  12.267  15.408  1.00 24.26 ?  270 LYS A N   1 
ATOM   1295 C CA  . LYS A 1 167 ? -4.194  11.645  16.399  1.00 28.88 ?  270 LYS A CA  1 
ATOM   1296 C C   . LYS A 1 167 ? -3.477  10.445  17.016  1.00 26.64 ?  270 LYS A C   1 
ATOM   1297 O O   . LYS A 1 167 ? -2.737  9.733   16.352  1.00 28.71 ?  270 LYS A O   1 
ATOM   1298 C CB  . LYS A 1 167 ? -5.510  11.200  15.749  1.00 31.08 ?  270 LYS A CB  1 
ATOM   1299 C CG  . LYS A 1 167 ? -6.331  12.344  15.162  1.00 32.69 ?  270 LYS A CG  1 
ATOM   1300 C CD  . LYS A 1 167 ? -7.737  11.969  14.778  1.00 32.58 ?  270 LYS A CD  1 
ATOM   1301 C CE  . LYS A 1 167 ? -8.599  13.175  14.440  1.00 32.20 ?  270 LYS A CE  1 
ATOM   1302 N NZ  . LYS A 1 167 ? -9.041  13.901  15.655  1.00 33.23 ?  270 LYS A NZ  1 
ATOM   1303 N N   . GLU A 1 168 ? -3.710  10.231  18.307  1.00 27.71 ?  271 GLU A N   1 
ATOM   1304 C CA  . GLU A 1 168 ? -3.122  9.104   18.982  1.00 28.22 ?  271 GLU A CA  1 
ATOM   1305 C C   . GLU A 1 168 ? -4.284  8.252   19.469  1.00 28.37 ?  271 GLU A C   1 
ATOM   1306 O O   . GLU A 1 168 ? -5.277  8.769   19.975  1.00 29.09 ?  271 GLU A O   1 
ATOM   1307 C CB  . GLU A 1 168 ? -2.246  9.588   20.146  1.00 34.32 ?  271 GLU A CB  1 
ATOM   1308 C CG  . GLU A 1 168 ? -1.502  8.465   20.834  1.00 35.79 ?  271 GLU A CG  1 
ATOM   1309 C CD  . GLU A 1 168 ? -0.552  8.888   21.953  1.00 47.07 ?  271 GLU A CD  1 
ATOM   1310 O OE1 . GLU A 1 168 ? -0.999  9.594   22.887  1.00 48.24 ?  271 GLU A OE1 1 
ATOM   1311 O OE2 . GLU A 1 168 ? 0.639   8.494   21.892  1.00 60.32 -1 271 GLU A OE2 1 
ATOM   1312 N N   . LEU A 1 169 ? -4.196  6.946   19.248  1.00 24.38 ?  272 LEU A N   1 
ATOM   1313 C CA  A LEU A 1 169 ? -5.235  6.095   19.793  0.50 27.31 ?  272 LEU A CA  1 
ATOM   1314 C CA  B LEU A 1 169 ? -5.246  6.074   19.732  0.50 26.95 ?  272 LEU A CA  1 
ATOM   1315 C C   . LEU A 1 169 ? -4.659  4.735   20.157  1.00 26.20 ?  272 LEU A C   1 
ATOM   1316 O O   . LEU A 1 169 ? -3.541  4.409   19.788  1.00 28.76 ?  272 LEU A O   1 
ATOM   1317 C CB  A LEU A 1 169 ? -6.422  6.010   18.827  0.50 29.23 ?  272 LEU A CB  1 
ATOM   1318 C CB  B LEU A 1 169 ? -6.361  5.947   18.687  0.50 28.06 ?  272 LEU A CB  1 
ATOM   1319 C CG  A LEU A 1 169 ? -6.091  5.623   17.390  0.50 28.53 ?  272 LEU A CG  1 
ATOM   1320 C CG  B LEU A 1 169 ? -5.987  5.485   17.278  0.50 26.77 ?  272 LEU A CG  1 
ATOM   1321 C CD1 A LEU A 1 169 ? -5.189  4.410   17.372  0.50 28.30 ?  272 LEU A CD1 1 
ATOM   1322 C CD1 B LEU A 1 169 ? -7.256  5.111   16.513  0.50 24.86 ?  272 LEU A CD1 1 
ATOM   1323 C CD2 A LEU A 1 169 ? -7.361  5.376   16.576  0.50 26.74 ?  272 LEU A CD2 1 
ATOM   1324 C CD2 B LEU A 1 169 ? -5.241  6.581   16.517  0.50 26.63 ?  272 LEU A CD2 1 
ATOM   1325 N N   . ILE A 1 170 ? -5.433  4.010   20.966  1.00 25.58 ?  273 ILE A N   1 
ATOM   1326 C CA  . ILE A 1 170 ? -5.050  2.726   21.510  1.00 27.71 ?  273 ILE A CA  1 
ATOM   1327 C C   . ILE A 1 170 ? -5.847  1.696   20.720  1.00 26.09 ?  273 ILE A C   1 
ATOM   1328 O O   . ILE A 1 170 ? -7.074  1.690   20.815  1.00 29.25 ?  273 ILE A O   1 
ATOM   1329 C CB  . ILE A 1 170 ? -5.357  2.690   23.028  1.00 28.19 ?  273 ILE A CB  1 
ATOM   1330 C CG1 . ILE A 1 170 ? -4.476  3.675   23.810  1.00 34.99 ?  273 ILE A CG1 1 
ATOM   1331 C CG2 . ILE A 1 170 ? -5.235  1.274   23.577  1.00 31.60 ?  273 ILE A CG2 1 
ATOM   1332 C CD1 . ILE A 1 170 ? -4.720  3.694   25.316  1.00 34.66 ?  273 ILE A CD1 1 
ATOM   1333 N N   . PRO A 1 171 ? -5.208  0.818   19.911  1.00 23.56 ?  274 PRO A N   1 
ATOM   1334 C CA  . PRO A 1 171 ? -5.926  -0.283  19.251  1.00 24.10 ?  274 PRO A CA  1 
ATOM   1335 C C   . PRO A 1 171 ? -6.606  -1.214  20.260  1.00 26.89 ?  274 PRO A C   1 
ATOM   1336 O O   . PRO A 1 171 ? -6.107  -1.419  21.360  1.00 28.00 ?  274 PRO A O   1 
ATOM   1337 C CB  . PRO A 1 171 ? -4.812  -1.021  18.507  1.00 24.11 ?  274 PRO A CB  1 
ATOM   1338 C CG  . PRO A 1 171 ? -3.809  0.090   18.233  1.00 24.30 ?  274 PRO A CG  1 
ATOM   1339 C CD  . PRO A 1 171 ? -3.789  0.872   19.533  1.00 24.62 ?  274 PRO A CD  1 
ATOM   1340 N N   . ALA A 1 172 ? -7.776  -1.725  19.883  1.00 28.95 ?  275 ALA A N   1 
ATOM   1341 C CA  . ALA A 1 172 ? -8.500  -2.719  20.661  1.00 31.19 ?  275 ALA A CA  1 
ATOM   1342 C C   . ALA A 1 172 ? -8.433  -4.046  19.921  1.00 29.57 ?  275 ALA A C   1 
ATOM   1343 O O   . ALA A 1 172 ? -8.378  -4.068  18.693  1.00 28.95 ?  275 ALA A O   1 
ATOM   1344 C CB  . ALA A 1 172 ? -9.926  -2.251  20.772  1.00 34.45 ?  275 ALA A CB  1 
ATOM   1345 N N   . LYS A 1 173 ? -8.570  -5.146  20.660  1.00 28.79 ?  276 LYS A N   1 
ATOM   1346 C CA  . LYS A 1 173 ? -8.705  -6.425  19.989  1.00 29.07 ?  276 LYS A CA  1 
ATOM   1347 C C   . LYS A 1 173 ? -10.113 -6.580  19.426  1.00 27.61 ?  276 LYS A C   1 
ATOM   1348 O O   . LYS A 1 173 ? -11.085 -6.303  20.119  1.00 24.61 ?  276 LYS A O   1 
ATOM   1349 C CB  . LYS A 1 173 ? -8.275  -7.584  20.886  1.00 30.95 ?  276 LYS A CB  1 
ATOM   1350 C CG  . LYS A 1 173 ? -7.399  -8.553  20.127  1.00 33.36 ?  276 LYS A CG  1 
ATOM   1351 C CD  . LYS A 1 173 ? -6.900  -9.674  20.945  1.00 35.79 ?  276 LYS A CD  1 
ATOM   1352 C CE  . LYS A 1 173 ? -5.451  -9.964  20.645  1.00 33.34 ?  276 LYS A CE  1 
ATOM   1353 N NZ  . LYS A 1 173 ? -5.009  -11.062 21.528  1.00 36.75 ?  276 LYS A NZ  1 
ATOM   1354 N N   . ASP A 1 174 ? -10.207 -6.990  18.155  1.00 25.16 ?  277 ASP A N   1 
ATOM   1355 C CA  . ASP A 1 174 ? -11.476 -7.157  17.454  1.00 27.32 ?  277 ASP A CA  1 
ATOM   1356 C C   . ASP A 1 174 ? -11.999 -8.586  17.669  1.00 28.28 ?  277 ASP A C   1 
ATOM   1357 O O   . ASP A 1 174 ? -11.385 -9.550  17.217  1.00 26.24 ?  277 ASP A O   1 
ATOM   1358 C CB  . ASP A 1 174 ? -11.318 -6.837  15.963  1.00 27.51 ?  277 ASP A CB  1 
ATOM   1359 C CG  . ASP A 1 174 ? -12.525 -7.216  15.105  1.00 34.23 ?  277 ASP A CG  1 
ATOM   1360 O OD1 . ASP A 1 174 ? -13.672 -7.332  15.644  1.00 31.74 ?  277 ASP A OD1 1 
ATOM   1361 O OD2 . ASP A 1 174 ? -12.312 -7.425  13.895  1.00 41.12 -1 277 ASP A OD2 1 
ATOM   1362 N N   . PRO A 1 175 ? -13.165 -8.771  18.340  1.00 29.56 ?  278 PRO A N   1 
ATOM   1363 C CA  . PRO A 1 175 ? -13.716 -10.101 18.591  1.00 31.93 ?  278 PRO A CA  1 
ATOM   1364 C C   . PRO A 1 175 ? -14.076 -10.849 17.309  1.00 34.03 ?  278 PRO A C   1 
ATOM   1365 O O   . PRO A 1 175 ? -14.312 -12.052 17.338  1.00 40.83 ?  278 PRO A O   1 
ATOM   1366 C CB  . PRO A 1 175 ? -15.001 -9.838  19.381  1.00 32.82 ?  278 PRO A CB  1 
ATOM   1367 C CG  . PRO A 1 175 ? -14.913 -8.424  19.848  1.00 36.73 ?  278 PRO A CG  1 
ATOM   1368 C CD  . PRO A 1 175 ? -14.010 -7.694  18.886  1.00 32.26 ?  278 PRO A CD  1 
ATOM   1369 N N   . LYS A 1 176 ? -14.125 -10.129 16.182  1.00 32.76 ?  279 LYS A N   1 
ATOM   1370 C CA  . LYS A 1 176 ? -14.342 -10.762 14.890  1.00 33.65 ?  279 LYS A CA  1 
ATOM   1371 C C   . LYS A 1 176 ? -13.095 -11.520 14.442  1.00 36.50 ?  279 LYS A C   1 
ATOM   1372 O O   . LYS A 1 176 ? -13.204 -12.658 14.015  1.00 45.15 ?  279 LYS A O   1 
ATOM   1373 C CB  . LYS A 1 176 ? -14.818 -9.766  13.832  1.00 33.73 ?  279 LYS A CB  1 
ATOM   1374 C CG  . LYS A 1 176 ? -16.292 -9.398  13.958  1.00 35.76 ?  279 LYS A CG  1 
ATOM   1375 C CD  . LYS A 1 176 ? -16.711 -8.200  13.139  1.00 39.18 ?  279 LYS A CD  1 
ATOM   1376 C CE  . LYS A 1 176 ? -18.001 -7.584  13.641  1.00 44.54 ?  279 LYS A CE  1 
ATOM   1377 N NZ  . LYS A 1 176 ? -19.198 -8.409  13.320  1.00 49.54 ?  279 LYS A NZ  1 
ATOM   1378 N N   . THR A 1 177 ? -11.913 -10.921 14.580  1.00 30.20 ?  280 THR A N   1 
ATOM   1379 C CA  . THR A 1 177 ? -10.726 -11.496 13.975  1.00 31.90 ?  280 THR A CA  1 
ATOM   1380 C C   . THR A 1 177 ? -9.735  -11.969 15.028  1.00 30.12 ?  280 THR A C   1 
ATOM   1381 O O   . THR A 1 177 ? -8.797  -12.698 14.708  1.00 28.55 ?  280 THR A O   1 
ATOM   1382 C CB  . THR A 1 177 ? -10.033 -10.496 13.046  1.00 29.56 ?  280 THR A CB  1 
ATOM   1383 O OG1 . THR A 1 177 ? -9.547  -9.411  13.831  1.00 32.75 ?  280 THR A OG1 1 
ATOM   1384 C CG2 . THR A 1 177 ? -10.947 -9.992  11.956  1.00 34.92 ?  280 THR A CG2 1 
ATOM   1385 N N   . GLY A 1 178 ? -9.894  -11.483 16.265  1.00 25.74 ?  281 GLY A N   1 
ATOM   1386 C CA  . GLY A 1 178 ? -8.890  -11.754 17.283  1.00 25.07 ?  281 GLY A CA  1 
ATOM   1387 C C   . GLY A 1 178 ? -7.568  -11.029 17.023  1.00 26.48 ?  281 GLY A C   1 
ATOM   1388 O O   . GLY A 1 178 ? -6.537  -11.436 17.548  1.00 26.73 ?  281 GLY A O   1 
ATOM   1389 N N   . THR A 1 179 ? -7.585  -9.935  16.238  1.00 25.57 ?  282 THR A N   1 
ATOM   1390 C CA  . THR A 1 179 ? -6.375  -9.148  16.048  1.00 26.92 ?  282 THR A CA  1 
ATOM   1391 C C   . THR A 1 179 ? -6.668  -7.718  16.495  1.00 24.67 ?  282 THR A C   1 
ATOM   1392 O O   . THR A 1 179 ? -7.833  -7.337  16.599  1.00 24.62 ?  282 THR A O   1 
ATOM   1393 C CB  . THR A 1 179 ? -5.944  -9.149  14.567  1.00 28.48 ?  282 THR A CB  1 
ATOM   1394 O OG1 . THR A 1 179 ? -7.045  -8.607  13.836  1.00 27.25 ?  282 THR A OG1 1 
ATOM   1395 C CG2 . THR A 1 179 ? -5.568  -10.525 14.051  1.00 30.37 ?  282 THR A CG2 1 
ATOM   1396 N N   . TYR A 1 180 ? -5.610  -6.932  16.735  1.00 25.33 ?  283 TYR A N   1 
ATOM   1397 C CA  . TYR A 1 180 ? -5.776  -5.526  17.065  1.00 25.27 ?  283 TYR A CA  1 
ATOM   1398 C C   . TYR A 1 180 ? -6.299  -4.774  15.853  1.00 25.58 ?  283 TYR A C   1 
ATOM   1399 O O   . TYR A 1 180 ? -5.903  -5.062  14.716  1.00 25.48 ?  283 TYR A O   1 
ATOM   1400 C CB  . TYR A 1 180 ? -4.476  -4.930  17.610  1.00 25.57 ?  283 TYR A CB  1 
ATOM   1401 C CG  . TYR A 1 180 ? -4.217  -5.426  19.008  1.00 28.15 ?  283 TYR A CG  1 
ATOM   1402 C CD1 . TYR A 1 180 ? -4.906  -4.869  20.074  1.00 27.56 ?  283 TYR A CD1 1 
ATOM   1403 C CD2 . TYR A 1 180 ? -3.378  -6.498  19.253  1.00 31.83 ?  283 TYR A CD2 1 
ATOM   1404 C CE1 . TYR A 1 180 ? -4.724  -5.327  21.360  1.00 29.36 ?  283 TYR A CE1 1 
ATOM   1405 C CE2 . TYR A 1 180 ? -3.183  -6.974  20.541  1.00 34.67 ?  283 TYR A CE2 1 
ATOM   1406 C CZ  . TYR A 1 180 ? -3.867  -6.384  21.589  1.00 30.13 ?  283 TYR A CZ  1 
ATOM   1407 O OH  . TYR A 1 180 ? -3.721  -6.815  22.869  1.00 34.18 ?  283 TYR A OH  1 
ATOM   1408 N N   . PHE A 1 181 ? -7.173  -3.801  16.128  1.00 23.64 ?  284 PHE A N   1 
ATOM   1409 C CA  . PHE A 1 181 ? -7.733  -2.963  15.088  1.00 27.19 ?  284 PHE A CA  1 
ATOM   1410 C C   . PHE A 1 181 ? -8.145  -1.629  15.700  1.00 24.37 ?  284 PHE A C   1 
ATOM   1411 O O   . PHE A 1 181 ? -8.158  -1.476  16.924  1.00 27.66 ?  284 PHE A O   1 
ATOM   1412 C CB  . PHE A 1 181 ? -8.867  -3.705  14.367  1.00 25.42 ?  284 PHE A CB  1 
ATOM   1413 C CG  . PHE A 1 181 ? -10.238 -3.494  14.936  1.00 26.89 ?  284 PHE A CG  1 
ATOM   1414 C CD1 . PHE A 1 181 ? -10.435 -3.408  16.313  1.00 30.38 ?  284 PHE A CD1 1 
ATOM   1415 C CD2 . PHE A 1 181 ? -11.348 -3.455  14.095  1.00 28.79 ?  284 PHE A CD2 1 
ATOM   1416 C CE1 . PHE A 1 181 ? -11.710 -3.249  16.845  1.00 34.55 ?  284 PHE A CE1 1 
ATOM   1417 C CE2 . PHE A 1 181 ? -12.611 -3.264  14.619  1.00 27.43 ?  284 PHE A CE2 1 
ATOM   1418 C CZ  . PHE A 1 181 ? -12.787 -3.147  15.987  1.00 34.35 ?  284 PHE A CZ  1 
ATOM   1419 N N   . ILE A 1 182 ? -8.509  -0.680  14.837  1.00 23.13 ?  285 ILE A N   1 
ATOM   1420 C CA  . ILE A 1 182 ? -8.933  0.629   15.324  1.00 22.10 ?  285 ILE A CA  1 
ATOM   1421 C C   . ILE A 1 182 ? -10.320 0.998   14.804  1.00 21.65 ?  285 ILE A C   1 
ATOM   1422 O O   . ILE A 1 182 ? -10.807 2.081   15.073  1.00 22.87 ?  285 ILE A O   1 
ATOM   1423 C CB  . ILE A 1 182 ? -7.864  1.682   15.021  1.00 21.59 ?  285 ILE A CB  1 
ATOM   1424 C CG1 . ILE A 1 182 ? -7.528  1.726   13.524  1.00 22.73 ?  285 ILE A CG1 1 
ATOM   1425 C CG2 . ILE A 1 182 ? -6.635  1.413   15.898  1.00 19.48 ?  285 ILE A CG2 1 
ATOM   1426 C CD1 . ILE A 1 182 ? -6.815  3.034   13.159  1.00 21.55 ?  285 ILE A CD1 1 
ATOM   1427 N N   . GLY A 1 183 ? -10.979 0.064   14.109  1.00 21.77 ?  286 GLY A N   1 
ATOM   1428 C CA  . GLY A 1 183 ? -12.364 0.286   13.749  1.00 21.35 ?  286 GLY A CA  1 
ATOM   1429 C C   . GLY A 1 183 ? -12.496 1.073   12.448  1.00 23.03 ?  286 GLY A C   1 
ATOM   1430 O O   . GLY A 1 183 ? -13.576 1.601   12.159  1.00 23.82 ?  286 GLY A O   1 
ATOM   1431 N N   . LEU A 1 184 ? -11.441 1.098   11.613  1.00 21.89 ?  287 LEU A N   1 
ATOM   1432 C CA  . LEU A 1 184 ? -11.567 1.777   10.324  1.00 20.28 ?  287 LEU A CA  1 
ATOM   1433 C C   . LEU A 1 184 ? -11.743 0.789   9.168   1.00 19.94 ?  287 LEU A C   1 
ATOM   1434 O O   . LEU A 1 184 ? -11.156 -0.290  9.156   1.00 18.88 ?  287 LEU A O   1 
ATOM   1435 C CB  . LEU A 1 184 ? -10.314 2.619   10.067  1.00 22.15 ?  287 LEU A CB  1 
ATOM   1436 C CG  . LEU A 1 184 ? -10.157 3.882   10.915  1.00 23.11 ?  287 LEU A CG  1 
ATOM   1437 C CD1 . LEU A 1 184 ? -8.909  4.628   10.496  1.00 22.89 ?  287 LEU A CD1 1 
ATOM   1438 C CD2 . LEU A 1 184 ? -11.373 4.801   10.798  1.00 23.11 ?  287 LEU A CD2 1 
ATOM   1439 N N   . PHE A 1 185 ? -12.491 1.209   8.154   1.00 20.50 ?  288 PHE A N   1 
ATOM   1440 C CA  . PHE A 1 185 ? -12.683 0.426   6.932   1.00 23.11 ?  288 PHE A CA  1 
ATOM   1441 C C   . PHE A 1 185 ? -12.414 1.316   5.737   1.00 21.79 ?  288 PHE A C   1 
ATOM   1442 O O   . PHE A 1 185 ? -12.788 2.483   5.773   1.00 22.63 ?  288 PHE A O   1 
ATOM   1443 C CB  . PHE A 1 185 ? -14.097 -0.165  6.907   1.00 25.28 ?  288 PHE A CB  1 
ATOM   1444 C CG  . PHE A 1 185 ? -14.353 -0.955  8.179   1.00 27.14 ?  288 PHE A CG  1 
ATOM   1445 C CD1 . PHE A 1 185 ? -14.019 -2.301  8.252   1.00 31.60 ?  288 PHE A CD1 1 
ATOM   1446 C CD2 . PHE A 1 185 ? -14.860 -0.344  9.317   1.00 30.07 ?  288 PHE A CD2 1 
ATOM   1447 C CE1 . PHE A 1 185 ? -14.227 -3.027  9.420   1.00 29.89 ?  288 PHE A CE1 1 
ATOM   1448 C CE2 . PHE A 1 185 ? -15.038 -1.068  10.494  1.00 28.94 ?  288 PHE A CE2 1 
ATOM   1449 C CZ  . PHE A 1 185 ? -14.722 -2.406  10.548  1.00 30.05 ?  288 PHE A CZ  1 
ATOM   1450 N N   . PRO A 1 186 ? -11.765 0.811   4.657   1.00 22.32 ?  289 PRO A N   1 
ATOM   1451 C CA  . PRO A 1 186 ? -11.384 1.683   3.550   1.00 22.76 ?  289 PRO A CA  1 
ATOM   1452 C C   . PRO A 1 186 ? -12.543 1.891   2.580   1.00 25.39 ?  289 PRO A C   1 
ATOM   1453 O O   . PRO A 1 186 ? -13.493 1.099   2.571   1.00 25.27 ?  289 PRO A O   1 
ATOM   1454 C CB  . PRO A 1 186 ? -10.219 0.894   2.922   1.00 23.22 ?  289 PRO A CB  1 
ATOM   1455 C CG  . PRO A 1 186 ? -10.613 -0.547  3.122   1.00 21.36 ?  289 PRO A CG  1 
ATOM   1456 C CD  . PRO A 1 186 ? -11.300 -0.575  4.477   1.00 22.79 ?  289 PRO A CD  1 
ATOM   1457 N N   . LYS A 1 187 ? -12.483 2.983   1.797   1.00 24.17 ?  290 LYS A N   1 
ATOM   1458 C CA  . LYS A 1 187 ? -13.353 3.130   0.645   1.00 32.32 ?  290 LYS A CA  1 
ATOM   1459 C C   . LYS A 1 187 ? -12.839 2.145   -0.393  1.00 32.76 ?  290 LYS A C   1 
ATOM   1460 O O   . LYS A 1 187 ? -11.638 2.068   -0.644  1.00 30.95 ?  290 LYS A O   1 
ATOM   1461 C CB  . LYS A 1 187 ? -13.210 4.510   -0.009  1.00 38.29 ?  290 LYS A CB  1 
ATOM   1462 C CG  . LYS A 1 187 ? -13.986 5.641   0.642   1.00 44.31 ?  290 LYS A CG  1 
ATOM   1463 C CD  . LYS A 1 187 ? -14.175 6.856   -0.279  1.00 47.97 ?  290 LYS A CD  1 
ATOM   1464 C CE  . LYS A 1 187 ? -14.730 8.046   0.488   1.00 56.62 ?  290 LYS A CE  1 
ATOM   1465 N NZ  . LYS A 1 187 ? -14.737 9.308   -0.297  1.00 56.34 ?  290 LYS A NZ  1 
ATOM   1466 N N   . THR A 1 188 ? -13.743 1.362   -0.960  1.00 39.35 ?  291 THR A N   1 
ATOM   1467 C CA  . THR A 1 188 ? -13.337 0.399   -1.963  1.00 47.62 ?  291 THR A CA  1 
ATOM   1468 C C   . THR A 1 188 ? -14.110 0.747   -3.230  1.00 55.81 ?  291 THR A C   1 
ATOM   1469 O O   . THR A 1 188 ? -13.846 0.174   -4.282  1.00 64.42 ?  291 THR A O   1 
ATOM   1470 C CB  . THR A 1 188 ? -13.542 -1.036  -1.451  1.00 50.51 ?  291 THR A CB  1 
ATOM   1471 O OG1 . THR A 1 188 ? -14.900 -1.102  -1.007  1.00 49.31 ?  291 THR A OG1 1 
ATOM   1472 C CG2 . THR A 1 188 ? -12.608 -1.427  -0.323  1.00 46.12 ?  291 THR A CG2 1 
ATOM   1473 N N   . GLU A 1 189 ? -14.959 1.781   -3.107  1.00 61.81 ?  292 GLU A N   1 
ATOM   1474 C CA  . GLU A 1 189 ? -16.067 2.127   -3.991  1.00 70.31 ?  292 GLU A CA  1 
ATOM   1475 C C   . GLU A 1 189 ? -17.087 0.982   -3.958  1.00 75.99 ?  292 GLU A C   1 
ATOM   1476 O O   . GLU A 1 189 ? -17.871 0.864   -3.005  1.00 74.27 ?  292 GLU A O   1 
ATOM   1477 C CB  . GLU A 1 189 ? -15.669 2.496   -5.428  1.00 67.77 ?  292 GLU A CB  1 
ATOM   1478 C CG  . GLU A 1 189 ? -14.520 3.477   -5.547  1.00 71.40 ?  292 GLU A CG  1 
ATOM   1479 C CD  . GLU A 1 189 ? -13.230 2.826   -6.016  1.00 72.24 ?  292 GLU A CD  1 
ATOM   1480 O OE1 . GLU A 1 189 ? -12.266 2.790   -5.226  1.00 73.43 ?  292 GLU A OE1 1 
ATOM   1481 O OE2 . GLU A 1 189 ? -13.187 2.359   -7.173  1.00 69.97 ?  292 GLU A OE2 1 
ATOM   1482 O OXT . GLU A 1 189 ? -17.137 0.155   -4.870  1.00 75.56 ?  292 GLU A OXT 1 
HETATM 1483 O O   . HOH B 2 .   ? 4.382   3.006   2.435   1.00 38.21 ?  301 HOH A O   1 
HETATM 1484 O O   . HOH B 2 .   ? -16.828 30.360  3.908   1.00 46.41 ?  302 HOH A O   1 
HETATM 1485 O O   . HOH B 2 .   ? 6.938   7.480   -9.485  1.00 34.46 ?  303 HOH A O   1 
HETATM 1486 O O   . HOH B 2 .   ? -11.596 27.618  0.473   1.00 51.34 ?  304 HOH A O   1 
HETATM 1487 O O   . HOH B 2 .   ? -15.530 -5.778  15.730  1.00 34.95 ?  305 HOH A O   1 
HETATM 1488 O O   . HOH B 2 .   ? 12.613  8.882   -1.925  1.00 39.73 ?  306 HOH A O   1 
HETATM 1489 O O   . HOH B 2 .   ? -16.487 24.545  0.501   1.00 34.98 ?  307 HOH A O   1 
HETATM 1490 O O   . HOH B 2 .   ? -3.414  -2.541  0.644   1.00 23.08 ?  308 HOH A O   1 
HETATM 1491 O O   . HOH B 2 .   ? 8.254   -12.068 -16.914 1.00 40.57 ?  309 HOH A O   1 
HETATM 1492 O O   . HOH B 2 .   ? -1.741  -17.374 1.790   1.00 40.07 ?  310 HOH A O   1 
HETATM 1493 O O   . HOH B 2 .   ? 4.280   -13.895 -16.944 1.00 48.71 ?  311 HOH A O   1 
HETATM 1494 O O   . HOH B 2 .   ? 20.101  -4.491  -6.906  1.00 46.53 ?  312 HOH A O   1 
HETATM 1495 O O   . HOH B 2 .   ? -0.778  -17.037 -15.626 1.00 44.38 ?  313 HOH A O   1 
HETATM 1496 O O   . HOH B 2 .   ? -1.102  0.260   -7.221  1.00 24.59 ?  314 HOH A O   1 
HETATM 1497 O O   . HOH B 2 .   ? -13.403 13.187  6.253   1.00 29.75 ?  315 HOH A O   1 
HETATM 1498 O O   . HOH B 2 .   ? 12.992  4.879   -12.970 1.00 25.78 ?  316 HOH A O   1 
HETATM 1499 O O   . HOH B 2 .   ? 8.573   -10.155 1.265   1.00 44.50 ?  317 HOH A O   1 
HETATM 1500 O O   . HOH B 2 .   ? -9.627  3.586   -1.110  1.00 35.47 ?  318 HOH A O   1 
HETATM 1501 O O   . HOH B 2 .   ? 5.548   -15.742 -8.107  1.00 26.76 ?  319 HOH A O   1 
HETATM 1502 O O   . HOH B 2 .   ? 11.885  -20.005 -16.539 1.00 49.14 ?  320 HOH A O   1 
HETATM 1503 O O   . HOH B 2 .   ? 14.826  -7.145  -22.027 1.00 27.75 ?  321 HOH A O   1 
HETATM 1504 O O   . HOH B 2 .   ? -1.055  6.690   -16.755 1.00 50.39 ?  322 HOH A O   1 
HETATM 1505 O O   . HOH B 2 .   ? -16.129 18.175  1.333   1.00 50.64 ?  323 HOH A O   1 
HETATM 1506 O O   . HOH B 2 .   ? -12.072 -4.923  22.122  1.00 27.39 ?  324 HOH A O   1 
HETATM 1507 O O   . HOH B 2 .   ? 6.693   -0.723  1.964   1.00 25.97 ?  325 HOH A O   1 
HETATM 1508 O O   . HOH B 2 .   ? -1.594  8.072   2.439   1.00 30.22 ?  326 HOH A O   1 
HETATM 1509 O O   . HOH B 2 .   ? 4.504   -0.283  5.309   1.00 42.47 ?  327 HOH A O   1 
HETATM 1510 O O   . HOH B 2 .   ? 4.462   -2.917  4.373   1.00 29.13 ?  328 HOH A O   1 
HETATM 1511 O O   . HOH B 2 .   ? 6.883   8.633   -4.801  1.00 31.07 ?  329 HOH A O   1 
HETATM 1512 O O   . HOH B 2 .   ? 9.366   0.820   -19.574 1.00 28.30 ?  330 HOH A O   1 
HETATM 1513 O O   . HOH B 2 .   ? 11.037  -18.335 -26.018 1.00 37.03 ?  331 HOH A O   1 
HETATM 1514 O O   . HOH B 2 .   ? -1.145  3.074   -7.824  1.00 25.13 ?  332 HOH A O   1 
HETATM 1515 O O   . HOH B 2 .   ? -9.709  -2.579  7.408   1.00 37.11 ?  333 HOH A O   1 
HETATM 1516 O O   . HOH B 2 .   ? -11.510 11.841  0.674   1.00 37.98 ?  334 HOH A O   1 
HETATM 1517 O O   . HOH B 2 .   ? -13.834 -6.268  12.016  1.00 33.05 ?  335 HOH A O   1 
HETATM 1518 O O   . HOH B 2 .   ? 1.626   3.102   -19.158 1.00 42.79 ?  336 HOH A O   1 
HETATM 1519 O O   . HOH B 2 .   ? -14.797 -0.939  3.744   1.00 43.32 ?  337 HOH A O   1 
HETATM 1520 O O   . HOH B 2 .   ? 9.433   -17.011 -21.548 1.00 37.60 ?  338 HOH A O   1 
HETATM 1521 O O   . HOH B 2 .   ? 19.954  -13.695 -17.078 1.00 44.60 ?  339 HOH A O   1 
HETATM 1522 O O   . HOH B 2 .   ? -1.862  6.026   -1.891  1.00 25.89 ?  340 HOH A O   1 
HETATM 1523 O O   . HOH B 2 .   ? -18.541 6.165   3.125   1.00 36.71 ?  341 HOH A O   1 
HETATM 1524 O O   . HOH B 2 .   ? -15.726 9.757   14.325  1.00 39.28 ?  342 HOH A O   1 
HETATM 1525 O O   . HOH B 2 .   ? 7.035   -6.519  -23.855 1.00 35.77 ?  343 HOH A O   1 
HETATM 1526 O O   . HOH B 2 .   ? -6.985  -14.523 15.629  1.00 38.41 ?  344 HOH A O   1 
HETATM 1527 O O   . HOH B 2 .   ? 5.198   3.042   -10.602 1.00 29.56 ?  345 HOH A O   1 
HETATM 1528 O O   . HOH B 2 .   ? 4.644   -6.487  17.186  1.00 45.58 ?  346 HOH A O   1 
HETATM 1529 O O   . HOH B 2 .   ? 12.954  2.788   -19.747 1.00 42.39 ?  347 HOH A O   1 
HETATM 1530 O O   . HOH B 2 .   ? -8.883  1.231   22.831  1.00 32.08 ?  348 HOH A O   1 
HETATM 1531 O O   . HOH B 2 .   ? -2.596  -7.239  -18.616 1.00 48.08 ?  349 HOH A O   1 
HETATM 1532 O O   . HOH B 2 .   ? -20.222 -0.373  16.692  1.00 40.79 ?  350 HOH A O   1 
HETATM 1533 O O   . HOH B 2 .   ? 2.824   -17.283 -10.740 1.00 33.88 ?  351 HOH A O   1 
HETATM 1534 O O   . HOH B 2 .   ? 13.124  -5.954  1.264   1.00 38.39 ?  352 HOH A O   1 
HETATM 1535 O O   . HOH B 2 .   ? -7.934  2.465   -4.074  1.00 32.34 ?  353 HOH A O   1 
HETATM 1536 O O   . HOH B 2 .   ? 6.709   3.547   -1.032  1.00 30.51 ?  354 HOH A O   1 
HETATM 1537 O O   . HOH B 2 .   ? 6.237   5.104   -19.041 1.00 38.43 ?  355 HOH A O   1 
HETATM 1538 O O   . HOH B 2 .   ? 0.236   -7.235  18.495  1.00 37.22 ?  356 HOH A O   1 
HETATM 1539 O O   . HOH B 2 .   ? 7.805   -1.317  -20.175 1.00 34.03 ?  357 HOH A O   1 
HETATM 1540 O O   . HOH B 2 .   ? -14.618 17.550  10.740  1.00 25.13 ?  358 HOH A O   1 
HETATM 1541 O O   . HOH B 2 .   ? -15.200 33.049  -1.623  1.00 31.88 ?  359 HOH A O   1 
HETATM 1542 O O   . HOH B 2 .   ? -11.112 -2.344  11.118  1.00 31.42 ?  360 HOH A O   1 
HETATM 1543 O O   . HOH B 2 .   ? 1.955   -10.091 -9.992  1.00 29.99 ?  361 HOH A O   1 
HETATM 1544 O O   . HOH B 2 .   ? 4.304   -9.451  -17.170 1.00 45.18 ?  362 HOH A O   1 
HETATM 1545 O O   . HOH B 2 .   ? -5.414  -4.017  12.103  1.00 26.60 ?  363 HOH A O   1 
HETATM 1546 O O   . HOH B 2 .   ? 5.882   0.140   -21.276 1.00 36.43 ?  364 HOH A O   1 
HETATM 1547 O O   . HOH B 2 .   ? -18.883 5.269   9.166   1.00 26.35 ?  365 HOH A O   1 
HETATM 1548 O O   . HOH B 2 .   ? -12.441 14.645  4.015   1.00 40.00 ?  366 HOH A O   1 
HETATM 1549 O O   . HOH B 2 .   ? 2.079   9.402   12.280  1.00 44.76 ?  367 HOH A O   1 
HETATM 1550 O O   . HOH B 2 .   ? -17.221 -0.252  19.458  1.00 41.76 ?  368 HOH A O   1 
HETATM 1551 O O   . HOH B 2 .   ? -3.069  -8.397  16.263  1.00 28.04 ?  369 HOH A O   1 
HETATM 1552 O O   . HOH B 2 .   ? 0.821   -8.822  1.699   1.00 34.53 ?  370 HOH A O   1 
HETATM 1553 O O   . HOH B 2 .   ? -20.314 0.750   -1.436  1.00 49.61 ?  371 HOH A O   1 
HETATM 1554 O O   . HOH B 2 .   ? 3.286   -10.444 -12.506 1.00 46.38 ?  372 HOH A O   1 
HETATM 1555 O O   . HOH B 2 .   ? -1.228  -14.827 -0.069  1.00 25.20 ?  373 HOH A O   1 
HETATM 1556 O O   . HOH B 2 .   ? -4.608  -4.767  24.878  1.00 50.99 ?  374 HOH A O   1 
HETATM 1557 O O   . HOH B 2 .   ? -8.037  5.375   21.639  1.00 37.56 ?  375 HOH A O   1 
HETATM 1558 O O   . HOH B 2 .   ? 1.307   -15.625 -19.744 1.00 38.93 ?  376 HOH A O   1 
HETATM 1559 O O   . HOH B 2 .   ? 6.810   2.245   1.861   1.00 39.59 ?  377 HOH A O   1 
HETATM 1560 O O   . HOH B 2 .   ? -7.805  13.664  18.525  1.00 46.98 ?  378 HOH A O   1 
HETATM 1561 O O   . HOH B 2 .   ? 6.056   8.690   14.934  1.00 48.93 ?  379 HOH A O   1 
HETATM 1562 O O   . HOH B 2 .   ? 12.897  -1.851  4.654   1.00 45.74 ?  380 HOH A O   1 
HETATM 1563 O O   . HOH B 2 .   ? 21.119  -17.001 -8.964  1.00 56.40 ?  381 HOH A O   1 
HETATM 1564 O O   . HOH B 2 .   ? 3.638   -12.907 2.083   1.00 51.53 ?  382 HOH A O   1 
HETATM 1565 O O   . HOH B 2 .   ? -1.122  5.426   -22.034 1.00 46.18 ?  383 HOH A O   1 
HETATM 1566 O O   . HOH B 2 .   ? 17.430  8.189   0.297   1.00 46.33 ?  384 HOH A O   1 
HETATM 1567 O O   . HOH B 2 .   ? 4.356   -4.074  -25.702 1.00 51.53 ?  385 HOH A O   1 
HETATM 1568 O O   . HOH B 2 .   ? -13.005 0.147   21.579  1.00 42.15 ?  386 HOH A O   1 
HETATM 1569 O O   . HOH B 2 .   ? -17.384 1.082   4.469   1.00 57.40 ?  387 HOH A O   1 
HETATM 1570 O O   . HOH B 2 .   ? 2.957   -8.612  3.387   1.00 42.95 ?  388 HOH A O   1 
HETATM 1571 O O   . HOH B 2 .   ? -13.633 -7.896  10.243  1.00 35.35 ?  389 HOH A O   1 
HETATM 1572 O O   . HOH B 2 .   ? -2.693  10.291  -1.564  1.00 47.13 ?  390 HOH A O   1 
HETATM 1573 O O   . HOH B 2 .   ? -10.496 5.651   -2.824  1.00 38.15 ?  391 HOH A O   1 
HETATM 1574 O O   . HOH B 2 .   ? -15.205 -4.188  17.943  1.00 42.04 ?  392 HOH A O   1 
HETATM 1575 O O   . HOH B 2 .   ? 24.432  -10.219 -10.129 1.00 44.26 ?  393 HOH A O   1 
HETATM 1576 O O   . HOH B 2 .   ? -11.294 8.230   -2.542  1.00 43.42 ?  394 HOH A O   1 
HETATM 1577 O O   . HOH B 2 .   ? -16.106 -4.629  13.039  1.00 25.63 ?  395 HOH A O   1 
HETATM 1578 O O   . HOH B 2 .   ? 2.704   -3.853  5.687   1.00 35.62 ?  396 HOH A O   1 
HETATM 1579 O O   . HOH B 2 .   ? -2.352  8.119   -0.368  1.00 28.06 ?  397 HOH A O   1 
HETATM 1580 O O   . HOH B 2 .   ? 3.327   -8.073  -12.314 1.00 37.08 ?  398 HOH A O   1 
HETATM 1581 O O   . HOH B 2 .   ? -4.515  6.019   -6.006  1.00 42.92 ?  399 HOH A O   1 
# 
